data_2NX2
# 
_entry.id   2NX2 
# 
_audit_conform.dict_name       mmcif_pdbx.dic 
_audit_conform.dict_version    5.383 
_audit_conform.dict_location   http://mmcif.pdb.org/dictionaries/ascii/mmcif_pdbx.dic 
# 
loop_
_database_2.database_id 
_database_2.database_code 
_database_2.pdbx_database_accession 
_database_2.pdbx_DOI 
PDB   2NX2         pdb_00002nx2 10.2210/pdb2nx2/pdb 
RCSB  RCSB040408   ?            ?                   
WWPDB D_1000040408 ?            ?                   
# 
loop_
_pdbx_audit_revision_history.ordinal 
_pdbx_audit_revision_history.data_content_type 
_pdbx_audit_revision_history.major_revision 
_pdbx_audit_revision_history.minor_revision 
_pdbx_audit_revision_history.revision_date 
1 'Structure model' 1 0 2006-12-19 
2 'Structure model' 1 1 2008-05-01 
3 'Structure model' 1 2 2011-07-13 
4 'Structure model' 1 3 2017-10-18 
5 'Structure model' 1 4 2018-11-14 
6 'Structure model' 1 5 2021-02-03 
7 'Structure model' 1 6 2023-12-27 
# 
_pdbx_audit_revision_details.ordinal             1 
_pdbx_audit_revision_details.revision_ordinal    1 
_pdbx_audit_revision_details.data_content_type   'Structure model' 
_pdbx_audit_revision_details.provider            repository 
_pdbx_audit_revision_details.type                'Initial release' 
_pdbx_audit_revision_details.description         ? 
_pdbx_audit_revision_details.details             ? 
# 
loop_
_pdbx_audit_revision_group.ordinal 
_pdbx_audit_revision_group.revision_ordinal 
_pdbx_audit_revision_group.data_content_type 
_pdbx_audit_revision_group.group 
1 2 'Structure model' 'Version format compliance' 
2 3 'Structure model' 'Version format compliance' 
3 4 'Structure model' 'Refinement description'    
4 5 'Structure model' 'Data collection'           
5 5 'Structure model' 'Structure summary'         
6 6 'Structure model' 'Database references'       
7 6 'Structure model' 'Structure summary'         
8 7 'Structure model' 'Data collection'           
9 7 'Structure model' 'Database references'       
# 
loop_
_pdbx_audit_revision_category.ordinal 
_pdbx_audit_revision_category.revision_ordinal 
_pdbx_audit_revision_category.data_content_type 
_pdbx_audit_revision_category.category 
1 4 'Structure model' software           
2 5 'Structure model' audit_author       
3 6 'Structure model' audit_author       
4 6 'Structure model' citation_author    
5 6 'Structure model' struct_ref_seq_dif 
6 7 'Structure model' chem_comp_atom     
7 7 'Structure model' chem_comp_bond     
8 7 'Structure model' database_2         
# 
loop_
_pdbx_audit_revision_item.ordinal 
_pdbx_audit_revision_item.revision_ordinal 
_pdbx_audit_revision_item.data_content_type 
_pdbx_audit_revision_item.item 
1 5 'Structure model' '_audit_author.identifier_ORCID'      
2 6 'Structure model' '_audit_author.identifier_ORCID'      
3 6 'Structure model' '_citation_author.identifier_ORCID'   
4 6 'Structure model' '_struct_ref_seq_dif.details'         
5 7 'Structure model' '_database_2.pdbx_DOI'                
6 7 'Structure model' '_database_2.pdbx_database_accession' 
# 
_pdbx_database_status.entry_id                        2NX2 
_pdbx_database_status.deposit_site                    RCSB 
_pdbx_database_status.process_site                    RCSB 
_pdbx_database_status.recvd_initial_deposition_date   2006-11-16 
_pdbx_database_status.status_code                     REL 
_pdbx_database_status.status_code_sf                  REL 
_pdbx_database_status.status_code_mr                  ? 
_pdbx_database_status.SG_entry                        Y 
_pdbx_database_status.pdb_format_compatible           Y 
_pdbx_database_status.status_code_cs                  ? 
_pdbx_database_status.methods_development_category    ? 
_pdbx_database_status.status_code_nmr_data            ? 
# 
_pdbx_database_related.db_name        TargetDB 
_pdbx_database_related.db_id          NYSGXRC-10273a 
_pdbx_database_related.details        . 
_pdbx_database_related.content_type   unspecified 
# 
loop_
_audit_author.name 
_audit_author.pdbx_ordinal 
_audit_author.identifier_ORCID 
'Ramagopal, U.A.'                                                1  ?                   
'Alvarado, J.'                                                   2  ?                   
'Dickey, M.'                                                     3  ?                   
'Reyes, C.'                                                      4  ?                   
'Toro, R.'                                                       5  ?                   
'Bain, K.'                                                       6  ?                   
'Gheyi, T.'                                                      7  ?                   
'Sauder, J.M.'                                                   8  0000-0002-0254-4955 
'Burley, S.K.'                                                   9  0000-0002-2487-9713 
'Almo, S.C.'                                                     10 ?                   
'New York SGX Research Center for Structural Genomics (NYSGXRC)' 11 ?                   
# 
_citation.id                        primary 
_citation.title                     'Crystal structure of hypothetical protein ypsA from Bacillus subtilis.' 
_citation.journal_abbrev            'To be Published' 
_citation.journal_volume            ? 
_citation.page_first                ? 
_citation.page_last                 ? 
_citation.year                      ? 
_citation.journal_id_ASTM           ? 
_citation.country                   ? 
_citation.journal_id_ISSN           ? 
_citation.journal_id_CSD            0353 
_citation.book_publisher            ? 
_citation.pdbx_database_id_PubMed   ? 
_citation.pdbx_database_id_DOI      ? 
# 
loop_
_citation_author.citation_id 
_citation_author.name 
_citation_author.ordinal 
_citation_author.identifier_ORCID 
primary 'Ramagopal, U.A.'                                      1  ?                   
primary 'Alvarado, J.'                                         2  ?                   
primary 'Dickey, M.'                                           3  ?                   
primary 'Reyes, C.'                                            4  ?                   
primary 'Toro, R.'                                             5  ?                   
primary 'Bain, K.'                                             6  ?                   
primary 'Gheyi, T.'                                            7  ?                   
primary 'Sauder, J.M.'                                         8  ?                   
primary 'Burley, S.K.'                                         9  0000-0002-2487-9713 
primary 'Almo, S.C.'                                           10 ?                   
primary 'New York SGX Research Center for Structural Genomics' 11 ?                   
# 
loop_
_entity.id 
_entity.type 
_entity.src_method 
_entity.pdbx_description 
_entity.formula_weight 
_entity.pdbx_number_of_molecules 
_entity.pdbx_ec 
_entity.pdbx_mutation 
_entity.pdbx_fragment 
_entity.details 
1 polymer man 'Hypothetical protein ypsA' 21150.885 1   ? ? ? ? 
2 water   nat water                       18.015    143 ? ? ? ? 
# 
_entity_poly.entity_id                      1 
_entity_poly.type                           'polypeptide(L)' 
_entity_poly.nstd_linkage                   no 
_entity_poly.nstd_monomer                   no 
_entity_poly.pdbx_seq_one_letter_code       
;SLKVLAITGYKPFELGIFKQDDKALYYIKKAIKNRLIAFLDEGLEWILISGQLGVELWAAEAAYDLQEEYPDLKVAVITP
FYEQEKNWKEPNKEQYEAVLAQADYEASLTHRPYESPLQFKQKNQFFIDKSDGLLLLYDPEKEGSPKYMLGTAEKRREQD
GYPIYFITMDDLRVTVEEDSY
;
_entity_poly.pdbx_seq_one_letter_code_can   
;SLKVLAITGYKPFELGIFKQDDKALYYIKKAIKNRLIAFLDEGLEWILISGQLGVELWAAEAAYDLQEEYPDLKVAVITP
FYEQEKNWKEPNKEQYEAVLAQADYEASLTHRPYESPLQFKQKNQFFIDKSDGLLLLYDPEKEGSPKYMLGTAEKRREQD
GYPIYFITMDDLRVTVEEDSY
;
_entity_poly.pdbx_strand_id                 A 
_entity_poly.pdbx_target_identifier         NYSGXRC-10273a 
# 
_pdbx_entity_nonpoly.entity_id   2 
_pdbx_entity_nonpoly.name        water 
_pdbx_entity_nonpoly.comp_id     HOH 
# 
loop_
_entity_poly_seq.entity_id 
_entity_poly_seq.num 
_entity_poly_seq.mon_id 
_entity_poly_seq.hetero 
1 1   SER n 
1 2   LEU n 
1 3   LYS n 
1 4   VAL n 
1 5   LEU n 
1 6   ALA n 
1 7   ILE n 
1 8   THR n 
1 9   GLY n 
1 10  TYR n 
1 11  LYS n 
1 12  PRO n 
1 13  PHE n 
1 14  GLU n 
1 15  LEU n 
1 16  GLY n 
1 17  ILE n 
1 18  PHE n 
1 19  LYS n 
1 20  GLN n 
1 21  ASP n 
1 22  ASP n 
1 23  LYS n 
1 24  ALA n 
1 25  LEU n 
1 26  TYR n 
1 27  TYR n 
1 28  ILE n 
1 29  LYS n 
1 30  LYS n 
1 31  ALA n 
1 32  ILE n 
1 33  LYS n 
1 34  ASN n 
1 35  ARG n 
1 36  LEU n 
1 37  ILE n 
1 38  ALA n 
1 39  PHE n 
1 40  LEU n 
1 41  ASP n 
1 42  GLU n 
1 43  GLY n 
1 44  LEU n 
1 45  GLU n 
1 46  TRP n 
1 47  ILE n 
1 48  LEU n 
1 49  ILE n 
1 50  SER n 
1 51  GLY n 
1 52  GLN n 
1 53  LEU n 
1 54  GLY n 
1 55  VAL n 
1 56  GLU n 
1 57  LEU n 
1 58  TRP n 
1 59  ALA n 
1 60  ALA n 
1 61  GLU n 
1 62  ALA n 
1 63  ALA n 
1 64  TYR n 
1 65  ASP n 
1 66  LEU n 
1 67  GLN n 
1 68  GLU n 
1 69  GLU n 
1 70  TYR n 
1 71  PRO n 
1 72  ASP n 
1 73  LEU n 
1 74  LYS n 
1 75  VAL n 
1 76  ALA n 
1 77  VAL n 
1 78  ILE n 
1 79  THR n 
1 80  PRO n 
1 81  PHE n 
1 82  TYR n 
1 83  GLU n 
1 84  GLN n 
1 85  GLU n 
1 86  LYS n 
1 87  ASN n 
1 88  TRP n 
1 89  LYS n 
1 90  GLU n 
1 91  PRO n 
1 92  ASN n 
1 93  LYS n 
1 94  GLU n 
1 95  GLN n 
1 96  TYR n 
1 97  GLU n 
1 98  ALA n 
1 99  VAL n 
1 100 LEU n 
1 101 ALA n 
1 102 GLN n 
1 103 ALA n 
1 104 ASP n 
1 105 TYR n 
1 106 GLU n 
1 107 ALA n 
1 108 SER n 
1 109 LEU n 
1 110 THR n 
1 111 HIS n 
1 112 ARG n 
1 113 PRO n 
1 114 TYR n 
1 115 GLU n 
1 116 SER n 
1 117 PRO n 
1 118 LEU n 
1 119 GLN n 
1 120 PHE n 
1 121 LYS n 
1 122 GLN n 
1 123 LYS n 
1 124 ASN n 
1 125 GLN n 
1 126 PHE n 
1 127 PHE n 
1 128 ILE n 
1 129 ASP n 
1 130 LYS n 
1 131 SER n 
1 132 ASP n 
1 133 GLY n 
1 134 LEU n 
1 135 LEU n 
1 136 LEU n 
1 137 LEU n 
1 138 TYR n 
1 139 ASP n 
1 140 PRO n 
1 141 GLU n 
1 142 LYS n 
1 143 GLU n 
1 144 GLY n 
1 145 SER n 
1 146 PRO n 
1 147 LYS n 
1 148 TYR n 
1 149 MET n 
1 150 LEU n 
1 151 GLY n 
1 152 THR n 
1 153 ALA n 
1 154 GLU n 
1 155 LYS n 
1 156 ARG n 
1 157 ARG n 
1 158 GLU n 
1 159 GLN n 
1 160 ASP n 
1 161 GLY n 
1 162 TYR n 
1 163 PRO n 
1 164 ILE n 
1 165 TYR n 
1 166 PHE n 
1 167 ILE n 
1 168 THR n 
1 169 MET n 
1 170 ASP n 
1 171 ASP n 
1 172 LEU n 
1 173 ARG n 
1 174 VAL n 
1 175 THR n 
1 176 VAL n 
1 177 GLU n 
1 178 GLU n 
1 179 ASP n 
1 180 SER n 
1 181 TYR n 
# 
_entity_src_gen.entity_id                          1 
_entity_src_gen.pdbx_src_id                        1 
_entity_src_gen.pdbx_alt_source_flag               sample 
_entity_src_gen.pdbx_seq_type                      ? 
_entity_src_gen.pdbx_beg_seq_num                   ? 
_entity_src_gen.pdbx_end_seq_num                   ? 
_entity_src_gen.gene_src_common_name               ? 
_entity_src_gen.gene_src_genus                     Bacillus 
_entity_src_gen.pdbx_gene_src_gene                 ypsA 
_entity_src_gen.gene_src_species                   ? 
_entity_src_gen.gene_src_strain                    ? 
_entity_src_gen.gene_src_tissue                    ? 
_entity_src_gen.gene_src_tissue_fraction           ? 
_entity_src_gen.gene_src_details                   ? 
_entity_src_gen.pdbx_gene_src_fragment             ? 
_entity_src_gen.pdbx_gene_src_scientific_name      'Bacillus subtilis' 
_entity_src_gen.pdbx_gene_src_ncbi_taxonomy_id     1423 
_entity_src_gen.pdbx_gene_src_variant              ? 
_entity_src_gen.pdbx_gene_src_cell_line            ? 
_entity_src_gen.pdbx_gene_src_atcc                 ? 
_entity_src_gen.pdbx_gene_src_organ                ? 
_entity_src_gen.pdbx_gene_src_organelle            ? 
_entity_src_gen.pdbx_gene_src_cell                 ? 
_entity_src_gen.pdbx_gene_src_cellular_location    ? 
_entity_src_gen.host_org_common_name               ? 
_entity_src_gen.pdbx_host_org_scientific_name      'Escherichia coli BL21(DE3)' 
_entity_src_gen.pdbx_host_org_ncbi_taxonomy_id     469008 
_entity_src_gen.host_org_genus                     Escherichia 
_entity_src_gen.pdbx_host_org_gene                 ? 
_entity_src_gen.pdbx_host_org_organ                ? 
_entity_src_gen.host_org_species                   'Escherichia coli' 
_entity_src_gen.pdbx_host_org_tissue               ? 
_entity_src_gen.pdbx_host_org_tissue_fraction      ? 
_entity_src_gen.pdbx_host_org_strain               'BL21(DE3)' 
_entity_src_gen.pdbx_host_org_variant              ? 
_entity_src_gen.pdbx_host_org_cell_line            ? 
_entity_src_gen.pdbx_host_org_atcc                 ? 
_entity_src_gen.pdbx_host_org_culture_collection   ? 
_entity_src_gen.pdbx_host_org_cell                 ? 
_entity_src_gen.pdbx_host_org_organelle            ? 
_entity_src_gen.pdbx_host_org_cellular_location    ? 
_entity_src_gen.pdbx_host_org_vector_type          ? 
_entity_src_gen.pdbx_host_org_vector               ? 
_entity_src_gen.host_org_details                   ? 
_entity_src_gen.expression_system_id               ? 
_entity_src_gen.plasmid_name                       'BC-pSGX4(BC)' 
_entity_src_gen.plasmid_details                    ? 
_entity_src_gen.pdbx_description                   ? 
# 
loop_
_chem_comp.id 
_chem_comp.type 
_chem_comp.mon_nstd_flag 
_chem_comp.name 
_chem_comp.pdbx_synonyms 
_chem_comp.formula 
_chem_comp.formula_weight 
ALA 'L-peptide linking' y ALANINE         ? 'C3 H7 N O2'     89.093  
ARG 'L-peptide linking' y ARGININE        ? 'C6 H15 N4 O2 1' 175.209 
ASN 'L-peptide linking' y ASPARAGINE      ? 'C4 H8 N2 O3'    132.118 
ASP 'L-peptide linking' y 'ASPARTIC ACID' ? 'C4 H7 N O4'     133.103 
GLN 'L-peptide linking' y GLUTAMINE       ? 'C5 H10 N2 O3'   146.144 
GLU 'L-peptide linking' y 'GLUTAMIC ACID' ? 'C5 H9 N O4'     147.129 
GLY 'peptide linking'   y GLYCINE         ? 'C2 H5 N O2'     75.067  
HIS 'L-peptide linking' y HISTIDINE       ? 'C6 H10 N3 O2 1' 156.162 
HOH non-polymer         . WATER           ? 'H2 O'           18.015  
ILE 'L-peptide linking' y ISOLEUCINE      ? 'C6 H13 N O2'    131.173 
LEU 'L-peptide linking' y LEUCINE         ? 'C6 H13 N O2'    131.173 
LYS 'L-peptide linking' y LYSINE          ? 'C6 H15 N2 O2 1' 147.195 
MET 'L-peptide linking' y METHIONINE      ? 'C5 H11 N O2 S'  149.211 
PHE 'L-peptide linking' y PHENYLALANINE   ? 'C9 H11 N O2'    165.189 
PRO 'L-peptide linking' y PROLINE         ? 'C5 H9 N O2'     115.130 
SER 'L-peptide linking' y SERINE          ? 'C3 H7 N O3'     105.093 
THR 'L-peptide linking' y THREONINE       ? 'C4 H9 N O3'     119.119 
TRP 'L-peptide linking' y TRYPTOPHAN      ? 'C11 H12 N2 O2'  204.225 
TYR 'L-peptide linking' y TYROSINE        ? 'C9 H11 N O3'    181.189 
VAL 'L-peptide linking' y VALINE          ? 'C5 H11 N O2'    117.146 
# 
loop_
_pdbx_poly_seq_scheme.asym_id 
_pdbx_poly_seq_scheme.entity_id 
_pdbx_poly_seq_scheme.seq_id 
_pdbx_poly_seq_scheme.mon_id 
_pdbx_poly_seq_scheme.ndb_seq_num 
_pdbx_poly_seq_scheme.pdb_seq_num 
_pdbx_poly_seq_scheme.auth_seq_num 
_pdbx_poly_seq_scheme.pdb_mon_id 
_pdbx_poly_seq_scheme.auth_mon_id 
_pdbx_poly_seq_scheme.pdb_strand_id 
_pdbx_poly_seq_scheme.pdb_ins_code 
_pdbx_poly_seq_scheme.hetero 
A 1 1   SER 1   0   0   SER SER A . n 
A 1 2   LEU 2   1   1   LEU LEU A . n 
A 1 3   LYS 3   2   2   LYS LYS A . n 
A 1 4   VAL 4   3   3   VAL VAL A . n 
A 1 5   LEU 5   4   4   LEU LEU A . n 
A 1 6   ALA 6   5   5   ALA ALA A . n 
A 1 7   ILE 7   6   6   ILE ILE A . n 
A 1 8   THR 8   7   7   THR THR A . n 
A 1 9   GLY 9   8   8   GLY GLY A . n 
A 1 10  TYR 10  9   9   TYR TYR A . n 
A 1 11  LYS 11  10  10  LYS LYS A . n 
A 1 12  PRO 12  11  11  PRO PRO A . n 
A 1 13  PHE 13  12  12  PHE PHE A . n 
A 1 14  GLU 14  13  13  GLU GLU A . n 
A 1 15  LEU 15  14  14  LEU LEU A . n 
A 1 16  GLY 16  15  15  GLY GLY A . n 
A 1 17  ILE 17  16  16  ILE ILE A . n 
A 1 18  PHE 18  17  17  PHE PHE A . n 
A 1 19  LYS 19  18  18  LYS LYS A . n 
A 1 20  GLN 20  19  19  GLN GLN A . n 
A 1 21  ASP 21  20  20  ASP ASP A . n 
A 1 22  ASP 22  21  21  ASP ASP A . n 
A 1 23  LYS 23  22  22  LYS LYS A . n 
A 1 24  ALA 24  23  23  ALA ALA A . n 
A 1 25  LEU 25  24  24  LEU LEU A . n 
A 1 26  TYR 26  25  25  TYR TYR A . n 
A 1 27  TYR 27  26  26  TYR TYR A . n 
A 1 28  ILE 28  27  27  ILE ILE A . n 
A 1 29  LYS 29  28  28  LYS LYS A . n 
A 1 30  LYS 30  29  29  LYS LYS A . n 
A 1 31  ALA 31  30  30  ALA ALA A . n 
A 1 32  ILE 32  31  31  ILE ILE A . n 
A 1 33  LYS 33  32  32  LYS LYS A . n 
A 1 34  ASN 34  33  33  ASN ASN A . n 
A 1 35  ARG 35  34  34  ARG ARG A . n 
A 1 36  LEU 36  35  35  LEU LEU A . n 
A 1 37  ILE 37  36  36  ILE ILE A . n 
A 1 38  ALA 38  37  37  ALA ALA A . n 
A 1 39  PHE 39  38  38  PHE PHE A . n 
A 1 40  LEU 40  39  39  LEU LEU A . n 
A 1 41  ASP 41  40  40  ASP ASP A . n 
A 1 42  GLU 42  41  41  GLU GLU A . n 
A 1 43  GLY 43  42  42  GLY GLY A . n 
A 1 44  LEU 44  43  43  LEU LEU A . n 
A 1 45  GLU 45  44  44  GLU GLU A . n 
A 1 46  TRP 46  45  45  TRP TRP A . n 
A 1 47  ILE 47  46  46  ILE ILE A . n 
A 1 48  LEU 48  47  47  LEU LEU A . n 
A 1 49  ILE 49  48  48  ILE ILE A . n 
A 1 50  SER 50  49  49  SER SER A . n 
A 1 51  GLY 51  50  50  GLY GLY A . n 
A 1 52  GLN 52  51  51  GLN GLN A . n 
A 1 53  LEU 53  52  52  LEU LEU A . n 
A 1 54  GLY 54  53  53  GLY GLY A . n 
A 1 55  VAL 55  54  54  VAL VAL A . n 
A 1 56  GLU 56  55  55  GLU GLU A . n 
A 1 57  LEU 57  56  56  LEU LEU A . n 
A 1 58  TRP 58  57  57  TRP TRP A . n 
A 1 59  ALA 59  58  58  ALA ALA A . n 
A 1 60  ALA 60  59  59  ALA ALA A . n 
A 1 61  GLU 61  60  60  GLU GLU A . n 
A 1 62  ALA 62  61  61  ALA ALA A . n 
A 1 63  ALA 63  62  62  ALA ALA A . n 
A 1 64  TYR 64  63  63  TYR TYR A . n 
A 1 65  ASP 65  64  64  ASP ASP A . n 
A 1 66  LEU 66  65  65  LEU LEU A . n 
A 1 67  GLN 67  66  66  GLN GLN A . n 
A 1 68  GLU 68  67  67  GLU GLU A . n 
A 1 69  GLU 69  68  68  GLU GLU A . n 
A 1 70  TYR 70  69  69  TYR TYR A . n 
A 1 71  PRO 71  70  70  PRO PRO A . n 
A 1 72  ASP 72  71  71  ASP ASP A . n 
A 1 73  LEU 73  72  72  LEU LEU A . n 
A 1 74  LYS 74  73  73  LYS LYS A . n 
A 1 75  VAL 75  74  74  VAL VAL A . n 
A 1 76  ALA 76  75  75  ALA ALA A . n 
A 1 77  VAL 77  76  76  VAL VAL A . n 
A 1 78  ILE 78  77  77  ILE ILE A . n 
A 1 79  THR 79  78  78  THR THR A . n 
A 1 80  PRO 80  79  79  PRO PRO A . n 
A 1 81  PHE 81  80  80  PHE PHE A . n 
A 1 82  TYR 82  81  81  TYR TYR A . n 
A 1 83  GLU 83  82  82  GLU GLU A . n 
A 1 84  GLN 84  83  83  GLN GLN A . n 
A 1 85  GLU 85  84  84  GLU GLU A . n 
A 1 86  LYS 86  85  85  LYS LYS A . n 
A 1 87  ASN 87  86  86  ASN ASN A . n 
A 1 88  TRP 88  87  87  TRP TRP A . n 
A 1 89  LYS 89  88  88  LYS LYS A . n 
A 1 90  GLU 90  89  89  GLU GLU A . n 
A 1 91  PRO 91  90  90  PRO PRO A . n 
A 1 92  ASN 92  91  91  ASN ASN A . n 
A 1 93  LYS 93  92  92  LYS LYS A . n 
A 1 94  GLU 94  93  93  GLU GLU A . n 
A 1 95  GLN 95  94  94  GLN GLN A . n 
A 1 96  TYR 96  95  95  TYR TYR A . n 
A 1 97  GLU 97  96  96  GLU GLU A . n 
A 1 98  ALA 98  97  97  ALA ALA A . n 
A 1 99  VAL 99  98  98  VAL VAL A . n 
A 1 100 LEU 100 99  99  LEU LEU A . n 
A 1 101 ALA 101 100 100 ALA ALA A . n 
A 1 102 GLN 102 101 101 GLN GLN A . n 
A 1 103 ALA 103 102 102 ALA ALA A . n 
A 1 104 ASP 104 103 103 ASP ASP A . n 
A 1 105 TYR 105 104 104 TYR TYR A . n 
A 1 106 GLU 106 105 105 GLU GLU A . n 
A 1 107 ALA 107 106 106 ALA ALA A . n 
A 1 108 SER 108 107 107 SER SER A . n 
A 1 109 LEU 109 108 108 LEU LEU A . n 
A 1 110 THR 110 109 109 THR THR A . n 
A 1 111 HIS 111 110 110 HIS HIS A . n 
A 1 112 ARG 112 111 111 ARG ARG A . n 
A 1 113 PRO 113 112 112 PRO PRO A . n 
A 1 114 TYR 114 113 113 TYR TYR A . n 
A 1 115 GLU 115 114 114 GLU GLU A . n 
A 1 116 SER 116 115 115 SER SER A . n 
A 1 117 PRO 117 116 116 PRO PRO A . n 
A 1 118 LEU 118 117 117 LEU LEU A . n 
A 1 119 GLN 119 118 118 GLN GLN A . n 
A 1 120 PHE 120 119 119 PHE PHE A . n 
A 1 121 LYS 121 120 120 LYS LYS A . n 
A 1 122 GLN 122 121 121 GLN GLN A . n 
A 1 123 LYS 123 122 122 LYS LYS A . n 
A 1 124 ASN 124 123 123 ASN ASN A . n 
A 1 125 GLN 125 124 124 GLN GLN A . n 
A 1 126 PHE 126 125 125 PHE PHE A . n 
A 1 127 PHE 127 126 126 PHE PHE A . n 
A 1 128 ILE 128 127 127 ILE ILE A . n 
A 1 129 ASP 129 128 128 ASP ASP A . n 
A 1 130 LYS 130 129 129 LYS LYS A . n 
A 1 131 SER 131 130 130 SER SER A . n 
A 1 132 ASP 132 131 131 ASP ASP A . n 
A 1 133 GLY 133 132 132 GLY GLY A . n 
A 1 134 LEU 134 133 133 LEU LEU A . n 
A 1 135 LEU 135 134 134 LEU LEU A . n 
A 1 136 LEU 136 135 135 LEU LEU A . n 
A 1 137 LEU 137 136 136 LEU LEU A . n 
A 1 138 TYR 138 137 137 TYR TYR A . n 
A 1 139 ASP 139 138 138 ASP ASP A . n 
A 1 140 PRO 140 139 139 PRO PRO A . n 
A 1 141 GLU 141 140 140 GLU GLU A . n 
A 1 142 LYS 142 141 141 LYS LYS A . n 
A 1 143 GLU 143 142 142 GLU GLU A . n 
A 1 144 GLY 144 143 143 GLY GLY A . n 
A 1 145 SER 145 144 144 SER SER A . n 
A 1 146 PRO 146 145 145 PRO PRO A . n 
A 1 147 LYS 147 146 146 LYS LYS A . n 
A 1 148 TYR 148 147 147 TYR TYR A . n 
A 1 149 MET 149 148 148 MET MET A . n 
A 1 150 LEU 150 149 149 LEU LEU A . n 
A 1 151 GLY 151 150 150 GLY GLY A . n 
A 1 152 THR 152 151 151 THR THR A . n 
A 1 153 ALA 153 152 152 ALA ALA A . n 
A 1 154 GLU 154 153 153 GLU GLU A . n 
A 1 155 LYS 155 154 154 LYS LYS A . n 
A 1 156 ARG 156 155 155 ARG ARG A . n 
A 1 157 ARG 157 156 156 ARG ARG A . n 
A 1 158 GLU 158 157 157 GLU GLU A . n 
A 1 159 GLN 159 158 158 GLN GLN A . n 
A 1 160 ASP 160 159 159 ASP ASP A . n 
A 1 161 GLY 161 160 160 GLY GLY A . n 
A 1 162 TYR 162 161 161 TYR TYR A . n 
A 1 163 PRO 163 162 162 PRO PRO A . n 
A 1 164 ILE 164 163 163 ILE ILE A . n 
A 1 165 TYR 165 164 164 TYR TYR A . n 
A 1 166 PHE 166 165 165 PHE PHE A . n 
A 1 167 ILE 167 166 166 ILE ILE A . n 
A 1 168 THR 168 167 167 THR THR A . n 
A 1 169 MET 169 168 168 MET MET A . n 
A 1 170 ASP 170 169 169 ASP ASP A . n 
A 1 171 ASP 171 170 170 ASP ASP A . n 
A 1 172 LEU 172 171 171 LEU LEU A . n 
A 1 173 ARG 173 172 172 ARG ARG A . n 
A 1 174 VAL 174 173 173 VAL VAL A . n 
A 1 175 THR 175 174 174 THR THR A . n 
A 1 176 VAL 176 175 175 VAL VAL A . n 
A 1 177 GLU 177 176 176 GLU GLU A . n 
A 1 178 GLU 178 177 177 GLU GLU A . n 
A 1 179 ASP 179 178 ?   ?   ?   A . n 
A 1 180 SER 180 179 ?   ?   ?   A . n 
A 1 181 TYR 181 180 ?   ?   ?   A . n 
# 
loop_
_pdbx_nonpoly_scheme.asym_id 
_pdbx_nonpoly_scheme.entity_id 
_pdbx_nonpoly_scheme.mon_id 
_pdbx_nonpoly_scheme.ndb_seq_num 
_pdbx_nonpoly_scheme.pdb_seq_num 
_pdbx_nonpoly_scheme.auth_seq_num 
_pdbx_nonpoly_scheme.pdb_mon_id 
_pdbx_nonpoly_scheme.auth_mon_id 
_pdbx_nonpoly_scheme.pdb_strand_id 
_pdbx_nonpoly_scheme.pdb_ins_code 
B 2 HOH 1   181 1   HOH HOH A . 
B 2 HOH 2   182 2   HOH HOH A . 
B 2 HOH 3   183 3   HOH HOH A . 
B 2 HOH 4   184 4   HOH HOH A . 
B 2 HOH 5   185 5   HOH HOH A . 
B 2 HOH 6   186 6   HOH HOH A . 
B 2 HOH 7   187 7   HOH HOH A . 
B 2 HOH 8   188 8   HOH HOH A . 
B 2 HOH 9   189 9   HOH HOH A . 
B 2 HOH 10  190 10  HOH HOH A . 
B 2 HOH 11  191 11  HOH HOH A . 
B 2 HOH 12  192 12  HOH HOH A . 
B 2 HOH 13  193 13  HOH HOH A . 
B 2 HOH 14  194 14  HOH HOH A . 
B 2 HOH 15  195 15  HOH HOH A . 
B 2 HOH 16  196 16  HOH HOH A . 
B 2 HOH 17  197 17  HOH HOH A . 
B 2 HOH 18  198 18  HOH HOH A . 
B 2 HOH 19  199 19  HOH HOH A . 
B 2 HOH 20  200 20  HOH HOH A . 
B 2 HOH 21  201 21  HOH HOH A . 
B 2 HOH 22  202 22  HOH HOH A . 
B 2 HOH 23  203 23  HOH HOH A . 
B 2 HOH 24  204 24  HOH HOH A . 
B 2 HOH 25  205 25  HOH HOH A . 
B 2 HOH 26  206 26  HOH HOH A . 
B 2 HOH 27  207 27  HOH HOH A . 
B 2 HOH 28  208 28  HOH HOH A . 
B 2 HOH 29  209 29  HOH HOH A . 
B 2 HOH 30  210 30  HOH HOH A . 
B 2 HOH 31  211 31  HOH HOH A . 
B 2 HOH 32  212 32  HOH HOH A . 
B 2 HOH 33  213 34  HOH HOH A . 
B 2 HOH 34  214 35  HOH HOH A . 
B 2 HOH 35  215 36  HOH HOH A . 
B 2 HOH 36  216 37  HOH HOH A . 
B 2 HOH 37  217 38  HOH HOH A . 
B 2 HOH 38  218 39  HOH HOH A . 
B 2 HOH 39  219 40  HOH HOH A . 
B 2 HOH 40  220 41  HOH HOH A . 
B 2 HOH 41  221 42  HOH HOH A . 
B 2 HOH 42  222 43  HOH HOH A . 
B 2 HOH 43  223 44  HOH HOH A . 
B 2 HOH 44  224 45  HOH HOH A . 
B 2 HOH 45  225 46  HOH HOH A . 
B 2 HOH 46  226 47  HOH HOH A . 
B 2 HOH 47  227 48  HOH HOH A . 
B 2 HOH 48  228 49  HOH HOH A . 
B 2 HOH 49  229 50  HOH HOH A . 
B 2 HOH 50  230 51  HOH HOH A . 
B 2 HOH 51  231 52  HOH HOH A . 
B 2 HOH 52  232 53  HOH HOH A . 
B 2 HOH 53  233 54  HOH HOH A . 
B 2 HOH 54  234 55  HOH HOH A . 
B 2 HOH 55  235 56  HOH HOH A . 
B 2 HOH 56  236 57  HOH HOH A . 
B 2 HOH 57  237 58  HOH HOH A . 
B 2 HOH 58  238 59  HOH HOH A . 
B 2 HOH 59  239 60  HOH HOH A . 
B 2 HOH 60  240 61  HOH HOH A . 
B 2 HOH 61  241 62  HOH HOH A . 
B 2 HOH 62  242 63  HOH HOH A . 
B 2 HOH 63  243 64  HOH HOH A . 
B 2 HOH 64  244 65  HOH HOH A . 
B 2 HOH 65  245 66  HOH HOH A . 
B 2 HOH 66  246 67  HOH HOH A . 
B 2 HOH 67  247 68  HOH HOH A . 
B 2 HOH 68  248 69  HOH HOH A . 
B 2 HOH 69  249 70  HOH HOH A . 
B 2 HOH 70  250 71  HOH HOH A . 
B 2 HOH 71  251 72  HOH HOH A . 
B 2 HOH 72  252 73  HOH HOH A . 
B 2 HOH 73  253 74  HOH HOH A . 
B 2 HOH 74  254 75  HOH HOH A . 
B 2 HOH 75  255 77  HOH HOH A . 
B 2 HOH 76  256 78  HOH HOH A . 
B 2 HOH 77  257 79  HOH HOH A . 
B 2 HOH 78  258 80  HOH HOH A . 
B 2 HOH 79  259 81  HOH HOH A . 
B 2 HOH 80  260 82  HOH HOH A . 
B 2 HOH 81  261 83  HOH HOH A . 
B 2 HOH 82  262 84  HOH HOH A . 
B 2 HOH 83  263 85  HOH HOH A . 
B 2 HOH 84  264 87  HOH HOH A . 
B 2 HOH 85  265 88  HOH HOH A . 
B 2 HOH 86  266 89  HOH HOH A . 
B 2 HOH 87  267 90  HOH HOH A . 
B 2 HOH 88  268 91  HOH HOH A . 
B 2 HOH 89  269 93  HOH HOH A . 
B 2 HOH 90  270 94  HOH HOH A . 
B 2 HOH 91  271 95  HOH HOH A . 
B 2 HOH 92  272 96  HOH HOH A . 
B 2 HOH 93  273 97  HOH HOH A . 
B 2 HOH 94  274 98  HOH HOH A . 
B 2 HOH 95  275 99  HOH HOH A . 
B 2 HOH 96  276 100 HOH HOH A . 
B 2 HOH 97  277 102 HOH HOH A . 
B 2 HOH 98  278 104 HOH HOH A . 
B 2 HOH 99  279 105 HOH HOH A . 
B 2 HOH 100 280 106 HOH HOH A . 
B 2 HOH 101 281 109 HOH HOH A . 
B 2 HOH 102 282 110 HOH HOH A . 
B 2 HOH 103 283 113 HOH HOH A . 
B 2 HOH 104 284 114 HOH HOH A . 
B 2 HOH 105 285 115 HOH HOH A . 
B 2 HOH 106 286 117 HOH HOH A . 
B 2 HOH 107 287 118 HOH HOH A . 
B 2 HOH 108 288 119 HOH HOH A . 
B 2 HOH 109 289 120 HOH HOH A . 
B 2 HOH 110 290 121 HOH HOH A . 
B 2 HOH 111 291 122 HOH HOH A . 
B 2 HOH 112 292 123 HOH HOH A . 
B 2 HOH 113 293 124 HOH HOH A . 
B 2 HOH 114 294 125 HOH HOH A . 
B 2 HOH 115 295 126 HOH HOH A . 
B 2 HOH 116 296 127 HOH HOH A . 
B 2 HOH 117 297 128 HOH HOH A . 
B 2 HOH 118 298 129 HOH HOH A . 
B 2 HOH 119 299 130 HOH HOH A . 
B 2 HOH 120 300 131 HOH HOH A . 
B 2 HOH 121 301 134 HOH HOH A . 
B 2 HOH 122 302 135 HOH HOH A . 
B 2 HOH 123 303 136 HOH HOH A . 
B 2 HOH 124 304 137 HOH HOH A . 
B 2 HOH 125 305 138 HOH HOH A . 
B 2 HOH 126 306 139 HOH HOH A . 
B 2 HOH 127 307 140 HOH HOH A . 
B 2 HOH 128 308 141 HOH HOH A . 
B 2 HOH 129 309 142 HOH HOH A . 
B 2 HOH 130 310 143 HOH HOH A . 
B 2 HOH 131 311 148 HOH HOH A . 
B 2 HOH 132 312 150 HOH HOH A . 
B 2 HOH 133 313 153 HOH HOH A . 
B 2 HOH 134 314 154 HOH HOH A . 
B 2 HOH 135 315 158 HOH HOH A . 
B 2 HOH 136 316 159 HOH HOH A . 
B 2 HOH 137 317 168 HOH HOH A . 
B 2 HOH 138 318 169 HOH HOH A . 
B 2 HOH 139 319 176 HOH HOH A . 
B 2 HOH 140 320 177 HOH HOH A . 
B 2 HOH 141 321 178 HOH HOH A . 
B 2 HOH 142 322 179 HOH HOH A . 
B 2 HOH 143 323 180 HOH HOH A . 
# 
loop_
_software.name 
_software.version 
_software.date 
_software.type 
_software.contact_author 
_software.contact_author_email 
_software.classification 
_software.location 
_software.language 
_software.citation_id 
_software.pdbx_ordinal 
DENZO       .        ?                package 'Zbyszek Otwinowski' zbyszek@mix.swmed.edu    'data reduction'  
http://www.lnls.br/infra/linhasluz/denzo-hkl.htm ?          ? 1 
SCALEPACK   .        ?                package 'Zbyszek Otwinowski' zbyszek@mix.swmed.edu    'data scaling'    
http://www.lnls.br/infra/linhasluz/denzo-hkl.htm ?          ? 2 
REFMAC      5.2.0005 ?                program 'Murshudov, G.N.'    ccp4@dl.ac.uk            refinement        
http://www.ccp4.ac.uk/main.html                  Fortran_77 ? 3 
PDB_EXTRACT 2.000    'April. 3, 2006' package PDB                  sw-help@rcsb.rutgers.edu 'data extraction' 
http://pdb.rutgers.edu/software/                 C++        ? 4 
CBASS       .        ?                ?       ?                    ?                        'data collection' ? ?          ? 5 
HKL-2000    .        ?                ?       ?                    ?                        'data reduction'  ? ?          ? 6 
HKL-2000    .        ?                ?       ?                    ?                        'data scaling'    ? ?          ? 7 
SHELXD      .        ?                ?       ?                    ?                        phasing           ? ?          ? 8 
SHELXE      .        ?                ?       ?                    ?                        'model building'  ? ?          ? 9 
# 
_cell.entry_id           2NX2 
_cell.length_a           51.052 
_cell.length_b           51.052 
_cell.length_c           138.220 
_cell.angle_alpha        90.00 
_cell.angle_beta         90.00 
_cell.angle_gamma        90.00 
_cell.Z_PDB              8 
_cell.pdbx_unique_axis   ? 
_cell.length_a_esd       ? 
_cell.length_b_esd       ? 
_cell.length_c_esd       ? 
_cell.angle_alpha_esd    ? 
_cell.angle_beta_esd     ? 
_cell.angle_gamma_esd    ? 
# 
_symmetry.entry_id                         2NX2 
_symmetry.space_group_name_H-M             'P 41 21 2' 
_symmetry.pdbx_full_space_group_name_H-M   ? 
_symmetry.cell_setting                     ? 
_symmetry.Int_Tables_number                92 
_symmetry.space_group_name_Hall            ? 
# 
_exptl.crystals_number   3 
_exptl.entry_id          2NX2 
_exptl.method            'X-RAY DIFFRACTION' 
# 
_exptl_crystal.id                    1 
_exptl_crystal.density_meas          ? 
_exptl_crystal.density_Matthews      2.13 
_exptl_crystal.density_percent_sol   42.20 
_exptl_crystal.description           ? 
_exptl_crystal.F_000                 ? 
_exptl_crystal.preparation           ? 
# 
_exptl_crystal_grow.crystal_id      1 
_exptl_crystal_grow.method          'VAPOR DIFFUSION, SITTING DROP' 
_exptl_crystal_grow.pH              4.6 
_exptl_crystal_grow.temp            298 
_exptl_crystal_grow.pdbx_details    
'18 % PEG-4K, Na-Acetate pH 4.6, Ammonium Acetate 0.1M, 0.1M, Ethylene Glycol 10%, Vapor diffusion, Sitting drop, temperature 298K' 
_exptl_crystal_grow.temp_details    ? 
_exptl_crystal_grow.pdbx_pH_range   . 
# 
loop_
_diffrn.id 
_diffrn.ambient_temp 
_diffrn.ambient_temp_details 
_diffrn.crystal_id 
1 100 ? 1 
2 100 ? 1 
3 100 ? 1 
# 
loop_
_diffrn_detector.diffrn_id 
_diffrn_detector.detector 
_diffrn_detector.type 
_diffrn_detector.pdbx_collection_date 
_diffrn_detector.details 
1 CCD 'MAR CCD 165 mm'   ? ? 
2 CCD 'ADSC QUANTUM 315' ? ? 
3 CCD 'MAR CCD 165 mm'   ? ? 
# 
loop_
_diffrn_radiation.diffrn_id 
_diffrn_radiation.pdbx_diffrn_protocol 
_diffrn_radiation.monochromator 
_diffrn_radiation.wavelength_id 
_diffrn_radiation.pdbx_monochromatic_or_laue_m_l 
_diffrn_radiation.pdbx_scattering_type 
1 'SINGLE WAVELENGTH' GRAPHITE 1 M x-ray 
2 'SINGLE WAVELENGTH' ?        1 M x-ray 
3 'SINGLE WAVELENGTH' ?        1 M x-ray 
# 
loop_
_diffrn_radiation_wavelength.id 
_diffrn_radiation_wavelength.wavelength 
_diffrn_radiation_wavelength.wt 
1 0.9793 1.0 
2 1.7403 1.0 
3 0.979  1.0 
# 
loop_
_diffrn_source.diffrn_id 
_diffrn_source.source 
_diffrn_source.type 
_diffrn_source.pdbx_wavelength_list 
_diffrn_source.pdbx_wavelength 
_diffrn_source.pdbx_synchrotron_site 
_diffrn_source.pdbx_synchrotron_beamline 
1 SYNCHROTRON 'NSLS BEAMLINE X3A'  0.9793 ? NSLS X3A   
2 SYNCHROTRON 'NSLS BEAMLINE X29A' 1.7403 ? NSLS X29A  
3 SYNCHROTRON 'APS BEAMLINE 31-ID' 0.979  ? APS  31-ID 
# 
_reflns.entry_id                     2NX2 
_reflns.d_resolution_high            2.000 
_reflns.d_resolution_low             50.000 
_reflns.number_obs                   13121 
_reflns.pdbx_Rmerge_I_obs            0.09 
_reflns.pdbx_netI_over_sigmaI        26.5 
_reflns.pdbx_chi_squared             0.732 
_reflns.pdbx_redundancy              12.6 
_reflns.percent_possible_obs         99.900 
_reflns.observed_criterion_sigma_F   0 
_reflns.observed_criterion_sigma_I   0 
_reflns.number_all                   13121 
_reflns.pdbx_Rsym_value              ? 
_reflns.B_iso_Wilson_estimate        ? 
_reflns.R_free_details               ? 
_reflns.limit_h_max                  ? 
_reflns.limit_h_min                  ? 
_reflns.limit_k_max                  ? 
_reflns.limit_k_min                  ? 
_reflns.limit_l_max                  ? 
_reflns.limit_l_min                  ? 
_reflns.observed_criterion_F_max     ? 
_reflns.observed_criterion_F_min     ? 
_reflns.pdbx_scaling_rejects         ? 
_reflns.pdbx_diffrn_id               1,2,3 
_reflns.pdbx_ordinal                 1 
# 
_reflns_shell.d_res_high             2.00 
_reflns_shell.d_res_low              2.07 
_reflns_shell.number_measured_obs    ? 
_reflns_shell.number_measured_all    ? 
_reflns_shell.number_unique_obs      ? 
_reflns_shell.Rmerge_I_obs           0.441 
_reflns_shell.meanI_over_sigI_obs    2.95 
_reflns_shell.pdbx_Rsym_value        0.91 
_reflns_shell.pdbx_chi_squared       0.396 
_reflns_shell.pdbx_redundancy        5.40 
_reflns_shell.percent_possible_obs   ? 
_reflns_shell.number_unique_all      1260 
_reflns_shell.percent_possible_all   100 
_reflns_shell.pdbx_diffrn_id         ? 
_reflns_shell.pdbx_ordinal           1 
# 
_refine.entry_id                                 2NX2 
_refine.ls_d_res_high                            2.000 
_refine.ls_d_res_low                             47.890 
_refine.pdbx_ls_sigma_F                          0.00 
_refine.ls_percent_reflns_obs                    99.980 
_refine.ls_number_reflns_obs                     13060 
_refine.pdbx_ls_cross_valid_method               THROUGHOUT 
_refine.pdbx_R_Free_selection_details            RANDOM 
_refine.details                                  'HYDROGENS HAVE BEEN ADDED IN THE RIDING POSITIONS' 
_refine.ls_R_factor_obs                          0.182 
_refine.ls_R_factor_R_work                       0.18 
_refine.ls_R_factor_R_free                       0.224 
_refine.ls_percent_reflns_R_free                 4.900 
_refine.ls_number_reflns_R_free                  637 
_refine.B_iso_mean                               25.497 
_refine.aniso_B[1][1]                            0.540 
_refine.aniso_B[2][2]                            0.540 
_refine.aniso_B[3][3]                            -1.090 
_refine.aniso_B[1][2]                            0.000 
_refine.aniso_B[1][3]                            0.000 
_refine.aniso_B[2][3]                            0.000 
_refine.correlation_coeff_Fo_to_Fc               0.953 
_refine.correlation_coeff_Fo_to_Fc_free          0.940 
_refine.pdbx_overall_ESU_R                       0.195 
_refine.pdbx_overall_ESU_R_Free                  0.166 
_refine.overall_SU_ML                            0.112 
_refine.overall_SU_B                             3.921 
_refine.solvent_model_details                    MASK 
_refine.pdbx_solvent_vdw_probe_radii             1.200 
_refine.pdbx_solvent_ion_probe_radii             0.800 
_refine.pdbx_solvent_shrinkage_radii             0.800 
_refine.pdbx_stereochemistry_target_values       'MAXIMUM LIKELIHOOD' 
_refine.pdbx_ls_sigma_I                          ? 
_refine.ls_number_reflns_all                     ? 
_refine.ls_R_factor_all                          ? 
_refine.ls_redundancy_reflns_obs                 ? 
_refine.pdbx_data_cutoff_high_absF               ? 
_refine.pdbx_data_cutoff_low_absF                ? 
_refine.ls_number_parameters                     ? 
_refine.ls_number_restraints                     ? 
_refine.ls_R_factor_R_free_error                 ? 
_refine.ls_R_factor_R_free_error_details         ? 
_refine.pdbx_method_to_determine_struct          SIRAS 
_refine.pdbx_starting_model                      ? 
_refine.pdbx_stereochem_target_val_spec_case     ? 
_refine.solvent_model_param_bsol                 ? 
_refine.solvent_model_param_ksol                 ? 
_refine.occupancy_max                            ? 
_refine.occupancy_min                            ? 
_refine.pdbx_isotropic_thermal_model             ? 
_refine.B_iso_min                                ? 
_refine.B_iso_max                                ? 
_refine.overall_SU_R_Cruickshank_DPI             ? 
_refine.overall_SU_R_free                        ? 
_refine.pdbx_data_cutoff_high_rms_absF           ? 
_refine.ls_wR_factor_R_free                      ? 
_refine.ls_wR_factor_R_work                      ? 
_refine.overall_FOM_free_R_set                   ? 
_refine.overall_FOM_work_R_set                   ? 
_refine.pdbx_refine_id                           'X-RAY DIFFRACTION' 
_refine.pdbx_diffrn_id                           1 
_refine.pdbx_TLS_residual_ADP_flag               ? 
_refine.pdbx_overall_phase_error                 ? 
_refine.pdbx_overall_SU_R_free_Cruickshank_DPI   ? 
_refine.pdbx_overall_SU_R_Blow_DPI               ? 
_refine.pdbx_overall_SU_R_free_Blow_DPI          ? 
# 
_refine_hist.pdbx_refine_id                   'X-RAY DIFFRACTION' 
_refine_hist.cycle_id                         LAST 
_refine_hist.pdbx_number_atoms_protein        1505 
_refine_hist.pdbx_number_atoms_nucleic_acid   0 
_refine_hist.pdbx_number_atoms_ligand         0 
_refine_hist.number_atoms_solvent             143 
_refine_hist.number_atoms_total               1648 
_refine_hist.d_res_high                       2.000 
_refine_hist.d_res_low                        47.890 
# 
loop_
_refine_ls_restr.type 
_refine_ls_restr.number 
_refine_ls_restr.dev_ideal 
_refine_ls_restr.dev_ideal_target 
_refine_ls_restr.weight 
_refine_ls_restr.pdbx_refine_id 
_refine_ls_restr.pdbx_restraint_function 
r_bond_refined_d         1545 0.013  0.022  ? 'X-RAY DIFFRACTION' ? 
r_angle_refined_deg      2094 1.308  1.982  ? 'X-RAY DIFFRACTION' ? 
r_dihedral_angle_1_deg   185  6.112  5.000  ? 'X-RAY DIFFRACTION' ? 
r_dihedral_angle_2_deg   79   40.900 25.063 ? 'X-RAY DIFFRACTION' ? 
r_dihedral_angle_3_deg   283  14.700 15.000 ? 'X-RAY DIFFRACTION' ? 
r_dihedral_angle_4_deg   7    15.558 15.000 ? 'X-RAY DIFFRACTION' ? 
r_chiral_restr           218  0.083  0.200  ? 'X-RAY DIFFRACTION' ? 
r_gen_planes_refined     1191 0.005  0.020  ? 'X-RAY DIFFRACTION' ? 
r_nbd_refined            720  0.199  0.200  ? 'X-RAY DIFFRACTION' ? 
r_nbtor_refined          1055 0.306  0.200  ? 'X-RAY DIFFRACTION' ? 
r_xyhbond_nbd_refined    114  0.123  0.200  ? 'X-RAY DIFFRACTION' ? 
r_symmetry_vdw_refined   52   0.181  0.200  ? 'X-RAY DIFFRACTION' ? 
r_symmetry_hbond_refined 21   0.178  0.200  ? 'X-RAY DIFFRACTION' ? 
r_mcbond_it              944  0.857  1.500  ? 'X-RAY DIFFRACTION' ? 
r_mcangle_it             1470 1.449  2.000  ? 'X-RAY DIFFRACTION' ? 
r_scbond_it              708  2.036  3.000  ? 'X-RAY DIFFRACTION' ? 
r_scangle_it             623  3.206  4.500  ? 'X-RAY DIFFRACTION' ? 
# 
_refine_ls_shell.d_res_high                       2.000 
_refine_ls_shell.d_res_low                        2.052 
_refine_ls_shell.pdbx_total_number_of_bins_used   20 
_refine_ls_shell.percent_reflns_obs               100.000 
_refine_ls_shell.number_reflns_R_work             891 
_refine_ls_shell.R_factor_all                     ? 
_refine_ls_shell.R_factor_R_work                  0.225 
_refine_ls_shell.R_factor_R_free                  0.323 
_refine_ls_shell.percent_reflns_R_free            ? 
_refine_ls_shell.number_reflns_R_free             44 
_refine_ls_shell.R_factor_R_free_error            ? 
_refine_ls_shell.number_reflns_all                ? 
_refine_ls_shell.number_reflns_obs                935 
_refine_ls_shell.redundancy_reflns_obs            ? 
_refine_ls_shell.pdbx_refine_id                   'X-RAY DIFFRACTION' 
# 
_struct.entry_id                  2NX2 
_struct.title                     'Crystal structure of protein ypsA from Bacillus subtilis, Pfam DUF1273' 
_struct.pdbx_model_details        ? 
_struct.pdbx_CASP_flag            ? 
_struct.pdbx_model_type_details   ? 
# 
_struct_keywords.entry_id        2NX2 
_struct_keywords.text            
;structural genomics, UNKNOWN FUNCTION, PSI, Protein Structure Initiative, New York SGX Research Center for Structural Genomics, NYSGXRC
;
_struct_keywords.pdbx_keywords   'STRUCTURAL GENOMICS, UNKNOWN FUNCTION' 
# 
loop_
_struct_asym.id 
_struct_asym.pdbx_blank_PDB_chainid_flag 
_struct_asym.pdbx_modified 
_struct_asym.entity_id 
_struct_asym.details 
A N N 1 ? 
B N N 2 ? 
# 
_struct_ref.id                         1 
_struct_ref.db_name                    UNP 
_struct_ref.db_code                    YPSA_BACSU 
_struct_ref.pdbx_db_accession          P50838 
_struct_ref.entity_id                  1 
_struct_ref.pdbx_seq_one_letter_code   
;KVLAITGYKPFELGIFKQDDKALYYIKKAIKNRLIAFLDEGLEWILISGQLGVELWAAEAAYDLQEEYPDLKVAVITPFY
EQEKNWKEPNKEQYEAVLAQADYEASLTHRPYESPLQFKQKNQFFIDKSDGLLLLYDPEKEGSPKYMLGTAEKRREQDGY
PIYFITMDDLRVTVEEDSY
;
_struct_ref.pdbx_align_begin           2 
_struct_ref.pdbx_db_isoform            ? 
# 
_struct_ref_seq.align_id                      1 
_struct_ref_seq.ref_id                        1 
_struct_ref_seq.pdbx_PDB_id_code              2NX2 
_struct_ref_seq.pdbx_strand_id                A 
_struct_ref_seq.seq_align_beg                 3 
_struct_ref_seq.pdbx_seq_align_beg_ins_code   ? 
_struct_ref_seq.seq_align_end                 181 
_struct_ref_seq.pdbx_seq_align_end_ins_code   ? 
_struct_ref_seq.pdbx_db_accession             P50838 
_struct_ref_seq.db_align_beg                  2 
_struct_ref_seq.pdbx_db_align_beg_ins_code    ? 
_struct_ref_seq.db_align_end                  180 
_struct_ref_seq.pdbx_db_align_end_ins_code    ? 
_struct_ref_seq.pdbx_auth_seq_align_beg       2 
_struct_ref_seq.pdbx_auth_seq_align_end       180 
# 
loop_
_struct_ref_seq_dif.align_id 
_struct_ref_seq_dif.pdbx_pdb_id_code 
_struct_ref_seq_dif.mon_id 
_struct_ref_seq_dif.pdbx_pdb_strand_id 
_struct_ref_seq_dif.seq_num 
_struct_ref_seq_dif.pdbx_pdb_ins_code 
_struct_ref_seq_dif.pdbx_seq_db_name 
_struct_ref_seq_dif.pdbx_seq_db_accession_code 
_struct_ref_seq_dif.db_mon_id 
_struct_ref_seq_dif.pdbx_seq_db_seq_num 
_struct_ref_seq_dif.details 
_struct_ref_seq_dif.pdbx_auth_seq_num 
_struct_ref_seq_dif.pdbx_ordinal 
1 2NX2 SER A 1 ? UNP P50838 ? ? 'cloning artifact' 0 1 
1 2NX2 LEU A 2 ? UNP P50838 ? ? 'cloning artifact' 1 2 
# 
_pdbx_struct_assembly.id                   1 
_pdbx_struct_assembly.details              author_defined_assembly 
_pdbx_struct_assembly.method_details       ? 
_pdbx_struct_assembly.oligomeric_details   monomeric 
_pdbx_struct_assembly.oligomeric_count     1 
# 
_pdbx_struct_assembly_gen.assembly_id       1 
_pdbx_struct_assembly_gen.oper_expression   1 
_pdbx_struct_assembly_gen.asym_id_list      A,B 
# 
_pdbx_struct_oper_list.id                   1 
_pdbx_struct_oper_list.type                 'identity operation' 
_pdbx_struct_oper_list.name                 1_555 
_pdbx_struct_oper_list.symmetry_operation   x,y,z 
_pdbx_struct_oper_list.matrix[1][1]         1.0000000000 
_pdbx_struct_oper_list.matrix[1][2]         0.0000000000 
_pdbx_struct_oper_list.matrix[1][3]         0.0000000000 
_pdbx_struct_oper_list.vector[1]            0.0000000000 
_pdbx_struct_oper_list.matrix[2][1]         0.0000000000 
_pdbx_struct_oper_list.matrix[2][2]         1.0000000000 
_pdbx_struct_oper_list.matrix[2][3]         0.0000000000 
_pdbx_struct_oper_list.vector[2]            0.0000000000 
_pdbx_struct_oper_list.matrix[3][1]         0.0000000000 
_pdbx_struct_oper_list.matrix[3][2]         0.0000000000 
_pdbx_struct_oper_list.matrix[3][3]         1.0000000000 
_pdbx_struct_oper_list.vector[3]            0.0000000000 
# 
loop_
_struct_conf.conf_type_id 
_struct_conf.id 
_struct_conf.pdbx_PDB_helix_id 
_struct_conf.beg_label_comp_id 
_struct_conf.beg_label_asym_id 
_struct_conf.beg_label_seq_id 
_struct_conf.pdbx_beg_PDB_ins_code 
_struct_conf.end_label_comp_id 
_struct_conf.end_label_asym_id 
_struct_conf.end_label_seq_id 
_struct_conf.pdbx_end_PDB_ins_code 
_struct_conf.beg_auth_comp_id 
_struct_conf.beg_auth_asym_id 
_struct_conf.beg_auth_seq_id 
_struct_conf.end_auth_comp_id 
_struct_conf.end_auth_asym_id 
_struct_conf.end_auth_seq_id 
_struct_conf.pdbx_PDB_helix_class 
_struct_conf.details 
_struct_conf.pdbx_PDB_helix_length 
HELX_P HELX_P1 1 LYS A 11  ? GLY A 16  ? LYS A 10  GLY A 15  5 ? 6  
HELX_P HELX_P2 2 ASP A 22  ? ASP A 41  ? ASP A 21  ASP A 40  1 ? 20 
HELX_P HELX_P3 3 GLY A 54  ? ASP A 65  ? GLY A 53  ASP A 64  1 ? 12 
HELX_P HELX_P4 4 LYS A 89  ? ALA A 103 ? LYS A 88  ALA A 102 1 ? 15 
HELX_P HELX_P5 5 SER A 116 ? SER A 131 ? SER A 115 SER A 130 1 ? 16 
HELX_P HELX_P6 6 PRO A 146 ? GLY A 161 ? PRO A 145 GLY A 160 1 ? 16 
HELX_P HELX_P7 7 THR A 168 ? GLU A 178 ? THR A 167 GLU A 177 1 ? 11 
# 
_struct_conf_type.id          HELX_P 
_struct_conf_type.criteria    ? 
_struct_conf_type.reference   ? 
# 
_struct_mon_prot_cis.pdbx_id                1 
_struct_mon_prot_cis.label_comp_id          ASP 
_struct_mon_prot_cis.label_seq_id           21 
_struct_mon_prot_cis.label_asym_id          A 
_struct_mon_prot_cis.label_alt_id           . 
_struct_mon_prot_cis.pdbx_PDB_ins_code      ? 
_struct_mon_prot_cis.auth_comp_id           ASP 
_struct_mon_prot_cis.auth_seq_id            20 
_struct_mon_prot_cis.auth_asym_id           A 
_struct_mon_prot_cis.pdbx_label_comp_id_2   ASP 
_struct_mon_prot_cis.pdbx_label_seq_id_2    22 
_struct_mon_prot_cis.pdbx_label_asym_id_2   A 
_struct_mon_prot_cis.pdbx_PDB_ins_code_2    ? 
_struct_mon_prot_cis.pdbx_auth_comp_id_2    ASP 
_struct_mon_prot_cis.pdbx_auth_seq_id_2     21 
_struct_mon_prot_cis.pdbx_auth_asym_id_2    A 
_struct_mon_prot_cis.pdbx_PDB_model_num     1 
_struct_mon_prot_cis.pdbx_omega_angle       -23.08 
# 
_struct_sheet.id               A 
_struct_sheet.type             ? 
_struct_sheet.number_strands   6 
_struct_sheet.details          ? 
# 
loop_
_struct_sheet_order.sheet_id 
_struct_sheet_order.range_id_1 
_struct_sheet_order.range_id_2 
_struct_sheet_order.offset 
_struct_sheet_order.sense 
A 1 2 ? parallel 
A 2 3 ? parallel 
A 3 4 ? parallel 
A 4 5 ? parallel 
A 5 6 ? parallel 
# 
loop_
_struct_sheet_range.sheet_id 
_struct_sheet_range.id 
_struct_sheet_range.beg_label_comp_id 
_struct_sheet_range.beg_label_asym_id 
_struct_sheet_range.beg_label_seq_id 
_struct_sheet_range.pdbx_beg_PDB_ins_code 
_struct_sheet_range.end_label_comp_id 
_struct_sheet_range.end_label_asym_id 
_struct_sheet_range.end_label_seq_id 
_struct_sheet_range.pdbx_end_PDB_ins_code 
_struct_sheet_range.beg_auth_comp_id 
_struct_sheet_range.beg_auth_asym_id 
_struct_sheet_range.beg_auth_seq_id 
_struct_sheet_range.end_auth_comp_id 
_struct_sheet_range.end_auth_asym_id 
_struct_sheet_range.end_auth_seq_id 
A 1 TYR A 105 ? SER A 108 ? TYR A 104 SER A 107 
A 2 LYS A 74  ? THR A 79  ? LYS A 73  THR A 78  
A 3 TRP A 46  ? ILE A 49  ? TRP A 45  ILE A 48  
A 4 VAL A 4   ? GLY A 9   ? VAL A 3   GLY A 8   
A 5 GLY A 133 ? LEU A 137 ? GLY A 132 LEU A 136 
A 6 ILE A 164 ? ILE A 167 ? ILE A 163 ILE A 166 
# 
loop_
_pdbx_struct_sheet_hbond.sheet_id 
_pdbx_struct_sheet_hbond.range_id_1 
_pdbx_struct_sheet_hbond.range_id_2 
_pdbx_struct_sheet_hbond.range_1_label_atom_id 
_pdbx_struct_sheet_hbond.range_1_label_comp_id 
_pdbx_struct_sheet_hbond.range_1_label_asym_id 
_pdbx_struct_sheet_hbond.range_1_label_seq_id 
_pdbx_struct_sheet_hbond.range_1_PDB_ins_code 
_pdbx_struct_sheet_hbond.range_1_auth_atom_id 
_pdbx_struct_sheet_hbond.range_1_auth_comp_id 
_pdbx_struct_sheet_hbond.range_1_auth_asym_id 
_pdbx_struct_sheet_hbond.range_1_auth_seq_id 
_pdbx_struct_sheet_hbond.range_2_label_atom_id 
_pdbx_struct_sheet_hbond.range_2_label_comp_id 
_pdbx_struct_sheet_hbond.range_2_label_asym_id 
_pdbx_struct_sheet_hbond.range_2_label_seq_id 
_pdbx_struct_sheet_hbond.range_2_PDB_ins_code 
_pdbx_struct_sheet_hbond.range_2_auth_atom_id 
_pdbx_struct_sheet_hbond.range_2_auth_comp_id 
_pdbx_struct_sheet_hbond.range_2_auth_asym_id 
_pdbx_struct_sheet_hbond.range_2_auth_seq_id 
A 1 2 O TYR A 105 ? O TYR A 104 N VAL A 77  ? N VAL A 76  
A 2 3 O ALA A 76  ? O ALA A 75  N ILE A 47  ? N ILE A 46  
A 3 4 O TRP A 46  ? O TRP A 45  N LEU A 5   ? N LEU A 4   
A 4 5 N ALA A 6   ? N ALA A 5   O LEU A 135 ? O LEU A 134 
A 5 6 N LEU A 134 ? N LEU A 133 O TYR A 165 ? O TYR A 164 
# 
loop_
_pdbx_validate_torsion.id 
_pdbx_validate_torsion.PDB_model_num 
_pdbx_validate_torsion.auth_comp_id 
_pdbx_validate_torsion.auth_asym_id 
_pdbx_validate_torsion.auth_seq_id 
_pdbx_validate_torsion.PDB_ins_code 
_pdbx_validate_torsion.label_alt_id 
_pdbx_validate_torsion.phi 
_pdbx_validate_torsion.psi 
1 1 HIS A 110 ? ? -93.90  48.89   
2 1 GLU A 114 ? ? -123.91 -51.13  
3 1 GLU A 142 ? ? 60.66   -136.86 
4 1 TYR A 161 ? ? -31.93  112.90  
# 
_pdbx_SG_project.id                    1 
_pdbx_SG_project.project_name          'PSI, Protein Structure Initiative' 
_pdbx_SG_project.full_name_of_center   'New York SGX Research Center for Structural Genomics' 
_pdbx_SG_project.initial_of_center     NYSGXRC 
# 
_pdbx_database_remark.id     300 
_pdbx_database_remark.text   
;Author states that biological unit
for the protein is not yet known
;
# 
loop_
_pdbx_unobs_or_zero_occ_residues.id 
_pdbx_unobs_or_zero_occ_residues.PDB_model_num 
_pdbx_unobs_or_zero_occ_residues.polymer_flag 
_pdbx_unobs_or_zero_occ_residues.occupancy_flag 
_pdbx_unobs_or_zero_occ_residues.auth_asym_id 
_pdbx_unobs_or_zero_occ_residues.auth_comp_id 
_pdbx_unobs_or_zero_occ_residues.auth_seq_id 
_pdbx_unobs_or_zero_occ_residues.PDB_ins_code 
_pdbx_unobs_or_zero_occ_residues.label_asym_id 
_pdbx_unobs_or_zero_occ_residues.label_comp_id 
_pdbx_unobs_or_zero_occ_residues.label_seq_id 
1 1 Y 1 A ASP 178 ? A ASP 179 
2 1 Y 1 A SER 179 ? A SER 180 
3 1 Y 1 A TYR 180 ? A TYR 181 
# 
loop_
_chem_comp_atom.comp_id 
_chem_comp_atom.atom_id 
_chem_comp_atom.type_symbol 
_chem_comp_atom.pdbx_aromatic_flag 
_chem_comp_atom.pdbx_stereo_config 
_chem_comp_atom.pdbx_ordinal 
ALA N    N N N 1   
ALA CA   C N S 2   
ALA C    C N N 3   
ALA O    O N N 4   
ALA CB   C N N 5   
ALA OXT  O N N 6   
ALA H    H N N 7   
ALA H2   H N N 8   
ALA HA   H N N 9   
ALA HB1  H N N 10  
ALA HB2  H N N 11  
ALA HB3  H N N 12  
ALA HXT  H N N 13  
ARG N    N N N 14  
ARG CA   C N S 15  
ARG C    C N N 16  
ARG O    O N N 17  
ARG CB   C N N 18  
ARG CG   C N N 19  
ARG CD   C N N 20  
ARG NE   N N N 21  
ARG CZ   C N N 22  
ARG NH1  N N N 23  
ARG NH2  N N N 24  
ARG OXT  O N N 25  
ARG H    H N N 26  
ARG H2   H N N 27  
ARG HA   H N N 28  
ARG HB2  H N N 29  
ARG HB3  H N N 30  
ARG HG2  H N N 31  
ARG HG3  H N N 32  
ARG HD2  H N N 33  
ARG HD3  H N N 34  
ARG HE   H N N 35  
ARG HH11 H N N 36  
ARG HH12 H N N 37  
ARG HH21 H N N 38  
ARG HH22 H N N 39  
ARG HXT  H N N 40  
ASN N    N N N 41  
ASN CA   C N S 42  
ASN C    C N N 43  
ASN O    O N N 44  
ASN CB   C N N 45  
ASN CG   C N N 46  
ASN OD1  O N N 47  
ASN ND2  N N N 48  
ASN OXT  O N N 49  
ASN H    H N N 50  
ASN H2   H N N 51  
ASN HA   H N N 52  
ASN HB2  H N N 53  
ASN HB3  H N N 54  
ASN HD21 H N N 55  
ASN HD22 H N N 56  
ASN HXT  H N N 57  
ASP N    N N N 58  
ASP CA   C N S 59  
ASP C    C N N 60  
ASP O    O N N 61  
ASP CB   C N N 62  
ASP CG   C N N 63  
ASP OD1  O N N 64  
ASP OD2  O N N 65  
ASP OXT  O N N 66  
ASP H    H N N 67  
ASP H2   H N N 68  
ASP HA   H N N 69  
ASP HB2  H N N 70  
ASP HB3  H N N 71  
ASP HD2  H N N 72  
ASP HXT  H N N 73  
GLN N    N N N 74  
GLN CA   C N S 75  
GLN C    C N N 76  
GLN O    O N N 77  
GLN CB   C N N 78  
GLN CG   C N N 79  
GLN CD   C N N 80  
GLN OE1  O N N 81  
GLN NE2  N N N 82  
GLN OXT  O N N 83  
GLN H    H N N 84  
GLN H2   H N N 85  
GLN HA   H N N 86  
GLN HB2  H N N 87  
GLN HB3  H N N 88  
GLN HG2  H N N 89  
GLN HG3  H N N 90  
GLN HE21 H N N 91  
GLN HE22 H N N 92  
GLN HXT  H N N 93  
GLU N    N N N 94  
GLU CA   C N S 95  
GLU C    C N N 96  
GLU O    O N N 97  
GLU CB   C N N 98  
GLU CG   C N N 99  
GLU CD   C N N 100 
GLU OE1  O N N 101 
GLU OE2  O N N 102 
GLU OXT  O N N 103 
GLU H    H N N 104 
GLU H2   H N N 105 
GLU HA   H N N 106 
GLU HB2  H N N 107 
GLU HB3  H N N 108 
GLU HG2  H N N 109 
GLU HG3  H N N 110 
GLU HE2  H N N 111 
GLU HXT  H N N 112 
GLY N    N N N 113 
GLY CA   C N N 114 
GLY C    C N N 115 
GLY O    O N N 116 
GLY OXT  O N N 117 
GLY H    H N N 118 
GLY H2   H N N 119 
GLY HA2  H N N 120 
GLY HA3  H N N 121 
GLY HXT  H N N 122 
HIS N    N N N 123 
HIS CA   C N S 124 
HIS C    C N N 125 
HIS O    O N N 126 
HIS CB   C N N 127 
HIS CG   C Y N 128 
HIS ND1  N Y N 129 
HIS CD2  C Y N 130 
HIS CE1  C Y N 131 
HIS NE2  N Y N 132 
HIS OXT  O N N 133 
HIS H    H N N 134 
HIS H2   H N N 135 
HIS HA   H N N 136 
HIS HB2  H N N 137 
HIS HB3  H N N 138 
HIS HD1  H N N 139 
HIS HD2  H N N 140 
HIS HE1  H N N 141 
HIS HE2  H N N 142 
HIS HXT  H N N 143 
HOH O    O N N 144 
HOH H1   H N N 145 
HOH H2   H N N 146 
ILE N    N N N 147 
ILE CA   C N S 148 
ILE C    C N N 149 
ILE O    O N N 150 
ILE CB   C N S 151 
ILE CG1  C N N 152 
ILE CG2  C N N 153 
ILE CD1  C N N 154 
ILE OXT  O N N 155 
ILE H    H N N 156 
ILE H2   H N N 157 
ILE HA   H N N 158 
ILE HB   H N N 159 
ILE HG12 H N N 160 
ILE HG13 H N N 161 
ILE HG21 H N N 162 
ILE HG22 H N N 163 
ILE HG23 H N N 164 
ILE HD11 H N N 165 
ILE HD12 H N N 166 
ILE HD13 H N N 167 
ILE HXT  H N N 168 
LEU N    N N N 169 
LEU CA   C N S 170 
LEU C    C N N 171 
LEU O    O N N 172 
LEU CB   C N N 173 
LEU CG   C N N 174 
LEU CD1  C N N 175 
LEU CD2  C N N 176 
LEU OXT  O N N 177 
LEU H    H N N 178 
LEU H2   H N N 179 
LEU HA   H N N 180 
LEU HB2  H N N 181 
LEU HB3  H N N 182 
LEU HG   H N N 183 
LEU HD11 H N N 184 
LEU HD12 H N N 185 
LEU HD13 H N N 186 
LEU HD21 H N N 187 
LEU HD22 H N N 188 
LEU HD23 H N N 189 
LEU HXT  H N N 190 
LYS N    N N N 191 
LYS CA   C N S 192 
LYS C    C N N 193 
LYS O    O N N 194 
LYS CB   C N N 195 
LYS CG   C N N 196 
LYS CD   C N N 197 
LYS CE   C N N 198 
LYS NZ   N N N 199 
LYS OXT  O N N 200 
LYS H    H N N 201 
LYS H2   H N N 202 
LYS HA   H N N 203 
LYS HB2  H N N 204 
LYS HB3  H N N 205 
LYS HG2  H N N 206 
LYS HG3  H N N 207 
LYS HD2  H N N 208 
LYS HD3  H N N 209 
LYS HE2  H N N 210 
LYS HE3  H N N 211 
LYS HZ1  H N N 212 
LYS HZ2  H N N 213 
LYS HZ3  H N N 214 
LYS HXT  H N N 215 
MET N    N N N 216 
MET CA   C N S 217 
MET C    C N N 218 
MET O    O N N 219 
MET CB   C N N 220 
MET CG   C N N 221 
MET SD   S N N 222 
MET CE   C N N 223 
MET OXT  O N N 224 
MET H    H N N 225 
MET H2   H N N 226 
MET HA   H N N 227 
MET HB2  H N N 228 
MET HB3  H N N 229 
MET HG2  H N N 230 
MET HG3  H N N 231 
MET HE1  H N N 232 
MET HE2  H N N 233 
MET HE3  H N N 234 
MET HXT  H N N 235 
PHE N    N N N 236 
PHE CA   C N S 237 
PHE C    C N N 238 
PHE O    O N N 239 
PHE CB   C N N 240 
PHE CG   C Y N 241 
PHE CD1  C Y N 242 
PHE CD2  C Y N 243 
PHE CE1  C Y N 244 
PHE CE2  C Y N 245 
PHE CZ   C Y N 246 
PHE OXT  O N N 247 
PHE H    H N N 248 
PHE H2   H N N 249 
PHE HA   H N N 250 
PHE HB2  H N N 251 
PHE HB3  H N N 252 
PHE HD1  H N N 253 
PHE HD2  H N N 254 
PHE HE1  H N N 255 
PHE HE2  H N N 256 
PHE HZ   H N N 257 
PHE HXT  H N N 258 
PRO N    N N N 259 
PRO CA   C N S 260 
PRO C    C N N 261 
PRO O    O N N 262 
PRO CB   C N N 263 
PRO CG   C N N 264 
PRO CD   C N N 265 
PRO OXT  O N N 266 
PRO H    H N N 267 
PRO HA   H N N 268 
PRO HB2  H N N 269 
PRO HB3  H N N 270 
PRO HG2  H N N 271 
PRO HG3  H N N 272 
PRO HD2  H N N 273 
PRO HD3  H N N 274 
PRO HXT  H N N 275 
SER N    N N N 276 
SER CA   C N S 277 
SER C    C N N 278 
SER O    O N N 279 
SER CB   C N N 280 
SER OG   O N N 281 
SER OXT  O N N 282 
SER H    H N N 283 
SER H2   H N N 284 
SER HA   H N N 285 
SER HB2  H N N 286 
SER HB3  H N N 287 
SER HG   H N N 288 
SER HXT  H N N 289 
THR N    N N N 290 
THR CA   C N S 291 
THR C    C N N 292 
THR O    O N N 293 
THR CB   C N R 294 
THR OG1  O N N 295 
THR CG2  C N N 296 
THR OXT  O N N 297 
THR H    H N N 298 
THR H2   H N N 299 
THR HA   H N N 300 
THR HB   H N N 301 
THR HG1  H N N 302 
THR HG21 H N N 303 
THR HG22 H N N 304 
THR HG23 H N N 305 
THR HXT  H N N 306 
TRP N    N N N 307 
TRP CA   C N S 308 
TRP C    C N N 309 
TRP O    O N N 310 
TRP CB   C N N 311 
TRP CG   C Y N 312 
TRP CD1  C Y N 313 
TRP CD2  C Y N 314 
TRP NE1  N Y N 315 
TRP CE2  C Y N 316 
TRP CE3  C Y N 317 
TRP CZ2  C Y N 318 
TRP CZ3  C Y N 319 
TRP CH2  C Y N 320 
TRP OXT  O N N 321 
TRP H    H N N 322 
TRP H2   H N N 323 
TRP HA   H N N 324 
TRP HB2  H N N 325 
TRP HB3  H N N 326 
TRP HD1  H N N 327 
TRP HE1  H N N 328 
TRP HE3  H N N 329 
TRP HZ2  H N N 330 
TRP HZ3  H N N 331 
TRP HH2  H N N 332 
TRP HXT  H N N 333 
TYR N    N N N 334 
TYR CA   C N S 335 
TYR C    C N N 336 
TYR O    O N N 337 
TYR CB   C N N 338 
TYR CG   C Y N 339 
TYR CD1  C Y N 340 
TYR CD2  C Y N 341 
TYR CE1  C Y N 342 
TYR CE2  C Y N 343 
TYR CZ   C Y N 344 
TYR OH   O N N 345 
TYR OXT  O N N 346 
TYR H    H N N 347 
TYR H2   H N N 348 
TYR HA   H N N 349 
TYR HB2  H N N 350 
TYR HB3  H N N 351 
TYR HD1  H N N 352 
TYR HD2  H N N 353 
TYR HE1  H N N 354 
TYR HE2  H N N 355 
TYR HH   H N N 356 
TYR HXT  H N N 357 
VAL N    N N N 358 
VAL CA   C N S 359 
VAL C    C N N 360 
VAL O    O N N 361 
VAL CB   C N N 362 
VAL CG1  C N N 363 
VAL CG2  C N N 364 
VAL OXT  O N N 365 
VAL H    H N N 366 
VAL H2   H N N 367 
VAL HA   H N N 368 
VAL HB   H N N 369 
VAL HG11 H N N 370 
VAL HG12 H N N 371 
VAL HG13 H N N 372 
VAL HG21 H N N 373 
VAL HG22 H N N 374 
VAL HG23 H N N 375 
VAL HXT  H N N 376 
# 
loop_
_chem_comp_bond.comp_id 
_chem_comp_bond.atom_id_1 
_chem_comp_bond.atom_id_2 
_chem_comp_bond.value_order 
_chem_comp_bond.pdbx_aromatic_flag 
_chem_comp_bond.pdbx_stereo_config 
_chem_comp_bond.pdbx_ordinal 
ALA N   CA   sing N N 1   
ALA N   H    sing N N 2   
ALA N   H2   sing N N 3   
ALA CA  C    sing N N 4   
ALA CA  CB   sing N N 5   
ALA CA  HA   sing N N 6   
ALA C   O    doub N N 7   
ALA C   OXT  sing N N 8   
ALA CB  HB1  sing N N 9   
ALA CB  HB2  sing N N 10  
ALA CB  HB3  sing N N 11  
ALA OXT HXT  sing N N 12  
ARG N   CA   sing N N 13  
ARG N   H    sing N N 14  
ARG N   H2   sing N N 15  
ARG CA  C    sing N N 16  
ARG CA  CB   sing N N 17  
ARG CA  HA   sing N N 18  
ARG C   O    doub N N 19  
ARG C   OXT  sing N N 20  
ARG CB  CG   sing N N 21  
ARG CB  HB2  sing N N 22  
ARG CB  HB3  sing N N 23  
ARG CG  CD   sing N N 24  
ARG CG  HG2  sing N N 25  
ARG CG  HG3  sing N N 26  
ARG CD  NE   sing N N 27  
ARG CD  HD2  sing N N 28  
ARG CD  HD3  sing N N 29  
ARG NE  CZ   sing N N 30  
ARG NE  HE   sing N N 31  
ARG CZ  NH1  sing N N 32  
ARG CZ  NH2  doub N N 33  
ARG NH1 HH11 sing N N 34  
ARG NH1 HH12 sing N N 35  
ARG NH2 HH21 sing N N 36  
ARG NH2 HH22 sing N N 37  
ARG OXT HXT  sing N N 38  
ASN N   CA   sing N N 39  
ASN N   H    sing N N 40  
ASN N   H2   sing N N 41  
ASN CA  C    sing N N 42  
ASN CA  CB   sing N N 43  
ASN CA  HA   sing N N 44  
ASN C   O    doub N N 45  
ASN C   OXT  sing N N 46  
ASN CB  CG   sing N N 47  
ASN CB  HB2  sing N N 48  
ASN CB  HB3  sing N N 49  
ASN CG  OD1  doub N N 50  
ASN CG  ND2  sing N N 51  
ASN ND2 HD21 sing N N 52  
ASN ND2 HD22 sing N N 53  
ASN OXT HXT  sing N N 54  
ASP N   CA   sing N N 55  
ASP N   H    sing N N 56  
ASP N   H2   sing N N 57  
ASP CA  C    sing N N 58  
ASP CA  CB   sing N N 59  
ASP CA  HA   sing N N 60  
ASP C   O    doub N N 61  
ASP C   OXT  sing N N 62  
ASP CB  CG   sing N N 63  
ASP CB  HB2  sing N N 64  
ASP CB  HB3  sing N N 65  
ASP CG  OD1  doub N N 66  
ASP CG  OD2  sing N N 67  
ASP OD2 HD2  sing N N 68  
ASP OXT HXT  sing N N 69  
GLN N   CA   sing N N 70  
GLN N   H    sing N N 71  
GLN N   H2   sing N N 72  
GLN CA  C    sing N N 73  
GLN CA  CB   sing N N 74  
GLN CA  HA   sing N N 75  
GLN C   O    doub N N 76  
GLN C   OXT  sing N N 77  
GLN CB  CG   sing N N 78  
GLN CB  HB2  sing N N 79  
GLN CB  HB3  sing N N 80  
GLN CG  CD   sing N N 81  
GLN CG  HG2  sing N N 82  
GLN CG  HG3  sing N N 83  
GLN CD  OE1  doub N N 84  
GLN CD  NE2  sing N N 85  
GLN NE2 HE21 sing N N 86  
GLN NE2 HE22 sing N N 87  
GLN OXT HXT  sing N N 88  
GLU N   CA   sing N N 89  
GLU N   H    sing N N 90  
GLU N   H2   sing N N 91  
GLU CA  C    sing N N 92  
GLU CA  CB   sing N N 93  
GLU CA  HA   sing N N 94  
GLU C   O    doub N N 95  
GLU C   OXT  sing N N 96  
GLU CB  CG   sing N N 97  
GLU CB  HB2  sing N N 98  
GLU CB  HB3  sing N N 99  
GLU CG  CD   sing N N 100 
GLU CG  HG2  sing N N 101 
GLU CG  HG3  sing N N 102 
GLU CD  OE1  doub N N 103 
GLU CD  OE2  sing N N 104 
GLU OE2 HE2  sing N N 105 
GLU OXT HXT  sing N N 106 
GLY N   CA   sing N N 107 
GLY N   H    sing N N 108 
GLY N   H2   sing N N 109 
GLY CA  C    sing N N 110 
GLY CA  HA2  sing N N 111 
GLY CA  HA3  sing N N 112 
GLY C   O    doub N N 113 
GLY C   OXT  sing N N 114 
GLY OXT HXT  sing N N 115 
HIS N   CA   sing N N 116 
HIS N   H    sing N N 117 
HIS N   H2   sing N N 118 
HIS CA  C    sing N N 119 
HIS CA  CB   sing N N 120 
HIS CA  HA   sing N N 121 
HIS C   O    doub N N 122 
HIS C   OXT  sing N N 123 
HIS CB  CG   sing N N 124 
HIS CB  HB2  sing N N 125 
HIS CB  HB3  sing N N 126 
HIS CG  ND1  sing Y N 127 
HIS CG  CD2  doub Y N 128 
HIS ND1 CE1  doub Y N 129 
HIS ND1 HD1  sing N N 130 
HIS CD2 NE2  sing Y N 131 
HIS CD2 HD2  sing N N 132 
HIS CE1 NE2  sing Y N 133 
HIS CE1 HE1  sing N N 134 
HIS NE2 HE2  sing N N 135 
HIS OXT HXT  sing N N 136 
HOH O   H1   sing N N 137 
HOH O   H2   sing N N 138 
ILE N   CA   sing N N 139 
ILE N   H    sing N N 140 
ILE N   H2   sing N N 141 
ILE CA  C    sing N N 142 
ILE CA  CB   sing N N 143 
ILE CA  HA   sing N N 144 
ILE C   O    doub N N 145 
ILE C   OXT  sing N N 146 
ILE CB  CG1  sing N N 147 
ILE CB  CG2  sing N N 148 
ILE CB  HB   sing N N 149 
ILE CG1 CD1  sing N N 150 
ILE CG1 HG12 sing N N 151 
ILE CG1 HG13 sing N N 152 
ILE CG2 HG21 sing N N 153 
ILE CG2 HG22 sing N N 154 
ILE CG2 HG23 sing N N 155 
ILE CD1 HD11 sing N N 156 
ILE CD1 HD12 sing N N 157 
ILE CD1 HD13 sing N N 158 
ILE OXT HXT  sing N N 159 
LEU N   CA   sing N N 160 
LEU N   H    sing N N 161 
LEU N   H2   sing N N 162 
LEU CA  C    sing N N 163 
LEU CA  CB   sing N N 164 
LEU CA  HA   sing N N 165 
LEU C   O    doub N N 166 
LEU C   OXT  sing N N 167 
LEU CB  CG   sing N N 168 
LEU CB  HB2  sing N N 169 
LEU CB  HB3  sing N N 170 
LEU CG  CD1  sing N N 171 
LEU CG  CD2  sing N N 172 
LEU CG  HG   sing N N 173 
LEU CD1 HD11 sing N N 174 
LEU CD1 HD12 sing N N 175 
LEU CD1 HD13 sing N N 176 
LEU CD2 HD21 sing N N 177 
LEU CD2 HD22 sing N N 178 
LEU CD2 HD23 sing N N 179 
LEU OXT HXT  sing N N 180 
LYS N   CA   sing N N 181 
LYS N   H    sing N N 182 
LYS N   H2   sing N N 183 
LYS CA  C    sing N N 184 
LYS CA  CB   sing N N 185 
LYS CA  HA   sing N N 186 
LYS C   O    doub N N 187 
LYS C   OXT  sing N N 188 
LYS CB  CG   sing N N 189 
LYS CB  HB2  sing N N 190 
LYS CB  HB3  sing N N 191 
LYS CG  CD   sing N N 192 
LYS CG  HG2  sing N N 193 
LYS CG  HG3  sing N N 194 
LYS CD  CE   sing N N 195 
LYS CD  HD2  sing N N 196 
LYS CD  HD3  sing N N 197 
LYS CE  NZ   sing N N 198 
LYS CE  HE2  sing N N 199 
LYS CE  HE3  sing N N 200 
LYS NZ  HZ1  sing N N 201 
LYS NZ  HZ2  sing N N 202 
LYS NZ  HZ3  sing N N 203 
LYS OXT HXT  sing N N 204 
MET N   CA   sing N N 205 
MET N   H    sing N N 206 
MET N   H2   sing N N 207 
MET CA  C    sing N N 208 
MET CA  CB   sing N N 209 
MET CA  HA   sing N N 210 
MET C   O    doub N N 211 
MET C   OXT  sing N N 212 
MET CB  CG   sing N N 213 
MET CB  HB2  sing N N 214 
MET CB  HB3  sing N N 215 
MET CG  SD   sing N N 216 
MET CG  HG2  sing N N 217 
MET CG  HG3  sing N N 218 
MET SD  CE   sing N N 219 
MET CE  HE1  sing N N 220 
MET CE  HE2  sing N N 221 
MET CE  HE3  sing N N 222 
MET OXT HXT  sing N N 223 
PHE N   CA   sing N N 224 
PHE N   H    sing N N 225 
PHE N   H2   sing N N 226 
PHE CA  C    sing N N 227 
PHE CA  CB   sing N N 228 
PHE CA  HA   sing N N 229 
PHE C   O    doub N N 230 
PHE C   OXT  sing N N 231 
PHE CB  CG   sing N N 232 
PHE CB  HB2  sing N N 233 
PHE CB  HB3  sing N N 234 
PHE CG  CD1  doub Y N 235 
PHE CG  CD2  sing Y N 236 
PHE CD1 CE1  sing Y N 237 
PHE CD1 HD1  sing N N 238 
PHE CD2 CE2  doub Y N 239 
PHE CD2 HD2  sing N N 240 
PHE CE1 CZ   doub Y N 241 
PHE CE1 HE1  sing N N 242 
PHE CE2 CZ   sing Y N 243 
PHE CE2 HE2  sing N N 244 
PHE CZ  HZ   sing N N 245 
PHE OXT HXT  sing N N 246 
PRO N   CA   sing N N 247 
PRO N   CD   sing N N 248 
PRO N   H    sing N N 249 
PRO CA  C    sing N N 250 
PRO CA  CB   sing N N 251 
PRO CA  HA   sing N N 252 
PRO C   O    doub N N 253 
PRO C   OXT  sing N N 254 
PRO CB  CG   sing N N 255 
PRO CB  HB2  sing N N 256 
PRO CB  HB3  sing N N 257 
PRO CG  CD   sing N N 258 
PRO CG  HG2  sing N N 259 
PRO CG  HG3  sing N N 260 
PRO CD  HD2  sing N N 261 
PRO CD  HD3  sing N N 262 
PRO OXT HXT  sing N N 263 
SER N   CA   sing N N 264 
SER N   H    sing N N 265 
SER N   H2   sing N N 266 
SER CA  C    sing N N 267 
SER CA  CB   sing N N 268 
SER CA  HA   sing N N 269 
SER C   O    doub N N 270 
SER C   OXT  sing N N 271 
SER CB  OG   sing N N 272 
SER CB  HB2  sing N N 273 
SER CB  HB3  sing N N 274 
SER OG  HG   sing N N 275 
SER OXT HXT  sing N N 276 
THR N   CA   sing N N 277 
THR N   H    sing N N 278 
THR N   H2   sing N N 279 
THR CA  C    sing N N 280 
THR CA  CB   sing N N 281 
THR CA  HA   sing N N 282 
THR C   O    doub N N 283 
THR C   OXT  sing N N 284 
THR CB  OG1  sing N N 285 
THR CB  CG2  sing N N 286 
THR CB  HB   sing N N 287 
THR OG1 HG1  sing N N 288 
THR CG2 HG21 sing N N 289 
THR CG2 HG22 sing N N 290 
THR CG2 HG23 sing N N 291 
THR OXT HXT  sing N N 292 
TRP N   CA   sing N N 293 
TRP N   H    sing N N 294 
TRP N   H2   sing N N 295 
TRP CA  C    sing N N 296 
TRP CA  CB   sing N N 297 
TRP CA  HA   sing N N 298 
TRP C   O    doub N N 299 
TRP C   OXT  sing N N 300 
TRP CB  CG   sing N N 301 
TRP CB  HB2  sing N N 302 
TRP CB  HB3  sing N N 303 
TRP CG  CD1  doub Y N 304 
TRP CG  CD2  sing Y N 305 
TRP CD1 NE1  sing Y N 306 
TRP CD1 HD1  sing N N 307 
TRP CD2 CE2  doub Y N 308 
TRP CD2 CE3  sing Y N 309 
TRP NE1 CE2  sing Y N 310 
TRP NE1 HE1  sing N N 311 
TRP CE2 CZ2  sing Y N 312 
TRP CE3 CZ3  doub Y N 313 
TRP CE3 HE3  sing N N 314 
TRP CZ2 CH2  doub Y N 315 
TRP CZ2 HZ2  sing N N 316 
TRP CZ3 CH2  sing Y N 317 
TRP CZ3 HZ3  sing N N 318 
TRP CH2 HH2  sing N N 319 
TRP OXT HXT  sing N N 320 
TYR N   CA   sing N N 321 
TYR N   H    sing N N 322 
TYR N   H2   sing N N 323 
TYR CA  C    sing N N 324 
TYR CA  CB   sing N N 325 
TYR CA  HA   sing N N 326 
TYR C   O    doub N N 327 
TYR C   OXT  sing N N 328 
TYR CB  CG   sing N N 329 
TYR CB  HB2  sing N N 330 
TYR CB  HB3  sing N N 331 
TYR CG  CD1  doub Y N 332 
TYR CG  CD2  sing Y N 333 
TYR CD1 CE1  sing Y N 334 
TYR CD1 HD1  sing N N 335 
TYR CD2 CE2  doub Y N 336 
TYR CD2 HD2  sing N N 337 
TYR CE1 CZ   doub Y N 338 
TYR CE1 HE1  sing N N 339 
TYR CE2 CZ   sing Y N 340 
TYR CE2 HE2  sing N N 341 
TYR CZ  OH   sing N N 342 
TYR OH  HH   sing N N 343 
TYR OXT HXT  sing N N 344 
VAL N   CA   sing N N 345 
VAL N   H    sing N N 346 
VAL N   H2   sing N N 347 
VAL CA  C    sing N N 348 
VAL CA  CB   sing N N 349 
VAL CA  HA   sing N N 350 
VAL C   O    doub N N 351 
VAL C   OXT  sing N N 352 
VAL CB  CG1  sing N N 353 
VAL CB  CG2  sing N N 354 
VAL CB  HB   sing N N 355 
VAL CG1 HG11 sing N N 356 
VAL CG1 HG12 sing N N 357 
VAL CG1 HG13 sing N N 358 
VAL CG2 HG21 sing N N 359 
VAL CG2 HG22 sing N N 360 
VAL CG2 HG23 sing N N 361 
VAL OXT HXT  sing N N 362 
# 
_atom_sites.entry_id                    2NX2 
_atom_sites.fract_transf_matrix[1][1]   0.00308214 
_atom_sites.fract_transf_matrix[1][2]   -0.00560542 
_atom_sites.fract_transf_matrix[1][3]   -0.01851403 
_atom_sites.fract_transf_matrix[2][1]   0.00341781 
_atom_sites.fract_transf_matrix[2][2]   -0.01829482 
_atom_sites.fract_transf_matrix[2][3]   0.00610803 
_atom_sites.fract_transf_matrix[3][1]   -0.00703247 
_atom_sites.fract_transf_matrix[3][2]   -0.00154817 
_atom_sites.fract_transf_matrix[3][3]   -0.00070200 
_atom_sites.fract_transf_vector[1]      0.213452 
_atom_sites.fract_transf_vector[2]      0.250902 
_atom_sites.fract_transf_vector[3]      0.313963 
# 
loop_
_atom_type.symbol 
C 
N 
O 
S 
# 
loop_
_atom_site.group_PDB 
_atom_site.id 
_atom_site.type_symbol 
_atom_site.label_atom_id 
_atom_site.label_alt_id 
_atom_site.label_comp_id 
_atom_site.label_asym_id 
_atom_site.label_entity_id 
_atom_site.label_seq_id 
_atom_site.pdbx_PDB_ins_code 
_atom_site.Cartn_x 
_atom_site.Cartn_y 
_atom_site.Cartn_z 
_atom_site.occupancy 
_atom_site.B_iso_or_equiv 
_atom_site.pdbx_formal_charge 
_atom_site.auth_seq_id 
_atom_site.auth_comp_id 
_atom_site.auth_asym_id 
_atom_site.auth_atom_id 
_atom_site.pdbx_PDB_model_num 
ATOM   1    N N   . SER A 1 1   ? 16.837  -10.639 1.804   1.00 37.24 ? 0   SER A N   1 
ATOM   2    C CA  . SER A 1 1   ? 16.605  -9.764  0.618   1.00 37.23 ? 0   SER A CA  1 
ATOM   3    C C   . SER A 1 1   ? 15.116  -9.423  0.447   1.00 35.88 ? 0   SER A C   1 
ATOM   4    O O   . SER A 1 1   ? 14.232  -10.305 0.556   1.00 36.08 ? 0   SER A O   1 
ATOM   5    C CB  . SER A 1 1   ? 17.158  -10.405 -0.660  1.00 37.50 ? 0   SER A CB  1 
ATOM   6    O OG  . SER A 1 1   ? 17.217  -9.441  -1.716  1.00 41.38 ? 0   SER A OG  1 
ATOM   7    N N   . LEU A 1 2   ? 14.851  -8.149  0.172   1.00 33.56 ? 1   LEU A N   1 
ATOM   8    C CA  . LEU A 1 2   ? 13.475  -7.642  0.128   1.00 31.18 ? 1   LEU A CA  1 
ATOM   9    C C   . LEU A 1 2   ? 12.923  -7.760  -1.291  1.00 29.29 ? 1   LEU A C   1 
ATOM   10   O O   . LEU A 1 2   ? 13.116  -6.865  -2.118  1.00 29.13 ? 1   LEU A O   1 
ATOM   11   C CB  . LEU A 1 2   ? 13.431  -6.188  0.610   1.00 31.05 ? 1   LEU A CB  1 
ATOM   12   C CG  . LEU A 1 2   ? 12.140  -5.507  1.089   1.00 31.72 ? 1   LEU A CG  1 
ATOM   13   C CD1 . LEU A 1 2   ? 10.869  -6.139  0.515   1.00 29.06 ? 1   LEU A CD1 1 
ATOM   14   C CD2 . LEU A 1 2   ? 12.078  -5.469  2.598   1.00 30.85 ? 1   LEU A CD2 1 
ATOM   15   N N   . LYS A 1 3   ? 12.252  -8.873  -1.561  1.00 27.17 ? 2   LYS A N   1 
ATOM   16   C CA  . LYS A 1 3   ? 11.687  -9.132  -2.883  1.00 26.22 ? 2   LYS A CA  1 
ATOM   17   C C   . LYS A 1 3   ? 10.200  -8.773  -2.966  1.00 24.47 ? 2   LYS A C   1 
ATOM   18   O O   . LYS A 1 3   ? 9.737   -8.285  -3.995  1.00 24.83 ? 2   LYS A O   1 
ATOM   19   C CB  . LYS A 1 3   ? 11.914  -10.587 -3.275  1.00 26.91 ? 2   LYS A CB  1 
ATOM   20   C CG  . LYS A 1 3   ? 13.402  -10.950 -3.479  1.00 29.55 ? 2   LYS A CG  1 
ATOM   21   C CD  . LYS A 1 3   ? 13.542  -12.463 -3.559  1.00 34.30 ? 2   LYS A CD  1 
ATOM   22   C CE  . LYS A 1 3   ? 14.818  -12.894 -4.257  1.00 37.06 ? 2   LYS A CE  1 
ATOM   23   N NZ  . LYS A 1 3   ? 14.702  -14.352 -4.597  1.00 39.68 ? 2   LYS A NZ  1 
ATOM   24   N N   . VAL A 1 4   ? 9.475   -9.020  -1.873  1.00 22.69 ? 3   VAL A N   1 
ATOM   25   C CA  . VAL A 1 4   ? 8.049   -8.758  -1.774  1.00 21.23 ? 3   VAL A CA  1 
ATOM   26   C C   . VAL A 1 4   ? 7.813   -7.678  -0.724  1.00 20.38 ? 3   VAL A C   1 
ATOM   27   O O   . VAL A 1 4   ? 8.071   -7.889  0.467   1.00 20.06 ? 3   VAL A O   1 
ATOM   28   C CB  . VAL A 1 4   ? 7.231   -10.046 -1.402  1.00 20.94 ? 3   VAL A CB  1 
ATOM   29   C CG1 . VAL A 1 4   ? 5.717   -9.725  -1.348  1.00 19.45 ? 3   VAL A CG1 1 
ATOM   30   C CG2 . VAL A 1 4   ? 7.498   -11.186 -2.414  1.00 20.33 ? 3   VAL A CG2 1 
ATOM   31   N N   . LEU A 1 5   ? 7.330   -6.521  -1.165  1.00 19.67 ? 4   LEU A N   1 
ATOM   32   C CA  . LEU A 1 5   ? 7.046   -5.405  -0.247  1.00 18.98 ? 4   LEU A CA  1 
ATOM   33   C C   . LEU A 1 5   ? 5.546   -5.152  -0.096  1.00 18.25 ? 4   LEU A C   1 
ATOM   34   O O   . LEU A 1 5   ? 4.866   -4.800  -1.067  1.00 17.81 ? 4   LEU A O   1 
ATOM   35   C CB  . LEU A 1 5   ? 7.727   -4.108  -0.724  1.00 19.48 ? 4   LEU A CB  1 
ATOM   36   C CG  . LEU A 1 5   ? 7.547   -2.833  0.122   1.00 19.87 ? 4   LEU A CG  1 
ATOM   37   C CD1 . LEU A 1 5   ? 8.397   -2.907  1.407   1.00 18.17 ? 4   LEU A CD1 1 
ATOM   38   C CD2 . LEU A 1 5   ? 7.854   -1.576  -0.707  1.00 18.42 ? 4   LEU A CD2 1 
ATOM   39   N N   . ALA A 1 6   ? 5.042   -5.300  1.128   1.00 18.15 ? 5   ALA A N   1 
ATOM   40   C CA  . ALA A 1 6   ? 3.671   -4.866  1.404   1.00 17.54 ? 5   ALA A CA  1 
ATOM   41   C C   . ALA A 1 6   ? 3.649   -3.345  1.539   1.00 17.88 ? 5   ALA A C   1 
ATOM   42   O O   . ALA A 1 6   ? 4.591   -2.746  2.099   1.00 16.50 ? 5   ALA A O   1 
ATOM   43   C CB  . ALA A 1 6   ? 3.126   -5.533  2.668   1.00 16.75 ? 5   ALA A CB  1 
ATOM   44   N N   . ILE A 1 7   ? 2.594   -2.721  1.004   1.00 16.89 ? 6   ILE A N   1 
ATOM   45   C CA  . ILE A 1 7   ? 2.415   -1.282  1.157   1.00 17.29 ? 6   ILE A CA  1 
ATOM   46   C C   . ILE A 1 7   ? 1.010   -0.949  1.618   1.00 17.86 ? 6   ILE A C   1 
ATOM   47   O O   . ILE A 1 7   ? 0.022   -1.451  1.053   1.00 17.39 ? 6   ILE A O   1 
ATOM   48   C CB  . ILE A 1 7   ? 2.647   -0.522  -0.158  1.00 17.11 ? 6   ILE A CB  1 
ATOM   49   C CG1 . ILE A 1 7   ? 4.011   -0.905  -0.757  1.00 18.13 ? 6   ILE A CG1 1 
ATOM   50   C CG2 . ILE A 1 7   ? 2.535   1.006   0.077   1.00 15.43 ? 6   ILE A CG2 1 
ATOM   51   C CD1 . ILE A 1 7   ? 4.209   -0.428  -2.180  1.00 16.61 ? 6   ILE A CD1 1 
ATOM   52   N N   . THR A 1 8   ? 0.929   -0.090  2.625   1.00 17.44 ? 7   THR A N   1 
ATOM   53   C CA  . THR A 1 8   ? -0.357  0.444   3.054   1.00 18.26 ? 7   THR A CA  1 
ATOM   54   C C   . THR A 1 8   ? -0.164  1.884   3.502   1.00 18.50 ? 7   THR A C   1 
ATOM   55   O O   . THR A 1 8   ? 0.972   2.393   3.487   1.00 18.55 ? 7   THR A O   1 
ATOM   56   C CB  . THR A 1 8   ? -1.039  -0.431  4.147   1.00 17.45 ? 7   THR A CB  1 
ATOM   57   O OG1 . THR A 1 8   ? -2.442  -0.096  4.226   1.00 18.90 ? 7   THR A OG1 1 
ATOM   58   C CG2 . THR A 1 8   ? -0.390  -0.226  5.532   1.00 17.24 ? 7   THR A CG2 1 
ATOM   59   N N   . GLY A 1 9   ? -1.275  2.519   3.886   1.00 18.57 ? 8   GLY A N   1 
ATOM   60   C CA  . GLY A 1 9   ? -1.292  3.865   4.419   1.00 18.66 ? 8   GLY A CA  1 
ATOM   61   C C   . GLY A 1 9   ? -2.692  4.459   4.488   1.00 18.69 ? 8   GLY A C   1 
ATOM   62   O O   . GLY A 1 9   ? -3.700  3.762   4.285   1.00 18.36 ? 8   GLY A O   1 
ATOM   63   N N   . TYR A 1 10  ? -2.752  5.759   4.761   1.00 18.98 ? 9   TYR A N   1 
ATOM   64   C CA  . TYR A 1 10  ? -4.035  6.460   4.960   1.00 19.68 ? 9   TYR A CA  1 
ATOM   65   C C   . TYR A 1 10  ? -5.037  6.311   3.798   1.00 19.39 ? 9   TYR A C   1 
ATOM   66   O O   . TYR A 1 10  ? -4.661  6.253   2.627   1.00 19.35 ? 9   TYR A O   1 
ATOM   67   C CB  . TYR A 1 10  ? -3.799  7.945   5.219   1.00 19.51 ? 9   TYR A CB  1 
ATOM   68   C CG  . TYR A 1 10  ? -3.053  8.211   6.513   1.00 20.65 ? 9   TYR A CG  1 
ATOM   69   C CD1 . TYR A 1 10  ? -3.647  7.905   7.754   1.00 18.76 ? 9   TYR A CD1 1 
ATOM   70   C CD2 . TYR A 1 10  ? -1.758  8.766   6.503   1.00 19.68 ? 9   TYR A CD2 1 
ATOM   71   C CE1 . TYR A 1 10  ? -2.966  8.133   8.955   1.00 21.32 ? 9   TYR A CE1 1 
ATOM   72   C CE2 . TYR A 1 10  ? -1.061  8.993   7.724   1.00 19.58 ? 9   TYR A CE2 1 
ATOM   73   C CZ  . TYR A 1 10  ? -1.691  8.676   8.931   1.00 20.26 ? 9   TYR A CZ  1 
ATOM   74   O OH  . TYR A 1 10  ? -1.061  8.867   10.140  1.00 23.62 ? 9   TYR A OH  1 
ATOM   75   N N   . LYS A 1 11  ? -6.311  6.262   4.171   1.00 19.23 ? 10  LYS A N   1 
ATOM   76   C CA  . LYS A 1 11  ? -7.433  6.432   3.267   1.00 18.79 ? 10  LYS A CA  1 
ATOM   77   C C   . LYS A 1 11  ? -7.618  7.922   2.949   1.00 18.50 ? 10  LYS A C   1 
ATOM   78   O O   . LYS A 1 11  ? -7.173  8.779   3.724   1.00 18.24 ? 10  LYS A O   1 
ATOM   79   C CB  . LYS A 1 11  ? -8.684  5.843   3.923   1.00 18.72 ? 10  LYS A CB  1 
ATOM   80   C CG  . LYS A 1 11  ? -8.610  4.309   4.075   1.00 21.59 ? 10  LYS A CG  1 
ATOM   81   C CD  . LYS A 1 11  ? -9.839  3.824   4.834   1.00 25.91 ? 10  LYS A CD  1 
ATOM   82   C CE  . LYS A 1 11  ? -9.724  2.422   5.389   1.00 28.63 ? 10  LYS A CE  1 
ATOM   83   N NZ  . LYS A 1 11  ? -10.615 2.362   6.624   1.00 30.55 ? 10  LYS A NZ  1 
ATOM   84   N N   . PRO A 1 12  ? -8.249  8.251   1.801   1.00 19.18 ? 11  PRO A N   1 
ATOM   85   C CA  . PRO A 1 12  ? -8.316  9.671   1.383   1.00 19.55 ? 11  PRO A CA  1 
ATOM   86   C C   . PRO A 1 12  ? -8.911  10.632  2.433   1.00 19.82 ? 11  PRO A C   1 
ATOM   87   O O   . PRO A 1 12  ? -8.390  11.747  2.611   1.00 20.17 ? 11  PRO A O   1 
ATOM   88   C CB  . PRO A 1 12  ? -9.187  9.616   0.117   1.00 19.74 ? 11  PRO A CB  1 
ATOM   89   C CG  . PRO A 1 12  ? -8.882  8.203   -0.432  1.00 19.99 ? 11  PRO A CG  1 
ATOM   90   C CD  . PRO A 1 12  ? -8.900  7.374   0.811   1.00 18.85 ? 11  PRO A CD  1 
ATOM   91   N N   . PHE A 1 13  ? -9.980  10.219  3.113   1.00 19.87 ? 12  PHE A N   1 
ATOM   92   C CA  . PHE A 1 13  ? -10.616 11.086  4.120   1.00 20.37 ? 12  PHE A CA  1 
ATOM   93   C C   . PHE A 1 13  ? -9.651  11.493  5.262   1.00 20.99 ? 12  PHE A C   1 
ATOM   94   O O   . PHE A 1 13  ? -9.727  12.619  5.771   1.00 20.62 ? 12  PHE A O   1 
ATOM   95   C CB  . PHE A 1 13  ? -11.933 10.474  4.664   1.00 20.43 ? 12  PHE A CB  1 
ATOM   96   C CG  . PHE A 1 13  ? -11.745 9.342   5.645   1.00 21.92 ? 12  PHE A CG  1 
ATOM   97   C CD1 . PHE A 1 13  ? -11.435 9.592   6.988   1.00 22.99 ? 12  PHE A CD1 1 
ATOM   98   C CD2 . PHE A 1 13  ? -11.921 8.031   5.242   1.00 22.29 ? 12  PHE A CD2 1 
ATOM   99   C CE1 . PHE A 1 13  ? -11.258 8.545   7.897   1.00 23.31 ? 12  PHE A CE1 1 
ATOM   100  C CE2 . PHE A 1 13  ? -11.764 6.977   6.153   1.00 24.35 ? 12  PHE A CE2 1 
ATOM   101  C CZ  . PHE A 1 13  ? -11.435 7.247   7.483   1.00 22.52 ? 12  PHE A CZ  1 
ATOM   102  N N   . GLU A 1 14  ? -8.740  10.586  5.637   1.00 20.68 ? 13  GLU A N   1 
ATOM   103  C CA  . GLU A 1 14  ? -7.755  10.845  6.684   1.00 21.56 ? 13  GLU A CA  1 
ATOM   104  C C   . GLU A 1 14  ? -6.787  11.959  6.318   1.00 22.76 ? 13  GLU A C   1 
ATOM   105  O O   . GLU A 1 14  ? -6.237  12.624  7.192   1.00 22.67 ? 13  GLU A O   1 
ATOM   106  C CB  . GLU A 1 14  ? -6.979  9.573   7.036   1.00 20.87 ? 13  GLU A CB  1 
ATOM   107  C CG  . GLU A 1 14  ? -7.892  8.472   7.566   1.00 20.75 ? 13  GLU A CG  1 
ATOM   108  C CD  . GLU A 1 14  ? -7.160  7.211   7.926   1.00 19.84 ? 13  GLU A CD  1 
ATOM   109  O OE1 . GLU A 1 14  ? -6.864  6.390   7.018   1.00 20.25 ? 13  GLU A OE1 1 
ATOM   110  O OE2 . GLU A 1 14  ? -6.891  7.041   9.120   1.00 18.76 ? 13  GLU A OE2 1 
ATOM   111  N N   . LEU A 1 15  ? -6.573  12.139  5.026   1.00 23.84 ? 14  LEU A N   1 
ATOM   112  C CA  . LEU A 1 15  ? -5.690  13.168  4.523   1.00 25.48 ? 14  LEU A CA  1 
ATOM   113  C C   . LEU A 1 15  ? -6.436  14.397  3.962   1.00 27.11 ? 14  LEU A C   1 
ATOM   114  O O   . LEU A 1 15  ? -5.805  15.377  3.571   1.00 27.79 ? 14  LEU A O   1 
ATOM   115  C CB  . LEU A 1 15  ? -4.764  12.552  3.461   1.00 24.88 ? 14  LEU A CB  1 
ATOM   116  C CG  . LEU A 1 15  ? -3.795  11.449  3.907   1.00 24.94 ? 14  LEU A CG  1 
ATOM   117  C CD1 . LEU A 1 15  ? -3.183  10.742  2.685   1.00 24.71 ? 14  LEU A CD1 1 
ATOM   118  C CD2 . LEU A 1 15  ? -2.684  12.021  4.835   1.00 25.91 ? 14  LEU A CD2 1 
ATOM   119  N N   . GLY A 1 16  ? -7.769  14.352  3.918   1.00 29.08 ? 15  GLY A N   1 
ATOM   120  C CA  . GLY A 1 16  ? -8.568  15.386  3.225   1.00 31.38 ? 15  GLY A CA  1 
ATOM   121  C C   . GLY A 1 16  ? -8.376  15.495  1.711   1.00 33.69 ? 15  GLY A C   1 
ATOM   122  O O   . GLY A 1 16  ? -8.568  16.569  1.129   1.00 33.85 ? 15  GLY A O   1 
ATOM   123  N N   . ILE A 1 17  ? -7.993  14.397  1.062   1.00 36.21 ? 16  ILE A N   1 
ATOM   124  C CA  . ILE A 1 17  ? -7.732  14.386  -0.392  1.00 39.05 ? 16  ILE A CA  1 
ATOM   125  C C   . ILE A 1 17  ? -8.885  13.711  -1.135  1.00 41.56 ? 16  ILE A C   1 
ATOM   126  O O   . ILE A 1 17  ? -9.132  12.516  -0.950  1.00 42.36 ? 16  ILE A O   1 
ATOM   127  C CB  . ILE A 1 17  ? -6.385  13.695  -0.734  1.00 38.75 ? 16  ILE A CB  1 
ATOM   128  C CG1 . ILE A 1 17  ? -5.227  14.464  -0.099  1.00 38.44 ? 16  ILE A CG1 1 
ATOM   129  C CG2 . ILE A 1 17  ? -6.182  13.562  -2.275  1.00 38.62 ? 16  ILE A CG2 1 
ATOM   130  C CD1 . ILE A 1 17  ? -3.911  13.721  -0.094  1.00 37.75 ? 16  ILE A CD1 1 
ATOM   131  N N   . PHE A 1 18  ? -9.595  14.473  -1.965  1.00 44.21 ? 17  PHE A N   1 
ATOM   132  C CA  . PHE A 1 18  ? -10.827 13.959  -2.605  1.00 46.81 ? 17  PHE A CA  1 
ATOM   133  C C   . PHE A 1 18  ? -10.830 13.999  -4.140  1.00 48.38 ? 17  PHE A C   1 
ATOM   134  O O   . PHE A 1 18  ? -11.736 13.467  -4.786  1.00 48.95 ? 17  PHE A O   1 
ATOM   135  C CB  . PHE A 1 18  ? -12.060 14.645  -2.006  1.00 46.74 ? 17  PHE A CB  1 
ATOM   136  C CG  . PHE A 1 18  ? -12.156 14.497  -0.517  1.00 47.38 ? 17  PHE A CG  1 
ATOM   137  C CD1 . PHE A 1 18  ? -11.925 15.584  0.321   1.00 47.79 ? 17  PHE A CD1 1 
ATOM   138  C CD2 . PHE A 1 18  ? -12.433 13.255  0.056   1.00 48.10 ? 17  PHE A CD2 1 
ATOM   139  C CE1 . PHE A 1 18  ? -11.997 15.449  1.716   1.00 47.30 ? 17  PHE A CE1 1 
ATOM   140  C CE2 . PHE A 1 18  ? -12.506 13.105  1.444   1.00 48.15 ? 17  PHE A CE2 1 
ATOM   141  C CZ  . PHE A 1 18  ? -12.287 14.209  2.276   1.00 47.24 ? 17  PHE A CZ  1 
ATOM   142  N N   . LYS A 1 19  ? -9.792  14.598  -4.716  1.00 50.28 ? 18  LYS A N   1 
ATOM   143  C CA  . LYS A 1 19  ? -9.606  14.583  -6.158  1.00 51.98 ? 18  LYS A CA  1 
ATOM   144  C C   . LYS A 1 19  ? -8.176  14.159  -6.506  1.00 52.85 ? 18  LYS A C   1 
ATOM   145  O O   . LYS A 1 19  ? -7.250  14.406  -5.727  1.00 53.21 ? 18  LYS A O   1 
ATOM   146  C CB  . LYS A 1 19  ? -9.943  15.967  -6.740  1.00 52.15 ? 18  LYS A CB  1 
ATOM   147  C CG  . LYS A 1 19  ? -9.214  17.129  -6.069  1.00 53.66 ? 18  LYS A CG  1 
ATOM   148  C CD  . LYS A 1 19  ? -9.978  18.451  -6.166  1.00 56.57 ? 18  LYS A CD  1 
ATOM   149  C CE  . LYS A 1 19  ? -11.052 18.573  -5.076  1.00 57.58 ? 18  LYS A CE  1 
ATOM   150  N NZ  . LYS A 1 19  ? -11.560 19.968  -4.914  1.00 58.70 ? 18  LYS A NZ  1 
ATOM   151  N N   . GLN A 1 20  ? -7.993  13.531  -7.671  1.00 53.73 ? 19  GLN A N   1 
ATOM   152  C CA  . GLN A 1 20  ? -6.639  13.216  -8.172  1.00 54.31 ? 19  GLN A CA  1 
ATOM   153  C C   . GLN A 1 20  ? -5.904  14.496  -8.619  1.00 55.02 ? 19  GLN A C   1 
ATOM   154  O O   . GLN A 1 20  ? -4.794  14.430  -9.158  1.00 55.07 ? 19  GLN A O   1 
ATOM   155  C CB  . GLN A 1 20  ? -6.683  12.182  -9.315  1.00 54.08 ? 19  GLN A CB  1 
ATOM   156  C CG  . GLN A 1 20  ? -7.341  10.831  -8.971  1.00 53.17 ? 19  GLN A CG  1 
ATOM   157  C CD  . GLN A 1 20  ? -6.480  9.916   -8.081  1.00 51.70 ? 19  GLN A CD  1 
ATOM   158  O OE1 . GLN A 1 20  ? -6.708  9.818   -6.864  1.00 49.52 ? 19  GLN A OE1 1 
ATOM   159  N NE2 . GLN A 1 20  ? -5.501  9.235   -8.691  1.00 49.98 ? 19  GLN A NE2 1 
ATOM   160  N N   . ASP A 1 21  ? -6.535  15.644  -8.347  1.00 55.91 ? 20  ASP A N   1 
ATOM   161  C CA  . ASP A 1 21  ? -6.106  16.988  -8.790  1.00 56.70 ? 20  ASP A CA  1 
ATOM   162  C C   . ASP A 1 21  ? -4.592  17.190  -8.942  1.00 56.71 ? 20  ASP A C   1 
ATOM   163  O O   . ASP A 1 21  ? -4.161  17.383  -10.083 1.00 57.34 ? 20  ASP A O   1 
ATOM   164  C CB  . ASP A 1 21  ? -6.750  18.094  -7.942  1.00 57.06 ? 20  ASP A CB  1 
ATOM   165  C CG  . ASP A 1 21  ? -6.916  19.396  -8.696  1.00 58.14 ? 20  ASP A CG  1 
ATOM   166  O OD1 . ASP A 1 21  ? -6.552  20.457  -8.130  1.00 58.40 ? 20  ASP A OD1 1 
ATOM   167  O OD2 . ASP A 1 21  ? -7.420  19.358  -9.846  1.00 59.92 ? 20  ASP A OD2 1 
ATOM   168  N N   . ASP A 1 22  ? -3.762  17.206  -7.882  1.00 56.33 ? 21  ASP A N   1 
ATOM   169  C CA  . ASP A 1 22  ? -4.031  17.500  -6.456  1.00 55.62 ? 21  ASP A CA  1 
ATOM   170  C C   . ASP A 1 22  ? -2.650  17.642  -5.804  1.00 54.80 ? 21  ASP A C   1 
ATOM   171  O O   . ASP A 1 22  ? -1.829  16.729  -5.864  1.00 54.56 ? 21  ASP A O   1 
ATOM   172  C CB  . ASP A 1 22  ? -4.823  16.420  -5.723  1.00 55.98 ? 21  ASP A CB  1 
ATOM   173  C CG  . ASP A 1 22  ? -5.261  16.863  -4.314  1.00 57.05 ? 21  ASP A CG  1 
ATOM   174  O OD1 . ASP A 1 22  ? -4.391  17.111  -3.436  1.00 57.15 ? 21  ASP A OD1 1 
ATOM   175  O OD2 . ASP A 1 22  ? -6.489  16.957  -4.084  1.00 58.69 ? 21  ASP A OD2 1 
ATOM   176  N N   . LYS A 1 23  ? -2.420  18.781  -5.161  1.00 53.94 ? 22  LYS A N   1 
ATOM   177  C CA  . LYS A 1 23  ? -1.069  19.227  -4.802  1.00 52.83 ? 22  LYS A CA  1 
ATOM   178  C C   . LYS A 1 23  ? -0.317  18.190  -3.956  1.00 51.35 ? 22  LYS A C   1 
ATOM   179  O O   . LYS A 1 23  ? 0.676   17.619  -4.418  1.00 51.25 ? 22  LYS A O   1 
ATOM   180  C CB  . LYS A 1 23  ? -1.096  20.614  -4.114  1.00 53.31 ? 22  LYS A CB  1 
ATOM   181  C CG  . LYS A 1 23  ? -2.286  21.549  -4.478  1.00 54.96 ? 22  LYS A CG  1 
ATOM   182  C CD  . LYS A 1 23  ? -2.277  22.040  -5.935  1.00 57.52 ? 22  LYS A CD  1 
ATOM   183  C CE  . LYS A 1 23  ? -3.287  21.276  -6.802  1.00 58.83 ? 22  LYS A CE  1 
ATOM   184  N NZ  . LYS A 1 23  ? -3.167  21.606  -8.256  1.00 60.24 ? 22  LYS A NZ  1 
ATOM   185  N N   . ALA A 1 24  ? -0.813  17.929  -2.743  1.00 49.05 ? 23  ALA A N   1 
ATOM   186  C CA  . ALA A 1 24  ? -0.184  16.963  -1.843  1.00 46.78 ? 23  ALA A CA  1 
ATOM   187  C C   . ALA A 1 24  ? -0.130  15.556  -2.445  1.00 44.59 ? 23  ALA A C   1 
ATOM   188  O O   . ALA A 1 24  ? 0.838   14.838  -2.212  1.00 44.27 ? 23  ALA A O   1 
ATOM   189  C CB  . ALA A 1 24  ? -0.867  16.954  -0.465  1.00 47.01 ? 23  ALA A CB  1 
ATOM   190  N N   . LEU A 1 25  ? -1.137  15.185  -3.240  1.00 41.98 ? 24  LEU A N   1 
ATOM   191  C CA  . LEU A 1 25  ? -1.103  13.888  -3.949  1.00 39.73 ? 24  LEU A CA  1 
ATOM   192  C C   . LEU A 1 25  ? 0.103   13.713  -4.898  1.00 37.82 ? 24  LEU A C   1 
ATOM   193  O O   . LEU A 1 25  ? 0.652   12.614  -5.009  1.00 37.58 ? 24  LEU A O   1 
ATOM   194  C CB  . LEU A 1 25  ? -2.412  13.615  -4.694  1.00 39.81 ? 24  LEU A CB  1 
ATOM   195  C CG  . LEU A 1 25  ? -2.617  12.169  -5.169  1.00 39.40 ? 24  LEU A CG  1 
ATOM   196  C CD1 . LEU A 1 25  ? -2.298  11.165  -4.068  1.00 40.01 ? 24  LEU A CD1 1 
ATOM   197  C CD2 . LEU A 1 25  ? -4.023  11.942  -5.682  1.00 39.62 ? 24  LEU A CD2 1 
ATOM   198  N N   . TYR A 1 26  ? 0.503   14.786  -5.579  1.00 35.47 ? 25  TYR A N   1 
ATOM   199  C CA  . TYR A 1 26  ? 1.736   14.779  -6.367  1.00 33.39 ? 25  TYR A CA  1 
ATOM   200  C C   . TYR A 1 26  ? 2.934   14.399  -5.501  1.00 31.18 ? 25  TYR A C   1 
ATOM   201  O O   . TYR A 1 26  ? 3.742   13.558  -5.882  1.00 30.54 ? 25  TYR A O   1 
ATOM   202  C CB  . TYR A 1 26  ? 1.978   16.148  -7.034  1.00 34.64 ? 25  TYR A CB  1 
ATOM   203  C CG  . TYR A 1 26  ? 3.325   16.271  -7.721  1.00 35.08 ? 25  TYR A CG  1 
ATOM   204  C CD1 . TYR A 1 26  ? 3.540   15.727  -8.988  1.00 35.78 ? 25  TYR A CD1 1 
ATOM   205  C CD2 . TYR A 1 26  ? 4.384   16.933  -7.102  1.00 35.60 ? 25  TYR A CD2 1 
ATOM   206  C CE1 . TYR A 1 26  ? 4.784   15.839  -9.619  1.00 37.23 ? 25  TYR A CE1 1 
ATOM   207  C CE2 . TYR A 1 26  ? 5.629   17.055  -7.722  1.00 36.72 ? 25  TYR A CE2 1 
ATOM   208  C CZ  . TYR A 1 26  ? 5.823   16.510  -8.985  1.00 37.38 ? 25  TYR A CZ  1 
ATOM   209  O OH  . TYR A 1 26  ? 7.065   16.621  -9.603  1.00 37.82 ? 25  TYR A OH  1 
ATOM   210  N N   . TYR A 1 27  ? 3.030   15.013  -4.328  1.00 28.75 ? 26  TYR A N   1 
ATOM   211  C CA  . TYR A 1 27  ? 4.166   14.784  -3.451  1.00 27.64 ? 26  TYR A CA  1 
ATOM   212  C C   . TYR A 1 27  ? 4.099   13.425  -2.750  1.00 25.99 ? 26  TYR A C   1 
ATOM   213  O O   . TYR A 1 27  ? 5.127   12.789  -2.510  1.00 24.75 ? 26  TYR A O   1 
ATOM   214  C CB  . TYR A 1 27  ? 4.284   15.921  -2.444  1.00 28.08 ? 26  TYR A CB  1 
ATOM   215  C CG  . TYR A 1 27  ? 4.732   17.211  -3.091  1.00 29.41 ? 26  TYR A CG  1 
ATOM   216  C CD1 . TYR A 1 27  ? 6.033   17.341  -3.596  1.00 29.09 ? 26  TYR A CD1 1 
ATOM   217  C CD2 . TYR A 1 27  ? 3.856   18.298  -3.212  1.00 29.66 ? 26  TYR A CD2 1 
ATOM   218  C CE1 . TYR A 1 27  ? 6.459   18.532  -4.193  1.00 31.27 ? 26  TYR A CE1 1 
ATOM   219  C CE2 . TYR A 1 27  ? 4.275   19.494  -3.806  1.00 31.12 ? 26  TYR A CE2 1 
ATOM   220  C CZ  . TYR A 1 27  ? 5.579   19.599  -4.293  1.00 31.00 ? 26  TYR A CZ  1 
ATOM   221  O OH  . TYR A 1 27  ? 6.014   20.775  -4.883  1.00 33.29 ? 26  TYR A OH  1 
ATOM   222  N N   . ILE A 1 28  ? 2.883   12.989  -2.429  1.00 24.40 ? 27  ILE A N   1 
ATOM   223  C CA  . ILE A 1 28  ? 2.686   11.649  -1.866  1.00 23.16 ? 27  ILE A CA  1 
ATOM   224  C C   . ILE A 1 28  ? 3.205   10.602  -2.840  1.00 22.20 ? 27  ILE A C   1 
ATOM   225  O O   . ILE A 1 28  ? 4.030   9.764   -2.485  1.00 22.88 ? 27  ILE A O   1 
ATOM   226  C CB  . ILE A 1 28  ? 1.206   11.430  -1.519  1.00 23.47 ? 27  ILE A CB  1 
ATOM   227  C CG1 . ILE A 1 28  ? 0.888   12.194  -0.230  1.00 24.32 ? 27  ILE A CG1 1 
ATOM   228  C CG2 . ILE A 1 28  ? 0.874   9.933   -1.364  1.00 22.33 ? 27  ILE A CG2 1 
ATOM   229  C CD1 . ILE A 1 28  ? -0.594  12.460  -0.023  1.00 25.82 ? 27  ILE A CD1 1 
ATOM   230  N N   . LYS A 1 29  ? 2.761   10.693  -4.085  1.00 21.42 ? 28  LYS A N   1 
ATOM   231  C CA  . LYS A 1 29  ? 3.176   9.748   -5.116  1.00 21.80 ? 28  LYS A CA  1 
ATOM   232  C C   . LYS A 1 29  ? 4.684   9.828   -5.400  1.00 21.49 ? 28  LYS A C   1 
ATOM   233  O O   . LYS A 1 29  ? 5.333   8.789   -5.557  1.00 20.82 ? 28  LYS A O   1 
ATOM   234  C CB  . LYS A 1 29  ? 2.364   9.944   -6.393  1.00 21.35 ? 28  LYS A CB  1 
ATOM   235  C CG  . LYS A 1 29  ? 0.981   9.308   -6.300  1.00 22.36 ? 28  LYS A CG  1 
ATOM   236  C CD  . LYS A 1 29  ? 0.256   9.389   -7.633  1.00 24.69 ? 28  LYS A CD  1 
ATOM   237  C CE  . LYS A 1 29  ? -0.998  8.498   -7.581  1.00 26.56 ? 28  LYS A CE  1 
ATOM   238  N NZ  . LYS A 1 29  ? -1.788  8.551   -8.833  1.00 23.77 ? 28  LYS A NZ  1 
ATOM   239  N N   . LYS A 1 30  ? 5.228   11.047  -5.416  1.00 21.10 ? 29  LYS A N   1 
ATOM   240  C CA  . LYS A 1 30  ? 6.677   11.241  -5.609  1.00 22.39 ? 29  LYS A CA  1 
ATOM   241  C C   . LYS A 1 30  ? 7.482   10.573  -4.501  1.00 21.26 ? 29  LYS A C   1 
ATOM   242  O O   . LYS A 1 30  ? 8.508   9.948   -4.769  1.00 21.12 ? 29  LYS A O   1 
ATOM   243  C CB  . LYS A 1 30  ? 7.041   12.737  -5.684  1.00 21.70 ? 29  LYS A CB  1 
ATOM   244  C CG  . LYS A 1 30  ? 8.530   12.999  -6.010  1.00 24.38 ? 29  LYS A CG  1 
ATOM   245  C CD  . LYS A 1 30  ? 8.840   14.515  -6.040  1.00 25.85 ? 29  LYS A CD  1 
ATOM   246  C CE  . LYS A 1 30  ? 9.716   14.905  -7.247  1.00 33.25 ? 29  LYS A CE  1 
ATOM   247  N NZ  . LYS A 1 30  ? 8.993   14.726  -8.555  1.00 35.76 ? 29  LYS A NZ  1 
ATOM   248  N N   . ALA A 1 31  ? 7.030   10.733  -3.259  1.00 20.90 ? 30  ALA A N   1 
ATOM   249  C CA  . ALA A 1 31  ? 7.660   10.065  -2.099  1.00 20.33 ? 30  ALA A CA  1 
ATOM   250  C C   . ALA A 1 31  ? 7.607   8.534   -2.216  1.00 20.59 ? 30  ALA A C   1 
ATOM   251  O O   . ALA A 1 31  ? 8.628   7.845   -2.015  1.00 19.62 ? 30  ALA A O   1 
ATOM   252  C CB  . ALA A 1 31  ? 7.024   10.542  -0.778  1.00 20.91 ? 30  ALA A CB  1 
ATOM   253  N N   . ILE A 1 32  ? 6.438   8.002   -2.586  1.00 19.24 ? 31  ILE A N   1 
ATOM   254  C CA  . ILE A 1 32  ? 6.323   6.559   -2.856  1.00 19.53 ? 31  ILE A CA  1 
ATOM   255  C C   . ILE A 1 32  ? 7.282   6.084   -3.974  1.00 19.20 ? 31  ILE A C   1 
ATOM   256  O O   . ILE A 1 32  ? 8.059   5.137   -3.777  1.00 18.84 ? 31  ILE A O   1 
ATOM   257  C CB  . ILE A 1 32  ? 4.848   6.113   -3.158  1.00 19.09 ? 31  ILE A CB  1 
ATOM   258  C CG1 . ILE A 1 32  ? 3.952   6.308   -1.918  1.00 20.06 ? 31  ILE A CG1 1 
ATOM   259  C CG2 . ILE A 1 32  ? 4.790   4.631   -3.602  1.00 19.68 ? 31  ILE A CG2 1 
ATOM   260  C CD1 . ILE A 1 32  ? 2.438   6.439   -2.263  1.00 18.99 ? 31  ILE A CD1 1 
ATOM   261  N N   . LYS A 1 33  ? 7.248   6.754   -5.124  1.00 20.01 ? 32  LYS A N   1 
ATOM   262  C CA  . LYS A 1 33  ? 8.110   6.358   -6.259  1.00 20.99 ? 32  LYS A CA  1 
ATOM   263  C C   . LYS A 1 33  ? 9.601   6.384   -5.901  1.00 20.59 ? 32  LYS A C   1 
ATOM   264  O O   . LYS A 1 33  ? 10.361  5.474   -6.266  1.00 20.94 ? 32  LYS A O   1 
ATOM   265  C CB  . LYS A 1 33  ? 7.846   7.256   -7.461  1.00 21.05 ? 32  LYS A CB  1 
ATOM   266  C CG  . LYS A 1 33  ? 6.525   7.002   -8.188  1.00 22.80 ? 32  LYS A CG  1 
ATOM   267  C CD  . LYS A 1 33  ? 6.156   8.218   -9.040  1.00 25.28 ? 32  LYS A CD  1 
ATOM   268  C CE  . LYS A 1 33  ? 4.841   7.962   -9.758  1.00 27.13 ? 32  LYS A CE  1 
ATOM   269  N NZ  . LYS A 1 33  ? 4.494   9.028   -10.735 1.00 27.46 ? 32  LYS A NZ  1 
ATOM   270  N N   . ASN A 1 34  ? 10.024  7.431   -5.188  1.00 22.10 ? 33  ASN A N   1 
ATOM   271  C CA  . ASN A 1 34  ? 11.432  7.509   -4.710  1.00 22.22 ? 33  ASN A CA  1 
ATOM   272  C C   . ASN A 1 34  ? 11.844  6.359   -3.756  1.00 21.92 ? 33  ASN A C   1 
ATOM   273  O O   . ASN A 1 34  ? 12.975  5.861   -3.854  1.00 21.08 ? 33  ASN A O   1 
ATOM   274  C CB  . ASN A 1 34  ? 11.773  8.904   -4.155  1.00 22.79 ? 33  ASN A CB  1 
ATOM   275  C CG  . ASN A 1 34  ? 11.784  9.986   -5.234  1.00 25.18 ? 33  ASN A CG  1 
ATOM   276  O OD1 . ASN A 1 34  ? 11.903  9.698   -6.434  1.00 26.09 ? 33  ASN A OD1 1 
ATOM   277  N ND2 . ASN A 1 34  ? 11.626  11.252  -4.809  1.00 26.97 ? 33  ASN A ND2 1 
ATOM   278  N N   A ARG A 1 35  ? 10.942  5.939   -2.855  0.70 21.57 ? 34  ARG A N   1 
ATOM   279  N N   B ARG A 1 35  ? 10.936  5.932   -2.872  0.30 21.37 ? 34  ARG A N   1 
ATOM   280  C CA  A ARG A 1 35  ? 11.194  4.747   -2.022  0.70 21.52 ? 34  ARG A CA  1 
ATOM   281  C CA  B ARG A 1 35  ? 11.185  4.753   -2.027  0.30 21.05 ? 34  ARG A CA  1 
ATOM   282  C C   A ARG A 1 35  ? 11.282  3.471   -2.858  0.70 21.02 ? 34  ARG A C   1 
ATOM   283  C C   B ARG A 1 35  ? 11.289  3.480   -2.863  0.30 20.97 ? 34  ARG A C   1 
ATOM   284  O O   A ARG A 1 35  ? 12.168  2.649   -2.654  0.70 21.07 ? 34  ARG A O   1 
ATOM   285  O O   B ARG A 1 35  ? 12.197  2.675   -2.665  0.30 21.00 ? 34  ARG A O   1 
ATOM   286  C CB  A ARG A 1 35  ? 10.133  4.555   -0.914  0.70 21.35 ? 34  ARG A CB  1 
ATOM   287  C CB  B ARG A 1 35  ? 10.096  4.569   -0.956  0.30 20.77 ? 34  ARG A CB  1 
ATOM   288  C CG  A ARG A 1 35  ? 10.029  5.676   0.144   0.70 22.92 ? 34  ARG A CG  1 
ATOM   289  C CG  B ARG A 1 35  ? 9.950   5.711   0.045   0.30 20.17 ? 34  ARG A CG  1 
ATOM   290  C CD  A ARG A 1 35  ? 11.365  6.010   0.823   0.70 24.96 ? 34  ARG A CD  1 
ATOM   291  C CD  B ARG A 1 35  ? 11.160  5.863   0.956   0.30 18.64 ? 34  ARG A CD  1 
ATOM   292  N NE  A ARG A 1 35  ? 12.017  4.832   1.390   0.70 25.03 ? 34  ARG A NE  1 
ATOM   293  N NE  B ARG A 1 35  ? 10.989  7.002   1.852   0.30 15.83 ? 34  ARG A NE  1 
ATOM   294  C CZ  A ARG A 1 35  ? 11.913  4.441   2.655   0.70 24.56 ? 34  ARG A CZ  1 
ATOM   295  C CZ  B ARG A 1 35  ? 10.701  6.913   3.144   0.30 13.69 ? 34  ARG A CZ  1 
ATOM   296  N NH1 A ARG A 1 35  ? 11.183  5.132   3.524   0.70 23.10 ? 34  ARG A NH1 1 
ATOM   297  N NH1 B ARG A 1 35  ? 10.557  5.726   3.723   0.30 12.67 ? 34  ARG A NH1 1 
ATOM   298  N NH2 A ARG A 1 35  ? 12.557  3.354   3.051   0.70 23.83 ? 34  ARG A NH2 1 
ATOM   299  N NH2 B ARG A 1 35  ? 10.559  8.016   3.861   0.30 10.40 ? 34  ARG A NH2 1 
ATOM   300  N N   . LEU A 1 36  ? 10.351  3.307   -3.792  1.00 21.13 ? 35  LEU A N   1 
ATOM   301  C CA  . LEU A 1 36  ? 10.314  2.132   -4.672  1.00 21.24 ? 35  LEU A CA  1 
ATOM   302  C C   . LEU A 1 36  ? 11.579  2.002   -5.537  1.00 21.35 ? 35  LEU A C   1 
ATOM   303  O O   . LEU A 1 36  ? 12.145  0.918   -5.649  1.00 21.19 ? 35  LEU A O   1 
ATOM   304  C CB  . LEU A 1 36  ? 9.067   2.186   -5.569  1.00 21.62 ? 35  LEU A CB  1 
ATOM   305  C CG  . LEU A 1 36  ? 7.712   1.992   -4.873  1.00 20.85 ? 35  LEU A CG  1 
ATOM   306  C CD1 . LEU A 1 36  ? 6.654   1.810   -5.918  1.00 22.53 ? 35  LEU A CD1 1 
ATOM   307  C CD2 . LEU A 1 36  ? 7.745   0.783   -3.929  1.00 21.01 ? 35  LEU A CD2 1 
ATOM   308  N N   . ILE A 1 37  ? 12.015  3.124   -6.107  1.00 21.34 ? 36  ILE A N   1 
ATOM   309  C CA  . ILE A 1 37  ? 13.219  3.164   -6.906  1.00 22.11 ? 36  ILE A CA  1 
ATOM   310  C C   . ILE A 1 37  ? 14.389  2.607   -6.091  1.00 21.81 ? 36  ILE A C   1 
ATOM   311  O O   . ILE A 1 37  ? 15.111  1.767   -6.583  1.00 21.20 ? 36  ILE A O   1 
ATOM   312  C CB  . ILE A 1 37  ? 13.488  4.570   -7.514  1.00 22.24 ? 36  ILE A CB  1 
ATOM   313  C CG1 . ILE A 1 37  ? 12.455  4.857   -8.627  1.00 22.65 ? 36  ILE A CG1 1 
ATOM   314  C CG2 . ILE A 1 37  ? 14.925  4.659   -8.079  1.00 23.13 ? 36  ILE A CG2 1 
ATOM   315  C CD1 . ILE A 1 37  ? 12.350  6.337   -9.042  1.00 23.34 ? 36  ILE A CD1 1 
ATOM   316  N N   . ALA A 1 38  ? 14.542  3.058   -4.843  1.00 22.38 ? 37  ALA A N   1 
ATOM   317  C CA  . ALA A 1 38  ? 15.597  2.551   -3.979  1.00 22.91 ? 37  ALA A CA  1 
ATOM   318  C C   . ALA A 1 38  ? 15.461  1.047   -3.747  1.00 23.28 ? 37  ALA A C   1 
ATOM   319  O O   . ALA A 1 38  ? 16.440  0.311   -3.893  1.00 23.74 ? 37  ALA A O   1 
ATOM   320  C CB  . ALA A 1 38  ? 15.625  3.328   -2.639  1.00 22.97 ? 37  ALA A CB  1 
ATOM   321  N N   . PHE A 1 39  ? 14.248  0.586   -3.416  1.00 23.16 ? 38  PHE A N   1 
ATOM   322  C CA  . PHE A 1 39  ? 13.983  -0.850  -3.226  1.00 23.40 ? 38  PHE A CA  1 
ATOM   323  C C   . PHE A 1 39  ? 14.273  -1.673  -4.487  1.00 23.24 ? 38  PHE A C   1 
ATOM   324  O O   . PHE A 1 39  ? 14.779  -2.799  -4.401  1.00 22.44 ? 38  PHE A O   1 
ATOM   325  C CB  . PHE A 1 39  ? 12.531  -1.100  -2.773  1.00 22.99 ? 38  PHE A CB  1 
ATOM   326  C CG  . PHE A 1 39  ? 12.244  -0.665  -1.359  1.00 24.62 ? 38  PHE A CG  1 
ATOM   327  C CD1 . PHE A 1 39  ? 13.031  -1.127  -0.296  1.00 26.64 ? 38  PHE A CD1 1 
ATOM   328  C CD2 . PHE A 1 39  ? 11.188  0.189   -1.083  1.00 23.68 ? 38  PHE A CD2 1 
ATOM   329  C CE1 . PHE A 1 39  ? 12.750  -0.734  1.022   1.00 27.20 ? 38  PHE A CE1 1 
ATOM   330  C CE2 . PHE A 1 39  ? 10.907  0.584   0.216   1.00 24.52 ? 38  PHE A CE2 1 
ATOM   331  C CZ  . PHE A 1 39  ? 11.689  0.121   1.275   1.00 24.58 ? 38  PHE A CZ  1 
ATOM   332  N N   . LEU A 1 40  ? 13.912  -1.118  -5.643  1.00 24.33 ? 39  LEU A N   1 
ATOM   333  C CA  . LEU A 1 40  ? 14.101  -1.789  -6.925  1.00 25.47 ? 39  LEU A CA  1 
ATOM   334  C C   . LEU A 1 40  ? 15.580  -2.092  -7.187  1.00 27.00 ? 39  LEU A C   1 
ATOM   335  O O   . LEU A 1 40  ? 15.914  -3.187  -7.652  1.00 26.93 ? 39  LEU A O   1 
ATOM   336  C CB  . LEU A 1 40  ? 13.486  -0.970  -8.066  1.00 24.94 ? 39  LEU A CB  1 
ATOM   337  C CG  . LEU A 1 40  ? 11.968  -1.129  -8.231  1.00 25.43 ? 39  LEU A CG  1 
ATOM   338  C CD1 . LEU A 1 40  ? 11.357  0.051   -8.957  1.00 23.24 ? 39  LEU A CD1 1 
ATOM   339  C CD2 . LEU A 1 40  ? 11.605  -2.466  -8.912  1.00 25.14 ? 39  LEU A CD2 1 
ATOM   340  N N   A ASP A 1 41  ? 16.444  -1.134  -6.861  0.50 27.73 ? 40  ASP A N   1 
ATOM   341  N N   B ASP A 1 41  ? 16.456  -1.122  -6.898  0.50 27.85 ? 40  ASP A N   1 
ATOM   342  C CA  A ASP A 1 41  ? 17.885  -1.313  -7.026  0.50 28.87 ? 40  ASP A CA  1 
ATOM   343  C CA  B ASP A 1 41  ? 17.910  -1.337  -7.014  0.50 29.12 ? 40  ASP A CA  1 
ATOM   344  C C   A ASP A 1 41  ? 18.515  -2.197  -5.926  0.50 29.37 ? 40  ASP A C   1 
ATOM   345  C C   B ASP A 1 41  ? 18.370  -2.473  -6.103  0.50 29.42 ? 40  ASP A C   1 
ATOM   346  O O   A ASP A 1 41  ? 19.706  -2.507  -5.968  0.50 30.19 ? 40  ASP A O   1 
ATOM   347  O O   B ASP A 1 41  ? 19.302  -3.208  -6.438  0.50 29.64 ? 40  ASP A O   1 
ATOM   348  C CB  A ASP A 1 41  ? 18.567  0.050   -7.197  0.50 28.51 ? 40  ASP A CB  1 
ATOM   349  C CB  B ASP A 1 41  ? 18.721  -0.067  -6.712  0.50 28.99 ? 40  ASP A CB  1 
ATOM   350  C CG  A ASP A 1 41  ? 18.083  0.787   -8.450  0.50 28.39 ? 40  ASP A CG  1 
ATOM   351  C CG  B ASP A 1 41  ? 20.197  -0.202  -7.117  0.50 30.19 ? 40  ASP A CG  1 
ATOM   352  O OD1 A ASP A 1 41  ? 17.968  0.149   -9.527  0.50 26.83 ? 40  ASP A OD1 1 
ATOM   353  O OD1 B ASP A 1 41  ? 20.476  -0.840  -8.159  0.50 29.84 ? 40  ASP A OD1 1 
ATOM   354  O OD2 A ASP A 1 41  ? 17.813  1.999   -8.357  0.50 28.21 ? 40  ASP A OD2 1 
ATOM   355  O OD2 B ASP A 1 41  ? 21.077  0.326   -6.396  0.50 31.17 ? 40  ASP A OD2 1 
ATOM   356  N N   . GLU A 1 42  ? 17.689  -2.622  -4.971  1.00 29.96 ? 41  GLU A N   1 
ATOM   357  C CA  . GLU A 1 42  ? 18.048  -3.638  -3.970  1.00 30.88 ? 41  GLU A CA  1 
ATOM   358  C C   . GLU A 1 42  ? 17.284  -4.958  -4.165  1.00 30.80 ? 41  GLU A C   1 
ATOM   359  O O   . GLU A 1 42  ? 17.222  -5.797  -3.247  1.00 31.30 ? 41  GLU A O   1 
ATOM   360  C CB  . GLU A 1 42  ? 17.818  -3.092  -2.556  1.00 31.78 ? 41  GLU A CB  1 
ATOM   361  C CG  . GLU A 1 42  ? 18.622  -1.834  -2.262  1.00 35.30 ? 41  GLU A CG  1 
ATOM   362  C CD  . GLU A 1 42  ? 18.096  -1.046  -1.071  1.00 39.69 ? 41  GLU A CD  1 
ATOM   363  O OE1 . GLU A 1 42  ? 17.376  -1.621  -0.230  1.00 41.84 ? 41  GLU A OE1 1 
ATOM   364  O OE2 . GLU A 1 42  ? 18.399  0.165   -0.983  1.00 43.57 ? 41  GLU A OE2 1 
ATOM   365  N N   . GLY A 1 43  ? 16.694  -5.139  -5.349  1.00 29.50 ? 42  GLY A N   1 
ATOM   366  C CA  . GLY A 1 43  ? 16.134  -6.427  -5.729  1.00 28.20 ? 42  GLY A CA  1 
ATOM   367  C C   . GLY A 1 43  ? 14.640  -6.629  -5.544  1.00 27.58 ? 42  GLY A C   1 
ATOM   368  O O   . GLY A 1 43  ? 14.161  -7.774  -5.603  1.00 26.98 ? 42  GLY A O   1 
ATOM   369  N N   . LEU A 1 44  ? 13.897  -5.538  -5.335  1.00 26.20 ? 43  LEU A N   1 
ATOM   370  C CA  . LEU A 1 44  ? 12.425  -5.608  -5.307  1.00 24.74 ? 43  LEU A CA  1 
ATOM   371  C C   . LEU A 1 44  ? 11.825  -6.300  -6.544  1.00 24.32 ? 43  LEU A C   1 
ATOM   372  O O   . LEU A 1 44  ? 12.148  -5.935  -7.670  1.00 23.44 ? 43  LEU A O   1 
ATOM   373  C CB  . LEU A 1 44  ? 11.803  -4.205  -5.139  1.00 24.58 ? 43  LEU A CB  1 
ATOM   374  C CG  . LEU A 1 44  ? 10.284  -4.165  -4.875  1.00 25.68 ? 43  LEU A CG  1 
ATOM   375  C CD1 . LEU A 1 44  ? 10.004  -4.923  -3.589  1.00 24.06 ? 43  LEU A CD1 1 
ATOM   376  C CD2 . LEU A 1 44  ? 9.750   -2.729  -4.792  1.00 23.08 ? 43  LEU A CD2 1 
ATOM   377  N N   . GLU A 1 45  ? 10.949  -7.289  -6.312  1.00 24.06 ? 44  GLU A N   1 
ATOM   378  C CA  . GLU A 1 45  ? 10.199  -7.972  -7.385  1.00 25.55 ? 44  GLU A CA  1 
ATOM   379  C C   . GLU A 1 45  ? 8.687   -7.634  -7.392  1.00 23.83 ? 44  GLU A C   1 
ATOM   380  O O   . GLU A 1 45  ? 8.113   -7.357  -8.439  1.00 24.77 ? 44  GLU A O   1 
ATOM   381  C CB  . GLU A 1 45  ? 10.445  -9.492  -7.325  1.00 25.44 ? 44  GLU A CB  1 
ATOM   382  C CG  . GLU A 1 45  ? 11.901  -9.880  -7.784  1.00 28.84 ? 44  GLU A CG  1 
ATOM   383  C CD  . GLU A 1 45  ? 12.298  -11.350 -7.531  1.00 30.30 ? 44  GLU A CD  1 
ATOM   384  O OE1 . GLU A 1 45  ? 11.416  -12.185 -7.206  1.00 37.11 ? 44  GLU A OE1 1 
ATOM   385  O OE2 . GLU A 1 45  ? 13.517  -11.678 -7.670  1.00 36.12 ? 44  GLU A OE2 1 
ATOM   386  N N   . TRP A 1 46  ? 8.075   -7.619  -6.213  1.00 21.97 ? 45  TRP A N   1 
ATOM   387  C CA  . TRP A 1 46  ? 6.620   -7.515  -6.048  1.00 21.04 ? 45  TRP A CA  1 
ATOM   388  C C   . TRP A 1 46  ? 6.293   -6.445  -5.018  1.00 20.41 ? 45  TRP A C   1 
ATOM   389  O O   . TRP A 1 46  ? 6.967   -6.343  -3.976  1.00 20.72 ? 45  TRP A O   1 
ATOM   390  C CB  . TRP A 1 46  ? 6.021   -8.846  -5.547  1.00 20.22 ? 45  TRP A CB  1 
ATOM   391  C CG  . TRP A 1 46  ? 5.901   -9.937  -6.568  1.00 20.72 ? 45  TRP A CG  1 
ATOM   392  C CD1 . TRP A 1 46  ? 6.828   -10.926 -6.835  1.00 21.23 ? 45  TRP A CD1 1 
ATOM   393  C CD2 . TRP A 1 46  ? 4.780   -10.195 -7.436  1.00 22.01 ? 45  TRP A CD2 1 
ATOM   394  N NE1 . TRP A 1 46  ? 6.358   -11.758 -7.823  1.00 22.41 ? 45  TRP A NE1 1 
ATOM   395  C CE2 . TRP A 1 46  ? 5.106   -11.331 -8.213  1.00 23.32 ? 45  TRP A CE2 1 
ATOM   396  C CE3 . TRP A 1 46  ? 3.536   -9.564  -7.643  1.00 20.88 ? 45  TRP A CE3 1 
ATOM   397  C CZ2 . TRP A 1 46  ? 4.235   -11.851 -9.195  1.00 21.58 ? 45  TRP A CZ2 1 
ATOM   398  C CZ3 . TRP A 1 46  ? 2.668   -10.093 -8.614  1.00 21.19 ? 45  TRP A CZ3 1 
ATOM   399  C CH2 . TRP A 1 46  ? 3.033   -11.220 -9.380  1.00 21.10 ? 45  TRP A CH2 1 
ATOM   400  N N   . ILE A 1 47  ? 5.279   -5.641  -5.318  1.00 19.90 ? 46  ILE A N   1 
ATOM   401  C CA  . ILE A 1 47  ? 4.530   -4.940  -4.282  1.00 19.36 ? 46  ILE A CA  1 
ATOM   402  C C   . ILE A 1 47  ? 3.184   -5.657  -4.063  1.00 19.28 ? 46  ILE A C   1 
ATOM   403  O O   . ILE A 1 47  ? 2.611   -6.260  -4.973  1.00 19.32 ? 46  ILE A O   1 
ATOM   404  C CB  . ILE A 1 47  ? 4.351   -3.416  -4.542  1.00 19.28 ? 46  ILE A CB  1 
ATOM   405  C CG1 . ILE A 1 47  ? 3.418   -3.121  -5.709  1.00 20.46 ? 46  ILE A CG1 1 
ATOM   406  C CG2 . ILE A 1 47  ? 5.699   -2.736  -4.783  1.00 20.24 ? 46  ILE A CG2 1 
ATOM   407  C CD1 . ILE A 1 47  ? 2.682   -1.788  -5.538  1.00 19.65 ? 46  ILE A CD1 1 
ATOM   408  N N   . LEU A 1 48  ? 2.704   -5.595  -2.836  1.00 19.02 ? 47  LEU A N   1 
ATOM   409  C CA  . LEU A 1 48  ? 1.491   -6.265  -2.439  1.00 18.38 ? 47  LEU A CA  1 
ATOM   410  C C   . LEU A 1 48  ? 0.562   -5.291  -1.727  1.00 17.72 ? 47  LEU A C   1 
ATOM   411  O O   . LEU A 1 48  ? 0.942   -4.655  -0.735  1.00 17.61 ? 47  LEU A O   1 
ATOM   412  C CB  . LEU A 1 48  ? 1.839   -7.448  -1.530  1.00 18.48 ? 47  LEU A CB  1 
ATOM   413  C CG  . LEU A 1 48  ? 0.672   -8.131  -0.810  1.00 19.55 ? 47  LEU A CG  1 
ATOM   414  C CD1 . LEU A 1 48  ? -0.256  -8.847  -1.810  1.00 19.05 ? 47  LEU A CD1 1 
ATOM   415  C CD2 . LEU A 1 48  ? 1.229   -9.115  0.207   1.00 19.03 ? 47  LEU A CD2 1 
ATOM   416  N N   . ILE A 1 49  ? -0.646  -5.144  -2.250  1.00 17.48 ? 48  ILE A N   1 
ATOM   417  C CA  . ILE A 1 49  ? -1.650  -4.295  -1.615  1.00 17.33 ? 48  ILE A CA  1 
ATOM   418  C C   . ILE A 1 49  ? -2.965  -5.084  -1.526  1.00 17.46 ? 48  ILE A C   1 
ATOM   419  O O   . ILE A 1 49  ? -3.094  -6.125  -2.142  1.00 17.18 ? 48  ILE A O   1 
ATOM   420  C CB  . ILE A 1 49  ? -1.879  -2.957  -2.382  1.00 17.08 ? 48  ILE A CB  1 
ATOM   421  C CG1 . ILE A 1 49  ? -2.378  -3.217  -3.812  1.00 17.12 ? 48  ILE A CG1 1 
ATOM   422  C CG2 . ILE A 1 49  ? -0.587  -2.076  -2.421  1.00 17.60 ? 48  ILE A CG2 1 
ATOM   423  C CD1 . ILE A 1 49  ? -3.157  -2.031  -4.402  1.00 15.06 ? 48  ILE A CD1 1 
ATOM   424  N N   . SER A 1 50  ? -3.925  -4.571  -0.761  1.00 17.51 ? 49  SER A N   1 
ATOM   425  C CA  . SER A 1 50  ? -5.235  -5.220  -0.605  1.00 17.69 ? 49  SER A CA  1 
ATOM   426  C C   . SER A 1 50  ? -6.336  -4.472  -1.386  1.00 17.56 ? 49  SER A C   1 
ATOM   427  O O   . SER A 1 50  ? -7.489  -4.930  -1.430  1.00 18.48 ? 49  SER A O   1 
ATOM   428  C CB  . SER A 1 50  ? -5.580  -5.328  0.893   1.00 17.26 ? 49  SER A CB  1 
ATOM   429  O OG  . SER A 1 50  ? -5.896  -4.069  1.427   1.00 16.72 ? 49  SER A OG  1 
ATOM   430  N N   . GLY A 1 51  ? -5.982  -3.329  -1.984  1.00 16.46 ? 50  GLY A N   1 
ATOM   431  C CA  . GLY A 1 51  ? -6.914  -2.565  -2.817  1.00 16.81 ? 50  GLY A CA  1 
ATOM   432  C C   . GLY A 1 51  ? -7.604  -1.428  -2.071  1.00 17.83 ? 50  GLY A C   1 
ATOM   433  O O   . GLY A 1 51  ? -8.552  -0.840  -2.583  1.00 16.92 ? 50  GLY A O   1 
ATOM   434  N N   . GLN A 1 52  ? -7.132  -1.117  -0.856  1.00 17.42 ? 51  GLN A N   1 
ATOM   435  C CA  . GLN A 1 52  ? -7.750  -0.088  -0.038  1.00 19.16 ? 51  GLN A CA  1 
ATOM   436  C C   . GLN A 1 52  ? -7.655  1.264   -0.723  1.00 19.07 ? 51  GLN A C   1 
ATOM   437  O O   . GLN A 1 52  ? -6.639  1.577   -1.357  1.00 18.43 ? 51  GLN A O   1 
ATOM   438  C CB  . GLN A 1 52  ? -7.039  -0.015  1.304   1.00 20.72 ? 51  GLN A CB  1 
ATOM   439  C CG  . GLN A 1 52  ? -7.795  0.566   2.452   1.00 22.71 ? 51  GLN A CG  1 
ATOM   440  C CD  . GLN A 1 52  ? -6.964  0.479   3.722   1.00 25.79 ? 51  GLN A CD  1 
ATOM   441  O OE1 . GLN A 1 52  ? -6.041  1.284   3.937   1.00 24.63 ? 51  GLN A OE1 1 
ATOM   442  N NE2 . GLN A 1 52  ? -7.278  -0.496  4.565   1.00 25.10 ? 51  GLN A NE2 1 
ATOM   443  N N   . LEU A 1 53  ? -8.706  2.069   -0.571  1.00 18.83 ? 52  LEU A N   1 
ATOM   444  C CA  . LEU A 1 53  ? -8.725  3.425   -1.119  1.00 20.15 ? 52  LEU A CA  1 
ATOM   445  C C   . LEU A 1 53  ? -7.597  4.235   -0.489  1.00 19.00 ? 52  LEU A C   1 
ATOM   446  O O   . LEU A 1 53  ? -7.168  3.938   0.634   1.00 19.23 ? 52  LEU A O   1 
ATOM   447  C CB  . LEU A 1 53  ? -10.094 4.058   -0.810  1.00 20.49 ? 52  LEU A CB  1 
ATOM   448  C CG  . LEU A 1 53  ? -10.953 4.846   -1.795  1.00 23.29 ? 52  LEU A CG  1 
ATOM   449  C CD1 . LEU A 1 53  ? -10.933 4.311   -3.234  1.00 25.08 ? 52  LEU A CD1 1 
ATOM   450  C CD2 . LEU A 1 53  ? -12.418 4.966   -1.228  1.00 21.95 ? 52  LEU A CD2 1 
ATOM   451  N N   . GLY A 1 54  ? -7.101  5.228   -1.219  1.00 18.46 ? 53  GLY A N   1 
ATOM   452  C CA  . GLY A 1 54  ? -5.995  6.069   -0.754  1.00 18.92 ? 53  GLY A CA  1 
ATOM   453  C C   . GLY A 1 54  ? -4.637  5.468   -1.061  1.00 18.57 ? 53  GLY A C   1 
ATOM   454  O O   . GLY A 1 54  ? -4.368  5.035   -2.182  1.00 18.23 ? 53  GLY A O   1 
ATOM   455  N N   . VAL A 1 55  ? -3.795  5.403   -0.044  1.00 18.68 ? 54  VAL A N   1 
ATOM   456  C CA  . VAL A 1 55  ? -2.379  5.064   -0.245  1.00 18.05 ? 54  VAL A CA  1 
ATOM   457  C C   . VAL A 1 55  ? -2.130  3.761   -1.015  1.00 17.94 ? 54  VAL A C   1 
ATOM   458  O O   . VAL A 1 55  ? -1.269  3.721   -1.886  1.00 17.84 ? 54  VAL A O   1 
ATOM   459  C CB  . VAL A 1 55  ? -1.605  5.093   1.100   1.00 18.40 ? 54  VAL A CB  1 
ATOM   460  C CG1 . VAL A 1 55  ? -0.191  4.495   0.948   1.00 16.31 ? 54  VAL A CG1 1 
ATOM   461  C CG2 . VAL A 1 55  ? -1.535  6.543   1.618   1.00 19.30 ? 54  VAL A CG2 1 
ATOM   462  N N   . GLU A 1 56  ? -2.858  2.690   -0.682  1.00 17.45 ? 55  GLU A N   1 
ATOM   463  C CA  . GLU A 1 56  ? -2.670  1.407   -1.377  1.00 17.43 ? 55  GLU A CA  1 
ATOM   464  C C   . GLU A 1 56  ? -2.870  1.531   -2.898  1.00 17.56 ? 55  GLU A C   1 
ATOM   465  O O   . GLU A 1 56  ? -2.022  1.087   -3.687  1.00 16.68 ? 55  GLU A O   1 
ATOM   466  C CB  . GLU A 1 56  ? -3.557  0.304   -0.762  1.00 17.04 ? 55  GLU A CB  1 
ATOM   467  C CG  . GLU A 1 56  ? -3.214  0.002   0.697   1.00 17.43 ? 55  GLU A CG  1 
ATOM   468  C CD  . GLU A 1 56  ? -3.876  -1.253  1.284   1.00 18.82 ? 55  GLU A CD  1 
ATOM   469  O OE1 . GLU A 1 56  ? -4.459  -2.061  0.518   1.00 17.01 ? 55  GLU A OE1 1 
ATOM   470  O OE2 . GLU A 1 56  ? -3.812  -1.429  2.542   1.00 19.24 ? 55  GLU A OE2 1 
ATOM   471  N N   . LEU A 1 57  ? -3.993  2.121   -3.312  1.00 17.40 ? 56  LEU A N   1 
ATOM   472  C CA  . LEU A 1 57  ? -4.241  2.338   -4.739  1.00 17.55 ? 56  LEU A CA  1 
ATOM   473  C C   . LEU A 1 57  ? -3.215  3.335   -5.336  1.00 17.35 ? 56  LEU A C   1 
ATOM   474  O O   . LEU A 1 57  ? -2.696  3.094   -6.407  1.00 16.15 ? 56  LEU A O   1 
ATOM   475  C CB  . LEU A 1 57  ? -5.684  2.804   -5.000  1.00 17.50 ? 56  LEU A CB  1 
ATOM   476  C CG  . LEU A 1 57  ? -6.835  1.819   -4.704  1.00 18.42 ? 56  LEU A CG  1 
ATOM   477  C CD1 . LEU A 1 57  ? -8.187  2.462   -5.126  1.00 17.62 ? 56  LEU A CD1 1 
ATOM   478  C CD2 . LEU A 1 57  ? -6.610  0.448   -5.358  1.00 16.30 ? 56  LEU A CD2 1 
ATOM   479  N N   . TRP A 1 58  ? -2.901  4.407   -4.604  1.00 17.17 ? 57  TRP A N   1 
ATOM   480  C CA  . TRP A 1 58  ? -1.900  5.384   -5.063  1.00 17.14 ? 57  TRP A CA  1 
ATOM   481  C C   . TRP A 1 58  ? -0.499  4.746   -5.220  1.00 17.26 ? 57  TRP A C   1 
ATOM   482  O O   . TRP A 1 58  ? 0.249   5.109   -6.118  1.00 16.58 ? 57  TRP A O   1 
ATOM   483  C CB  . TRP A 1 58  ? -1.828  6.597   -4.128  1.00 17.66 ? 57  TRP A CB  1 
ATOM   484  C CG  . TRP A 1 58  ? -3.111  7.383   -4.039  1.00 18.35 ? 57  TRP A CG  1 
ATOM   485  C CD1 . TRP A 1 58  ? -4.079  7.517   -5.012  1.00 19.19 ? 57  TRP A CD1 1 
ATOM   486  C CD2 . TRP A 1 58  ? -3.564  8.151   -2.917  1.00 19.20 ? 57  TRP A CD2 1 
ATOM   487  N NE1 . TRP A 1 58  ? -5.104  8.320   -4.552  1.00 19.76 ? 57  TRP A NE1 1 
ATOM   488  C CE2 . TRP A 1 58  ? -4.808  8.720   -3.271  1.00 19.32 ? 57  TRP A CE2 1 
ATOM   489  C CE3 . TRP A 1 58  ? -3.037  8.414   -1.645  1.00 18.95 ? 57  TRP A CE3 1 
ATOM   490  C CZ2 . TRP A 1 58  ? -5.529  9.545   -2.398  1.00 20.58 ? 57  TRP A CZ2 1 
ATOM   491  C CZ3 . TRP A 1 58  ? -3.767  9.228   -0.774  1.00 19.10 ? 57  TRP A CZ3 1 
ATOM   492  C CH2 . TRP A 1 58  ? -4.994  9.777   -1.158  1.00 20.06 ? 57  TRP A CH2 1 
ATOM   493  N N   . ALA A 1 59  ? -0.163  3.806   -4.338  1.00 17.22 ? 58  ALA A N   1 
ATOM   494  C CA  . ALA A 1 59  ? 1.107   3.081   -4.440  1.00 17.87 ? 58  ALA A CA  1 
ATOM   495  C C   . ALA A 1 59  ? 1.140   2.183   -5.666  1.00 18.65 ? 58  ALA A C   1 
ATOM   496  O O   . ALA A 1 59  ? 2.196   2.056   -6.310  1.00 17.91 ? 58  ALA A O   1 
ATOM   497  C CB  . ALA A 1 59  ? 1.351   2.259   -3.200  1.00 17.85 ? 58  ALA A CB  1 
ATOM   498  N N   . ALA A 1 60  ? 0.000   1.538   -5.982  1.00 17.12 ? 59  ALA A N   1 
ATOM   499  C CA  . ALA A 1 60  ? -0.058  0.712   -7.197  1.00 17.74 ? 59  ALA A CA  1 
ATOM   500  C C   . ALA A 1 60  ? 0.093   1.588   -8.426  1.00 17.11 ? 59  ALA A C   1 
ATOM   501  O O   . ALA A 1 60  ? 0.826   1.232   -9.351  1.00 17.39 ? 59  ALA A O   1 
ATOM   502  C CB  . ALA A 1 60  ? -1.348  -0.108  -7.273  1.00 16.59 ? 59  ALA A CB  1 
ATOM   503  N N   . GLU A 1 61  ? -0.611  2.722   -8.424  1.00 17.49 ? 60  GLU A N   1 
ATOM   504  C CA  . GLU A 1 61  ? -0.522  3.684   -9.518  1.00 18.27 ? 60  GLU A CA  1 
ATOM   505  C C   . GLU A 1 61  ? 0.921   4.176   -9.719  1.00 17.68 ? 60  GLU A C   1 
ATOM   506  O O   . GLU A 1 61  ? 1.374   4.304   -10.850 1.00 17.75 ? 60  GLU A O   1 
ATOM   507  C CB  . GLU A 1 61  ? -1.471  4.869   -9.302  1.00 17.61 ? 60  GLU A CB  1 
ATOM   508  C CG  . GLU A 1 61  ? -2.944  4.459   -9.382  1.00 19.77 ? 60  GLU A CG  1 
ATOM   509  C CD  . GLU A 1 61  ? -3.886  5.430   -8.700  1.00 24.26 ? 60  GLU A CD  1 
ATOM   510  O OE1 . GLU A 1 61  ? -3.475  6.566   -8.322  1.00 22.03 ? 60  GLU A OE1 1 
ATOM   511  O OE2 . GLU A 1 61  ? -5.054  5.046   -8.540  1.00 24.51 ? 60  GLU A OE2 1 
ATOM   512  N N   . ALA A 1 62  ? 1.615   4.442   -8.609  1.00 17.90 ? 61  ALA A N   1 
ATOM   513  C CA  . ALA A 1 62  ? 3.019   4.839   -8.631  1.00 17.87 ? 61  ALA A CA  1 
ATOM   514  C C   . ALA A 1 62  ? 3.904   3.762   -9.254  1.00 17.74 ? 61  ALA A C   1 
ATOM   515  O O   . ALA A 1 62  ? 4.762   4.077   -10.088 1.00 18.41 ? 61  ALA A O   1 
ATOM   516  C CB  . ALA A 1 62  ? 3.494   5.182   -7.212  1.00 18.02 ? 61  ALA A CB  1 
ATOM   517  N N   . ALA A 1 63  ? 3.691   2.503   -8.854  1.00 17.10 ? 62  ALA A N   1 
ATOM   518  C CA  . ALA A 1 63  ? 4.400   1.341   -9.397  1.00 17.43 ? 62  ALA A CA  1 
ATOM   519  C C   . ALA A 1 63  ? 4.156   1.158   -10.899 1.00 17.41 ? 62  ALA A C   1 
ATOM   520  O O   . ALA A 1 63  ? 5.115   0.900   -11.667 1.00 17.50 ? 62  ALA A O   1 
ATOM   521  C CB  . ALA A 1 63  ? 4.046   0.046   -8.612  1.00 16.92 ? 62  ALA A CB  1 
ATOM   522  N N   . TYR A 1 64  ? 2.905   1.337   -11.332 1.00 17.48 ? 63  TYR A N   1 
ATOM   523  C CA  . TYR A 1 64  ? 2.581   1.311   -12.761 1.00 17.58 ? 63  TYR A CA  1 
ATOM   524  C C   . TYR A 1 64  ? 3.290   2.393   -13.584 1.00 17.96 ? 63  TYR A C   1 
ATOM   525  O O   . TYR A 1 64  ? 3.557   2.193   -14.767 1.00 18.29 ? 63  TYR A O   1 
ATOM   526  C CB  . TYR A 1 64  ? 1.065   1.411   -13.018 1.00 17.27 ? 63  TYR A CB  1 
ATOM   527  C CG  . TYR A 1 64  ? 0.222   0.272   -12.430 1.00 17.68 ? 63  TYR A CG  1 
ATOM   528  C CD1 . TYR A 1 64  ? 0.735   -1.020  -12.316 1.00 15.62 ? 63  TYR A CD1 1 
ATOM   529  C CD2 . TYR A 1 64  ? -1.098  0.501   -12.012 1.00 15.76 ? 63  TYR A CD2 1 
ATOM   530  C CE1 . TYR A 1 64  ? -0.047  -2.057  -11.775 1.00 16.96 ? 63  TYR A CE1 1 
ATOM   531  C CE2 . TYR A 1 64  ? -1.880  -0.537  -11.477 1.00 14.93 ? 63  TYR A CE2 1 
ATOM   532  C CZ  . TYR A 1 64  ? -1.349  -1.797  -11.362 1.00 13.56 ? 63  TYR A CZ  1 
ATOM   533  O OH  . TYR A 1 64  ? -2.110  -2.845  -10.847 1.00 17.18 ? 63  TYR A OH  1 
ATOM   534  N N   . ASP A 1 65  ? 3.573   3.540   -12.971 1.00 19.11 ? 64  ASP A N   1 
ATOM   535  C CA  . ASP A 1 65  ? 4.327   4.620   -13.649 1.00 19.75 ? 64  ASP A CA  1 
ATOM   536  C C   . ASP A 1 65  ? 5.830   4.338   -13.731 1.00 19.97 ? 64  ASP A C   1 
ATOM   537  O O   . ASP A 1 65  ? 6.569   5.082   -14.400 1.00 19.88 ? 64  ASP A O   1 
ATOM   538  C CB  . ASP A 1 65  ? 4.139   5.939   -12.927 1.00 20.83 ? 64  ASP A CB  1 
ATOM   539  C CG  . ASP A 1 65  ? 2.861   6.645   -13.307 1.00 26.95 ? 64  ASP A CG  1 
ATOM   540  O OD1 . ASP A 1 65  ? 2.114   6.141   -14.172 1.00 30.35 ? 64  ASP A OD1 1 
ATOM   541  O OD2 . ASP A 1 65  ? 2.599   7.723   -12.726 1.00 32.40 ? 64  ASP A OD2 1 
ATOM   542  N N   . LEU A 1 66  ? 6.280   3.302   -13.028 1.00 19.37 ? 65  LEU A N   1 
ATOM   543  C CA  . LEU A 1 66  ? 7.702   2.913   -12.988 1.00 19.72 ? 65  LEU A CA  1 
ATOM   544  C C   . LEU A 1 66  ? 8.057   1.683   -13.841 1.00 20.21 ? 65  LEU A C   1 
ATOM   545  O O   . LEU A 1 66  ? 9.242   1.449   -14.173 1.00 19.49 ? 65  LEU A O   1 
ATOM   546  C CB  . LEU A 1 66  ? 8.123   2.650   -11.532 1.00 19.46 ? 65  LEU A CB  1 
ATOM   547  C CG  . LEU A 1 66  ? 8.139   3.822   -10.549 1.00 20.22 ? 65  LEU A CG  1 
ATOM   548  C CD1 . LEU A 1 66  ? 8.523   3.326   -9.142  1.00 16.77 ? 65  LEU A CD1 1 
ATOM   549  C CD2 . LEU A 1 66  ? 9.118   4.882   -11.019 1.00 19.71 ? 65  LEU A CD2 1 
ATOM   550  N N   . GLN A 1 67  ? 7.047   0.889   -14.189 1.00 20.06 ? 66  GLN A N   1 
ATOM   551  C CA  . GLN A 1 67  ? 7.282   -0.370  -14.892 1.00 20.74 ? 66  GLN A CA  1 
ATOM   552  C C   . GLN A 1 67  ? 7.953   -0.241  -16.265 1.00 21.44 ? 66  GLN A C   1 
ATOM   553  O O   . GLN A 1 67  ? 8.619   -1.158  -16.700 1.00 20.91 ? 66  GLN A O   1 
ATOM   554  C CB  . GLN A 1 67  ? 5.998   -1.170  -15.008 1.00 20.26 ? 66  GLN A CB  1 
ATOM   555  C CG  . GLN A 1 67  ? 5.578   -1.849  -13.697 1.00 20.13 ? 66  GLN A CG  1 
ATOM   556  C CD  . GLN A 1 67  ? 4.169   -2.363  -13.785 1.00 19.14 ? 66  GLN A CD  1 
ATOM   557  O OE1 . GLN A 1 67  ? 3.350   -1.761  -14.459 1.00 18.87 ? 66  GLN A OE1 1 
ATOM   558  N NE2 . GLN A 1 67  ? 3.883   -3.473  -13.127 1.00 18.31 ? 66  GLN A NE2 1 
ATOM   559  N N   . GLU A 1 68  ? 7.795   0.894   -16.935 1.00 22.90 ? 67  GLU A N   1 
ATOM   560  C CA  . GLU A 1 68  ? 8.543   1.119   -18.175 1.00 24.74 ? 67  GLU A CA  1 
ATOM   561  C C   . GLU A 1 68  ? 10.083  1.039   -18.010 1.00 25.31 ? 67  GLU A C   1 
ATOM   562  O O   . GLU A 1 68  ? 10.780  0.412   -18.824 1.00 25.49 ? 67  GLU A O   1 
ATOM   563  C CB  . GLU A 1 68  ? 8.144   2.422   -18.813 1.00 24.92 ? 67  GLU A CB  1 
ATOM   564  C CG  . GLU A 1 68  ? 8.581   2.488   -20.249 1.00 28.68 ? 67  GLU A CG  1 
ATOM   565  C CD  . GLU A 1 68  ? 8.405   3.840   -20.799 1.00 35.17 ? 67  GLU A CD  1 
ATOM   566  O OE1 . GLU A 1 68  ? 8.873   4.782   -20.124 1.00 39.55 ? 67  GLU A OE1 1 
ATOM   567  O OE2 . GLU A 1 68  ? 7.787   3.973   -21.883 1.00 38.14 ? 67  GLU A OE2 1 
ATOM   568  N N   . GLU A 1 69  ? 10.604  1.634   -16.944 1.00 25.50 ? 68  GLU A N   1 
ATOM   569  C CA  . GLU A 1 69  ? 12.037  1.553   -16.658 1.00 26.42 ? 68  GLU A CA  1 
ATOM   570  C C   . GLU A 1 69  ? 12.391  0.356   -15.782 1.00 26.19 ? 68  GLU A C   1 
ATOM   571  O O   . GLU A 1 69  ? 13.560  -0.041  -15.704 1.00 25.93 ? 68  GLU A O   1 
ATOM   572  C CB  . GLU A 1 69  ? 12.537  2.862   -16.017 1.00 26.40 ? 68  GLU A CB  1 
ATOM   573  C CG  . GLU A 1 69  ? 12.551  4.039   -17.011 1.00 30.03 ? 68  GLU A CG  1 
ATOM   574  C CD  . GLU A 1 69  ? 11.181  4.304   -17.622 1.00 32.72 ? 68  GLU A CD  1 
ATOM   575  O OE1 . GLU A 1 69  ? 10.272  4.666   -16.836 1.00 35.87 ? 68  GLU A OE1 1 
ATOM   576  O OE2 . GLU A 1 69  ? 11.003  4.119   -18.874 1.00 31.74 ? 68  GLU A OE2 1 
ATOM   577  N N   . TYR A 1 70  ? 11.396  -0.227  -15.112 1.00 25.77 ? 69  TYR A N   1 
ATOM   578  C CA  . TYR A 1 70  ? 11.652  -1.393  -14.258 1.00 26.20 ? 69  TYR A CA  1 
ATOM   579  C C   . TYR A 1 70  ? 10.644  -2.497  -14.578 1.00 27.21 ? 69  TYR A C   1 
ATOM   580  O O   . TYR A 1 70  ? 9.768   -2.765  -13.764 1.00 27.04 ? 69  TYR A O   1 
ATOM   581  C CB  . TYR A 1 70  ? 11.578  -1.014  -12.764 1.00 26.07 ? 69  TYR A CB  1 
ATOM   582  C CG  . TYR A 1 70  ? 12.529  0.095   -12.353 1.00 26.37 ? 69  TYR A CG  1 
ATOM   583  C CD1 . TYR A 1 70  ? 13.820  -0.197  -11.885 1.00 25.36 ? 69  TYR A CD1 1 
ATOM   584  C CD2 . TYR A 1 70  ? 12.156  1.442   -12.470 1.00 24.44 ? 69  TYR A CD2 1 
ATOM   585  C CE1 . TYR A 1 70  ? 14.705  0.833   -11.506 1.00 25.33 ? 69  TYR A CE1 1 
ATOM   586  C CE2 . TYR A 1 70  ? 13.019  2.455   -12.101 1.00 25.48 ? 69  TYR A CE2 1 
ATOM   587  C CZ  . TYR A 1 70  ? 14.293  2.142   -11.624 1.00 25.40 ? 69  TYR A CZ  1 
ATOM   588  O OH  . TYR A 1 70  ? 15.134  3.162   -11.280 1.00 27.59 ? 69  TYR A OH  1 
ATOM   589  N N   . PRO A 1 71  ? 10.763  -3.131  -15.767 1.00 28.32 ? 70  PRO A N   1 
ATOM   590  C CA  . PRO A 1 71  ? 9.739   -4.068  -16.275 1.00 29.34 ? 70  PRO A CA  1 
ATOM   591  C C   . PRO A 1 71  ? 9.593   -5.366  -15.480 1.00 30.09 ? 70  PRO A C   1 
ATOM   592  O O   . PRO A 1 71  ? 8.647   -6.128  -15.707 1.00 31.20 ? 70  PRO A O   1 
ATOM   593  C CB  . PRO A 1 71  ? 10.190  -4.348  -17.730 1.00 29.82 ? 70  PRO A CB  1 
ATOM   594  C CG  . PRO A 1 71  ? 11.667  -4.055  -17.746 1.00 29.35 ? 70  PRO A CG  1 
ATOM   595  C CD  . PRO A 1 71  ? 11.886  -2.958  -16.718 1.00 28.34 ? 70  PRO A CD  1 
ATOM   596  N N   . ASP A 1 72  ? 10.504  -5.613  -14.550 1.00 30.13 ? 71  ASP A N   1 
ATOM   597  C CA  . ASP A 1 72  ? 10.371  -6.754  -13.669 1.00 30.09 ? 71  ASP A CA  1 
ATOM   598  C C   . ASP A 1 72  ? 9.552   -6.451  -12.394 1.00 28.57 ? 71  ASP A C   1 
ATOM   599  O O   . ASP A 1 72  ? 9.289   -7.352  -11.619 1.00 29.20 ? 71  ASP A O   1 
ATOM   600  C CB  . ASP A 1 72  ? 11.748  -7.321  -13.330 1.00 30.77 ? 71  ASP A CB  1 
ATOM   601  C CG  . ASP A 1 72  ? 12.517  -7.822  -14.572 1.00 33.70 ? 71  ASP A CG  1 
ATOM   602  O OD1 . ASP A 1 72  ? 11.903  -8.120  -15.641 1.00 35.60 ? 71  ASP A OD1 1 
ATOM   603  O OD2 . ASP A 1 72  ? 13.763  -7.912  -14.460 1.00 37.03 ? 71  ASP A OD2 1 
ATOM   604  N N   . LEU A 1 73  ? 9.153   -5.193  -12.180 1.00 27.08 ? 72  LEU A N   1 
ATOM   605  C CA  . LEU A 1 73  ? 8.332   -4.822  -11.011 1.00 25.32 ? 72  LEU A CA  1 
ATOM   606  C C   . LEU A 1 73  ? 6.904   -5.311  -11.257 1.00 24.25 ? 72  LEU A C   1 
ATOM   607  O O   . LEU A 1 73  ? 6.300   -4.950  -12.269 1.00 23.49 ? 72  LEU A O   1 
ATOM   608  C CB  . LEU A 1 73  ? 8.345   -3.302  -10.759 1.00 25.52 ? 72  LEU A CB  1 
ATOM   609  C CG  . LEU A 1 73  ? 7.369   -2.642  -9.762  1.00 25.32 ? 72  LEU A CG  1 
ATOM   610  C CD1 . LEU A 1 73  ? 7.492   -3.214  -8.368  1.00 22.10 ? 72  LEU A CD1 1 
ATOM   611  C CD2 . LEU A 1 73  ? 7.598   -1.129  -9.721  1.00 25.15 ? 72  LEU A CD2 1 
ATOM   612  N N   . LYS A 1 74  ? 6.400   -6.160  -10.359 1.00 22.48 ? 73  LYS A N   1 
ATOM   613  C CA  . LYS A 1 74  ? 5.050   -6.710  -10.494 1.00 20.60 ? 73  LYS A CA  1 
ATOM   614  C C   . LYS A 1 74  ? 4.151   -6.263  -9.330  1.00 19.72 ? 73  LYS A C   1 
ATOM   615  O O   . LYS A 1 74  ? 4.623   -6.026  -8.213  1.00 18.18 ? 73  LYS A O   1 
ATOM   616  C CB  . LYS A 1 74  ? 5.111   -8.242  -10.626 1.00 20.77 ? 73  LYS A CB  1 
ATOM   617  C CG  . LYS A 1 74  ? 5.848   -8.690  -11.916 1.00 21.10 ? 73  LYS A CG  1 
ATOM   618  C CD  . LYS A 1 74  ? 6.246   -10.148 -11.890 1.00 26.47 ? 73  LYS A CD  1 
ATOM   619  C CE  . LYS A 1 74  ? 7.374   -10.413 -10.894 1.00 28.06 ? 73  LYS A CE  1 
ATOM   620  N NZ  . LYS A 1 74  ? 8.718   -9.829  -11.276 1.00 30.51 ? 73  LYS A NZ  1 
ATOM   621  N N   . VAL A 1 75  ? 2.863   -6.100  -9.619  1.00 19.06 ? 74  VAL A N   1 
ATOM   622  C CA  . VAL A 1 75  ? 1.890   -5.658  -8.616  1.00 17.74 ? 74  VAL A CA  1 
ATOM   623  C C   . VAL A 1 75  ? 0.884   -6.776  -8.325  1.00 17.76 ? 74  VAL A C   1 
ATOM   624  O O   . VAL A 1 75  ? 0.230   -7.291  -9.240  1.00 16.25 ? 74  VAL A O   1 
ATOM   625  C CB  . VAL A 1 75  ? 1.151   -4.380  -9.075  1.00 18.33 ? 74  VAL A CB  1 
ATOM   626  C CG1 . VAL A 1 75  ? 0.038   -3.993  -8.071  1.00 16.77 ? 74  VAL A CG1 1 
ATOM   627  C CG2 . VAL A 1 75  ? 2.155   -3.219  -9.268  1.00 17.29 ? 74  VAL A CG2 1 
ATOM   628  N N   . ALA A 1 76  ? 0.772   -7.152  -7.053  1.00 17.52 ? 75  ALA A N   1 
ATOM   629  C CA  . ALA A 1 76  ? -0.276  -8.085  -6.622  1.00 17.71 ? 75  ALA A CA  1 
ATOM   630  C C   . ALA A 1 76  ? -1.333  -7.355  -5.785  1.00 18.26 ? 75  ALA A C   1 
ATOM   631  O O   . ALA A 1 76  ? -1.000  -6.608  -4.836  1.00 18.52 ? 75  ALA A O   1 
ATOM   632  C CB  . ALA A 1 76  ? 0.323   -9.249  -5.832  1.00 18.29 ? 75  ALA A CB  1 
ATOM   633  N N   . VAL A 1 77  ? -2.601  -7.546  -6.152  1.00 18.23 ? 76  VAL A N   1 
ATOM   634  C CA  . VAL A 1 77  ? -3.727  -7.063  -5.345  1.00 18.22 ? 76  VAL A CA  1 
ATOM   635  C C   . VAL A 1 77  ? -4.476  -8.262  -4.742  1.00 19.17 ? 76  VAL A C   1 
ATOM   636  O O   . VAL A 1 77  ? -5.150  -9.026  -5.466  1.00 17.71 ? 76  VAL A O   1 
ATOM   637  C CB  . VAL A 1 77  ? -4.682  -6.162  -6.161  1.00 18.51 ? 76  VAL A CB  1 
ATOM   638  C CG1 . VAL A 1 77  ? -5.772  -5.584  -5.269  1.00 18.49 ? 76  VAL A CG1 1 
ATOM   639  C CG2 . VAL A 1 77  ? -3.923  -5.028  -6.858  1.00 18.84 ? 76  VAL A CG2 1 
ATOM   640  N N   . ILE A 1 78  ? -4.329  -8.445  -3.422  1.00 18.79 ? 77  ILE A N   1 
ATOM   641  C CA  . ILE A 1 78  ? -5.001  -9.549  -2.716  1.00 18.84 ? 77  ILE A CA  1 
ATOM   642  C C   . ILE A 1 78  ? -6.012  -8.975  -1.729  1.00 18.75 ? 77  ILE A C   1 
ATOM   643  O O   . ILE A 1 78  ? -5.665  -8.406  -0.693  1.00 18.98 ? 77  ILE A O   1 
ATOM   644  C CB  . ILE A 1 78  ? -3.995  -10.513 -2.035  1.00 18.21 ? 77  ILE A CB  1 
ATOM   645  C CG1 . ILE A 1 78  ? -3.079  -11.137 -3.102  1.00 18.42 ? 77  ILE A CG1 1 
ATOM   646  C CG2 . ILE A 1 78  ? -4.754  -11.579 -1.216  1.00 19.18 ? 77  ILE A CG2 1 
ATOM   647  C CD1 . ILE A 1 78  ? -1.941  -12.033 -2.578  1.00 20.24 ? 77  ILE A CD1 1 
ATOM   648  N N   . THR A 1 79  ? -7.279  -9.104  -2.076  1.00 18.60 ? 78  THR A N   1 
ATOM   649  C CA  . THR A 1 79  ? -8.345  -8.486  -1.292  1.00 17.83 ? 78  THR A CA  1 
ATOM   650  C C   . THR A 1 79  ? -8.768  -9.367  -0.108  1.00 17.83 ? 78  THR A C   1 
ATOM   651  O O   . THR A 1 79  ? -8.611  -10.604 -0.156  1.00 18.47 ? 78  THR A O   1 
ATOM   652  C CB  . THR A 1 79  ? -9.585  -8.198  -2.169  1.00 17.91 ? 78  THR A CB  1 
ATOM   653  O OG1 . THR A 1 79  ? -10.157 -9.453  -2.593  1.00 17.04 ? 78  THR A OG1 1 
ATOM   654  C CG2 . THR A 1 79  ? -9.193  -7.367  -3.368  1.00 17.49 ? 78  THR A CG2 1 
ATOM   655  N N   . PRO A 1 80  ? -9.290  -8.734  0.973   1.00 17.69 ? 79  PRO A N   1 
ATOM   656  C CA  . PRO A 1 80  ? -9.700  -9.520  2.158   1.00 17.77 ? 79  PRO A CA  1 
ATOM   657  C C   . PRO A 1 80  ? -11.007 -10.307 1.928   1.00 17.84 ? 79  PRO A C   1 
ATOM   658  O O   . PRO A 1 80  ? -11.279 -11.262 2.640   1.00 18.15 ? 79  PRO A O   1 
ATOM   659  C CB  . PRO A 1 80  ? -9.916  -8.450  3.234   1.00 17.05 ? 79  PRO A CB  1 
ATOM   660  C CG  . PRO A 1 80  ? -10.364 -7.219  2.444   1.00 17.36 ? 79  PRO A CG  1 
ATOM   661  C CD  . PRO A 1 80  ? -9.517  -7.286  1.162   1.00 16.82 ? 79  PRO A CD  1 
ATOM   662  N N   . PHE A 1 81  ? -11.810 -9.858  0.974   1.00 18.36 ? 80  PHE A N   1 
ATOM   663  C CA  . PHE A 1 81  ? -13.138 -10.433 0.664   1.00 19.49 ? 80  PHE A CA  1 
ATOM   664  C C   . PHE A 1 81  ? -13.580 -9.794  -0.661  1.00 20.15 ? 80  PHE A C   1 
ATOM   665  O O   . PHE A 1 81  ? -12.835 -8.979  -1.249  1.00 19.32 ? 80  PHE A O   1 
ATOM   666  C CB  . PHE A 1 81  ? -14.175 -10.128 1.785   1.00 18.98 ? 80  PHE A CB  1 
ATOM   667  C CG  . PHE A 1 81  ? -14.151 -8.684  2.283   1.00 19.11 ? 80  PHE A CG  1 
ATOM   668  C CD1 . PHE A 1 81  ? -14.735 -7.651  1.554   1.00 17.81 ? 80  PHE A CD1 1 
ATOM   669  C CD2 . PHE A 1 81  ? -13.538 -8.376  3.496   1.00 20.26 ? 80  PHE A CD2 1 
ATOM   670  C CE1 . PHE A 1 81  ? -14.691 -6.335  2.012   1.00 19.80 ? 80  PHE A CE1 1 
ATOM   671  C CE2 . PHE A 1 81  ? -13.491 -7.077  3.975   1.00 18.91 ? 80  PHE A CE2 1 
ATOM   672  C CZ  . PHE A 1 81  ? -14.059 -6.045  3.237   1.00 18.43 ? 80  PHE A CZ  1 
ATOM   673  N N   . TYR A 1 82  ? -14.786 -10.136 -1.109  1.00 20.60 ? 81  TYR A N   1 
ATOM   674  C CA  . TYR A 1 82  ? -15.338 -9.640  -2.384  1.00 21.98 ? 81  TYR A CA  1 
ATOM   675  C C   . TYR A 1 82  ? -16.006 -8.248  -2.283  1.00 21.80 ? 81  TYR A C   1 
ATOM   676  O O   . TYR A 1 82  ? -16.532 -7.870  -1.242  1.00 21.56 ? 81  TYR A O   1 
ATOM   677  C CB  . TYR A 1 82  ? -16.359 -10.657 -2.955  1.00 21.93 ? 81  TYR A CB  1 
ATOM   678  C CG  . TYR A 1 82  ? -15.800 -11.888 -3.613  1.00 24.25 ? 81  TYR A CG  1 
ATOM   679  C CD1 . TYR A 1 82  ? -14.497 -11.909 -4.109  1.00 24.58 ? 81  TYR A CD1 1 
ATOM   680  C CD2 . TYR A 1 82  ? -16.587 -13.034 -3.791  1.00 24.44 ? 81  TYR A CD2 1 
ATOM   681  C CE1 . TYR A 1 82  ? -13.988 -13.014 -4.737  1.00 24.88 ? 81  TYR A CE1 1 
ATOM   682  C CE2 . TYR A 1 82  ? -16.070 -14.180 -4.428  1.00 25.04 ? 81  TYR A CE2 1 
ATOM   683  C CZ  . TYR A 1 82  ? -14.770 -14.152 -4.896  1.00 25.63 ? 81  TYR A CZ  1 
ATOM   684  O OH  . TYR A 1 82  ? -14.208 -15.241 -5.536  1.00 26.42 ? 81  TYR A OH  1 
ATOM   685  N N   . GLU A 1 83  ? -15.973 -7.489  -3.384  1.00 22.65 ? 82  GLU A N   1 
ATOM   686  C CA  . GLU A 1 83  ? -16.775 -6.258  -3.545  1.00 22.31 ? 82  GLU A CA  1 
ATOM   687  C C   . GLU A 1 83  ? -16.519 -5.203  -2.471  1.00 21.85 ? 82  GLU A C   1 
ATOM   688  O O   . GLU A 1 83  ? -17.442 -4.546  -1.998  1.00 20.65 ? 82  GLU A O   1 
ATOM   689  C CB  . GLU A 1 83  ? -18.268 -6.596  -3.617  1.00 23.09 ? 82  GLU A CB  1 
ATOM   690  C CG  . GLU A 1 83  ? -18.599 -7.561  -4.750  1.00 26.66 ? 82  GLU A CG  1 
ATOM   691  C CD  . GLU A 1 83  ? -20.006 -8.121  -4.649  1.00 32.83 ? 82  GLU A CD  1 
ATOM   692  O OE1 . GLU A 1 83  ? -20.930 -7.449  -5.132  1.00 35.64 ? 82  GLU A OE1 1 
ATOM   693  O OE2 . GLU A 1 83  ? -20.182 -9.229  -4.106  1.00 35.31 ? 82  GLU A OE2 1 
ATOM   694  N N   . GLN A 1 84  ? -15.256 -5.031  -2.078  1.00 21.62 ? 83  GLN A N   1 
ATOM   695  C CA  . GLN A 1 84  ? -14.932 -4.049  -1.041  1.00 21.39 ? 83  GLN A CA  1 
ATOM   696  C C   . GLN A 1 84  ? -15.214 -2.612  -1.506  1.00 21.31 ? 83  GLN A C   1 
ATOM   697  O O   . GLN A 1 84  ? -15.383 -1.706  -0.693  1.00 21.44 ? 83  GLN A O   1 
ATOM   698  C CB  . GLN A 1 84  ? -13.471 -4.195  -0.588  1.00 20.97 ? 83  GLN A CB  1 
ATOM   699  C CG  . GLN A 1 84  ? -12.417 -3.600  -1.547  1.00 20.75 ? 83  GLN A CG  1 
ATOM   700  C CD  . GLN A 1 84  ? -10.999 -3.864  -1.034  1.00 20.73 ? 83  GLN A CD  1 
ATOM   701  O OE1 . GLN A 1 84  ? -10.647 -3.459  0.074   1.00 23.13 ? 83  GLN A OE1 1 
ATOM   702  N NE2 . GLN A 1 84  ? -10.210 -4.581  -1.812  1.00 16.94 ? 83  GLN A NE2 1 
ATOM   703  N N   . GLU A 1 85  ? -15.259 -2.416  -2.813  1.00 21.45 ? 84  GLU A N   1 
ATOM   704  C CA  . GLU A 1 85  ? -15.475 -1.087  -3.374  1.00 22.48 ? 84  GLU A CA  1 
ATOM   705  C C   . GLU A 1 85  ? -16.970 -0.747  -3.561  1.00 23.96 ? 84  GLU A C   1 
ATOM   706  O O   . GLU A 1 85  ? -17.315 0.349   -4.046  1.00 23.58 ? 84  GLU A O   1 
ATOM   707  C CB  . GLU A 1 85  ? -14.708 -0.957  -4.697  1.00 23.01 ? 84  GLU A CB  1 
ATOM   708  C CG  . GLU A 1 85  ? -15.409 -1.546  -5.932  1.00 22.51 ? 84  GLU A CG  1 
ATOM   709  C CD  . GLU A 1 85  ? -15.281 -3.058  -6.105  1.00 22.61 ? 84  GLU A CD  1 
ATOM   710  O OE1 . GLU A 1 85  ? -15.014 -3.812  -5.161  1.00 20.88 ? 84  GLU A OE1 1 
ATOM   711  O OE2 . GLU A 1 85  ? -15.449 -3.522  -7.248  1.00 25.91 ? 84  GLU A OE2 1 
ATOM   712  N N   . LYS A 1 86  ? -17.843 -1.667  -3.152  1.00 24.96 ? 85  LYS A N   1 
ATOM   713  C CA  . LYS A 1 86  ? -19.251 -1.613  -3.546  1.00 27.55 ? 85  LYS A CA  1 
ATOM   714  C C   . LYS A 1 86  ? -19.971 -0.312  -3.207  1.00 28.02 ? 85  LYS A C   1 
ATOM   715  O O   . LYS A 1 86  ? -20.799 0.137   -3.994  1.00 28.51 ? 85  LYS A O   1 
ATOM   716  C CB  . LYS A 1 86  ? -20.043 -2.855  -3.074  1.00 26.86 ? 85  LYS A CB  1 
ATOM   717  C CG  . LYS A 1 86  ? -20.240 -3.013  -1.555  1.00 28.57 ? 85  LYS A CG  1 
ATOM   718  C CD  . LYS A 1 86  ? -20.607 -4.482  -1.239  1.00 29.09 ? 85  LYS A CD  1 
ATOM   719  C CE  . LYS A 1 86  ? -21.096 -4.680  0.217   1.00 30.20 ? 85  LYS A CE  1 
ATOM   720  N NZ  . LYS A 1 86  ? -21.227 -6.144  0.405   1.00 27.92 ? 85  LYS A NZ  1 
ATOM   721  N N   . ASN A 1 87  ? -19.632 0.313   -2.079  1.00 28.46 ? 86  ASN A N   1 
ATOM   722  C CA  . ASN A 1 87  ? -20.322 1.532   -1.654  1.00 29.15 ? 86  ASN A CA  1 
ATOM   723  C C   . ASN A 1 87  ? -19.530 2.823   -1.871  1.00 29.69 ? 86  ASN A C   1 
ATOM   724  O O   . ASN A 1 87  ? -19.996 3.908   -1.502  1.00 29.73 ? 86  ASN A O   1 
ATOM   725  C CB  . ASN A 1 87  ? -20.744 1.430   -0.181  1.00 29.90 ? 86  ASN A CB  1 
ATOM   726  C CG  . ASN A 1 87  ? -21.745 0.307   0.082   1.00 31.25 ? 86  ASN A CG  1 
ATOM   727  O OD1 . ASN A 1 87  ? -22.517 -0.096  -0.793  1.00 31.63 ? 86  ASN A OD1 1 
ATOM   728  N ND2 . ASN A 1 87  ? -21.741 -0.191  1.314   1.00 35.14 ? 86  ASN A ND2 1 
ATOM   729  N N   . TRP A 1 88  ? -18.345 2.719   -2.478  1.00 29.25 ? 87  TRP A N   1 
ATOM   730  C CA  . TRP A 1 88  ? -17.523 3.902   -2.760  1.00 29.01 ? 87  TRP A CA  1 
ATOM   731  C C   . TRP A 1 88  ? -18.147 4.738   -3.878  1.00 29.86 ? 87  TRP A C   1 
ATOM   732  O O   . TRP A 1 88  ? -18.933 4.226   -4.655  1.00 29.88 ? 87  TRP A O   1 
ATOM   733  C CB  . TRP A 1 88  ? -16.091 3.493   -3.148  1.00 27.57 ? 87  TRP A CB  1 
ATOM   734  C CG  . TRP A 1 88  ? -15.370 2.644   -2.137  1.00 26.35 ? 87  TRP A CG  1 
ATOM   735  C CD1 . TRP A 1 88  ? -15.739 2.419   -0.842  1.00 26.61 ? 87  TRP A CD1 1 
ATOM   736  C CD2 . TRP A 1 88  ? -14.115 1.971   -2.320  1.00 25.09 ? 87  TRP A CD2 1 
ATOM   737  N NE1 . TRP A 1 88  ? -14.822 1.602   -0.222  1.00 26.95 ? 87  TRP A NE1 1 
ATOM   738  C CE2 . TRP A 1 88  ? -13.808 1.325   -1.105  1.00 26.47 ? 87  TRP A CE2 1 
ATOM   739  C CE3 . TRP A 1 88  ? -13.227 1.839   -3.402  1.00 24.91 ? 87  TRP A CE3 1 
ATOM   740  C CZ2 . TRP A 1 88  ? -12.646 0.542   -0.936  1.00 25.68 ? 87  TRP A CZ2 1 
ATOM   741  C CZ3 . TRP A 1 88  ? -12.076 1.071   -3.235  1.00 24.78 ? 87  TRP A CZ3 1 
ATOM   742  C CH2 . TRP A 1 88  ? -11.804 0.422   -2.014  1.00 25.24 ? 87  TRP A CH2 1 
ATOM   743  N N   . LYS A 1 89  ? -17.801 6.018   -3.951  1.00 31.07 ? 88  LYS A N   1 
ATOM   744  C CA  . LYS A 1 89  ? -18.253 6.873   -5.058  1.00 33.20 ? 88  LYS A CA  1 
ATOM   745  C C   . LYS A 1 89  ? -17.730 6.344   -6.409  1.00 33.24 ? 88  LYS A C   1 
ATOM   746  O O   . LYS A 1 89  ? -16.704 5.640   -6.460  1.00 32.60 ? 88  LYS A O   1 
ATOM   747  C CB  . LYS A 1 89  ? -17.830 8.336   -4.839  1.00 33.24 ? 88  LYS A CB  1 
ATOM   748  C CG  . LYS A 1 89  ? -16.316 8.564   -4.723  1.00 35.88 ? 88  LYS A CG  1 
ATOM   749  C CD  . LYS A 1 89  ? -15.931 10.042  -4.471  1.00 35.97 ? 88  LYS A CD  1 
ATOM   750  C CE  . LYS A 1 89  ? -15.365 10.743  -5.713  1.00 38.49 ? 88  LYS A CE  1 
ATOM   751  N NZ  . LYS A 1 89  ? -13.903 10.471  -5.962  1.00 41.89 ? 88  LYS A NZ  1 
ATOM   752  N N   . GLU A 1 90  ? -18.452 6.666   -7.489  1.00 33.27 ? 89  GLU A N   1 
ATOM   753  C CA  . GLU A 1 90  ? -18.107 6.182   -8.828  1.00 32.94 ? 89  GLU A CA  1 
ATOM   754  C C   . GLU A 1 90  ? -16.662 6.468   -9.259  1.00 31.60 ? 89  GLU A C   1 
ATOM   755  O O   . GLU A 1 90  ? -16.001 5.572   -9.776  1.00 31.75 ? 89  GLU A O   1 
ATOM   756  C CB  . GLU A 1 90  ? -19.116 6.667   -9.889  1.00 33.69 ? 89  GLU A CB  1 
ATOM   757  C CG  . GLU A 1 90  ? -18.965 5.963   -11.248 1.00 35.38 ? 89  GLU A CG  1 
ATOM   758  C CD  . GLU A 1 90  ? -19.097 4.445   -11.146 1.00 40.53 ? 89  GLU A CD  1 
ATOM   759  O OE1 . GLU A 1 90  ? -19.988 3.967   -10.395 1.00 42.81 ? 89  GLU A OE1 1 
ATOM   760  O OE2 . GLU A 1 90  ? -18.300 3.731   -11.800 1.00 42.59 ? 89  GLU A OE2 1 
ATOM   761  N N   . PRO A 1 91  ? -16.167 7.714   -9.080  1.00 30.71 ? 90  PRO A N   1 
ATOM   762  C CA  . PRO A 1 91  ? -14.763 7.941   -9.436  1.00 29.39 ? 90  PRO A CA  1 
ATOM   763  C C   . PRO A 1 91  ? -13.782 7.049   -8.669  1.00 28.25 ? 90  PRO A C   1 
ATOM   764  O O   . PRO A 1 91  ? -12.801 6.597   -9.251  1.00 26.50 ? 90  PRO A O   1 
ATOM   765  C CB  . PRO A 1 91  ? -14.539 9.416   -9.079  1.00 29.66 ? 90  PRO A CB  1 
ATOM   766  C CG  . PRO A 1 91  ? -15.885 10.021  -9.168  1.00 30.00 ? 90  PRO A CG  1 
ATOM   767  C CD  . PRO A 1 91  ? -16.806 8.968   -8.631  1.00 30.87 ? 90  PRO A CD  1 
ATOM   768  N N   . ASN A 1 92  ? -14.053 6.804   -7.385  1.00 27.34 ? 91  ASN A N   1 
ATOM   769  C CA  . ASN A 1 92  ? -13.239 5.877   -6.584  1.00 26.62 ? 91  ASN A CA  1 
ATOM   770  C C   . ASN A 1 92  ? -13.332 4.411   -7.039  1.00 25.67 ? 91  ASN A C   1 
ATOM   771  O O   . ASN A 1 92  ? -12.315 3.712   -7.080  1.00 25.09 ? 91  ASN A O   1 
ATOM   772  C CB  . ASN A 1 92  ? -13.570 6.010   -5.094  1.00 26.54 ? 91  ASN A CB  1 
ATOM   773  C CG  . ASN A 1 92  ? -12.889 7.201   -4.468  1.00 28.91 ? 91  ASN A CG  1 
ATOM   774  O OD1 . ASN A 1 92  ? -11.915 7.722   -5.024  1.00 30.34 ? 91  ASN A OD1 1 
ATOM   775  N ND2 . ASN A 1 92  ? -13.384 7.640   -3.309  1.00 26.71 ? 91  ASN A ND2 1 
ATOM   776  N N   . LYS A 1 93  ? -14.538 3.966   -7.403  1.00 24.82 ? 92  LYS A N   1 
ATOM   777  C CA  . LYS A 1 93  ? -14.717 2.635   -8.010  1.00 24.21 ? 92  LYS A CA  1 
ATOM   778  C C   . LYS A 1 93  ? -13.857 2.507   -9.270  1.00 23.07 ? 92  LYS A C   1 
ATOM   779  O O   . LYS A 1 93  ? -13.186 1.496   -9.466  1.00 21.28 ? 92  LYS A O   1 
ATOM   780  C CB  . LYS A 1 93  ? -16.173 2.341   -8.394  1.00 24.56 ? 92  LYS A CB  1 
ATOM   781  C CG  . LYS A 1 93  ? -17.168 2.304   -7.258  1.00 26.52 ? 92  LYS A CG  1 
ATOM   782  C CD  . LYS A 1 93  ? -18.349 1.454   -7.622  1.00 29.49 ? 92  LYS A CD  1 
ATOM   783  C CE  . LYS A 1 93  ? -19.410 1.523   -6.548  1.00 32.62 ? 92  LYS A CE  1 
ATOM   784  N NZ  . LYS A 1 93  ? -20.415 0.452   -6.718  1.00 34.72 ? 92  LYS A NZ  1 
ATOM   785  N N   . GLU A 1 94  ? -13.907 3.536   -10.118 1.00 22.06 ? 93  GLU A N   1 
ATOM   786  C CA  . GLU A 1 94  ? -13.152 3.536   -11.357 1.00 23.42 ? 93  GLU A CA  1 
ATOM   787  C C   . GLU A 1 94  ? -11.638 3.436   -11.093 1.00 21.97 ? 93  GLU A C   1 
ATOM   788  O O   . GLU A 1 94  ? -10.938 2.672   -11.758 1.00 21.92 ? 93  GLU A O   1 
ATOM   789  C CB  . GLU A 1 94  ? -13.487 4.771   -12.191 1.00 23.58 ? 93  GLU A CB  1 
ATOM   790  C CG  . GLU A 1 94  ? -13.030 4.621   -13.644 1.00 30.81 ? 93  GLU A CG  1 
ATOM   791  C CD  . GLU A 1 94  ? -13.054 5.937   -14.415 1.00 38.38 ? 93  GLU A CD  1 
ATOM   792  O OE1 . GLU A 1 94  ? -13.912 6.802   -14.099 1.00 39.58 ? 93  GLU A OE1 1 
ATOM   793  O OE2 . GLU A 1 94  ? -12.211 6.086   -15.341 1.00 42.37 ? 93  GLU A OE2 1 
ATOM   794  N N   . GLN A 1 95  ? -11.152 4.213   -10.127 1.00 21.55 ? 94  GLN A N   1 
ATOM   795  C CA  . GLN A 1 95  ? -9.746  4.171   -9.709  1.00 21.55 ? 94  GLN A CA  1 
ATOM   796  C C   . GLN A 1 95  ? -9.328  2.761   -9.266  1.00 20.36 ? 94  GLN A C   1 
ATOM   797  O O   . GLN A 1 95  ? -8.276  2.241   -9.683  1.00 19.52 ? 94  GLN A O   1 
ATOM   798  C CB  . GLN A 1 95  ? -9.507  5.168   -8.576  1.00 22.25 ? 94  GLN A CB  1 
ATOM   799  C CG  . GLN A 1 95  ? -8.086  5.183   -8.124  1.00 24.64 ? 94  GLN A CG  1 
ATOM   800  C CD  . GLN A 1 95  ? -7.737  6.332   -7.174  1.00 29.56 ? 94  GLN A CD  1 
ATOM   801  O OE1 . GLN A 1 95  ? -8.556  7.238   -6.886  1.00 30.38 ? 94  GLN A OE1 1 
ATOM   802  N NE2 . GLN A 1 95  ? -6.514  6.293   -6.676  1.00 27.71 ? 94  GLN A NE2 1 
ATOM   803  N N   . TYR A 1 96  ? -10.170 2.152   -8.431  1.00 18.32 ? 95  TYR A N   1 
ATOM   804  C CA  . TYR A 1 96  ? -9.967  0.790   -7.966  1.00 18.14 ? 95  TYR A CA  1 
ATOM   805  C C   . TYR A 1 96  ? -9.952  -0.213  -9.126  1.00 17.64 ? 95  TYR A C   1 
ATOM   806  O O   . TYR A 1 96  ? -9.067  -1.045  -9.220  1.00 16.76 ? 95  TYR A O   1 
ATOM   807  C CB  . TYR A 1 96  ? -11.059 0.441   -6.963  1.00 17.44 ? 95  TYR A CB  1 
ATOM   808  C CG  . TYR A 1 96  ? -11.043 -0.950  -6.414  1.00 16.75 ? 95  TYR A CG  1 
ATOM   809  C CD1 . TYR A 1 96  ? -10.281 -1.258  -5.273  1.00 15.48 ? 95  TYR A CD1 1 
ATOM   810  C CD2 . TYR A 1 96  ? -11.818 -1.961  -7.004  1.00 16.31 ? 95  TYR A CD2 1 
ATOM   811  C CE1 . TYR A 1 96  ? -10.281 -2.535  -4.739  1.00 16.62 ? 95  TYR A CE1 1 
ATOM   812  C CE2 . TYR A 1 96  ? -11.826 -3.219  -6.483  1.00 17.04 ? 95  TYR A CE2 1 
ATOM   813  C CZ  . TYR A 1 96  ? -11.068 -3.503  -5.340  1.00 16.06 ? 95  TYR A CZ  1 
ATOM   814  O OH  . TYR A 1 96  ? -11.068 -4.764  -4.817  1.00 16.09 ? 95  TYR A OH  1 
ATOM   815  N N   . GLU A 1 97  ? -10.943 -0.119  -10.003 1.00 17.46 ? 96  GLU A N   1 
ATOM   816  C CA  . GLU A 1 97  ? -11.046 -1.038  -11.128 1.00 17.72 ? 96  GLU A CA  1 
ATOM   817  C C   . GLU A 1 97  ? -9.827  -0.968  -12.044 1.00 17.15 ? 96  GLU A C   1 
ATOM   818  O O   . GLU A 1 97  ? -9.384  -2.003  -12.526 1.00 16.69 ? 96  GLU A O   1 
ATOM   819  C CB  . GLU A 1 97  ? -12.317 -0.776  -11.925 1.00 18.24 ? 96  GLU A CB  1 
ATOM   820  C CG  . GLU A 1 97  ? -13.590 -1.166  -11.167 1.00 19.79 ? 96  GLU A CG  1 
ATOM   821  C CD  . GLU A 1 97  ? -14.797 -0.350  -11.613 1.00 24.20 ? 96  GLU A CD  1 
ATOM   822  O OE1 . GLU A 1 97  ? -14.736 0.354   -12.647 1.00 24.83 ? 96  GLU A OE1 1 
ATOM   823  O OE2 . GLU A 1 97  ? -15.812 -0.400  -10.896 1.00 26.48 ? 96  GLU A OE2 1 
ATOM   824  N N   . ALA A 1 98  ? -9.315  0.249   -12.267 1.00 16.63 ? 97  ALA A N   1 
ATOM   825  C CA  . ALA A 1 98  ? -8.155  0.481   -13.141 1.00 17.35 ? 97  ALA A CA  1 
ATOM   826  C C   . ALA A 1 98  ? -6.934  -0.235  -12.568 1.00 16.09 ? 97  ALA A C   1 
ATOM   827  O O   . ALA A 1 98  ? -6.179  -0.887  -13.303 1.00 16.04 ? 97  ALA A O   1 
ATOM   828  C CB  . ALA A 1 98  ? -7.872  1.981   -13.271 1.00 16.76 ? 97  ALA A CB  1 
ATOM   829  N N   . VAL A 1 99  ? -6.746  -0.100  -11.254 1.00 16.65 ? 98  VAL A N   1 
ATOM   830  C CA  . VAL A 1 99  ? -5.659  -0.810  -10.545 1.00 16.37 ? 98  VAL A CA  1 
ATOM   831  C C   . VAL A 1 99  ? -5.812  -2.342  -10.646 1.00 17.13 ? 98  VAL A C   1 
ATOM   832  O O   . VAL A 1 99  ? -4.855  -3.050  -11.005 1.00 15.90 ? 98  VAL A O   1 
ATOM   833  C CB  . VAL A 1 99  ? -5.523  -0.368  -9.056  1.00 15.88 ? 98  VAL A CB  1 
ATOM   834  C CG1 . VAL A 1 99  ? -4.583  -1.318  -8.285  1.00 15.53 ? 98  VAL A CG1 1 
ATOM   835  C CG2 . VAL A 1 99  ? -5.011  1.067   -8.943  1.00 14.31 ? 98  VAL A CG2 1 
ATOM   836  N N   . LEU A 1 100 ? -6.995  -2.866  -10.325 1.00 17.39 ? 99  LEU A N   1 
ATOM   837  C CA  . LEU A 1 100 ? -7.189  -4.336  -10.443 1.00 18.54 ? 99  LEU A CA  1 
ATOM   838  C C   . LEU A 1 100 ? -7.028  -4.877  -11.874 1.00 18.57 ? 99  LEU A C   1 
ATOM   839  O O   . LEU A 1 100 ? -6.579  -6.015  -12.057 1.00 18.56 ? 99  LEU A O   1 
ATOM   840  C CB  . LEU A 1 100 ? -8.521  -4.807  -9.825  1.00 19.50 ? 99  LEU A CB  1 
ATOM   841  C CG  . LEU A 1 100 ? -8.324  -5.114  -8.327  1.00 23.33 ? 99  LEU A CG  1 
ATOM   842  C CD1 . LEU A 1 100 ? -8.217  -3.825  -7.467  1.00 24.64 ? 99  LEU A CD1 1 
ATOM   843  C CD2 . LEU A 1 100 ? -9.381  -6.059  -7.808  1.00 30.02 ? 99  LEU A CD2 1 
ATOM   844  N N   . ALA A 1 101 ? -7.359  -4.058  -12.873 1.00 18.68 ? 100 ALA A N   1 
ATOM   845  C CA  . ALA A 1 101 ? -7.308  -4.498  -14.282 1.00 19.50 ? 100 ALA A CA  1 
ATOM   846  C C   . ALA A 1 101 ? -5.869  -4.724  -14.750 1.00 20.16 ? 100 ALA A C   1 
ATOM   847  O O   . ALA A 1 101 ? -5.628  -5.515  -15.650 1.00 20.52 ? 100 ALA A O   1 
ATOM   848  C CB  . ALA A 1 101 ? -7.985  -3.475  -15.185 1.00 18.82 ? 100 ALA A CB  1 
ATOM   849  N N   . GLN A 1 102 ? -4.931  -4.015  -14.128 1.00 20.09 ? 101 GLN A N   1 
ATOM   850  C CA  . GLN A 1 102 ? -3.553  -3.967  -14.589 1.00 20.58 ? 101 GLN A CA  1 
ATOM   851  C C   . GLN A 1 102 ? -2.626  -4.831  -13.704 1.00 19.83 ? 101 GLN A C   1 
ATOM   852  O O   . GLN A 1 102 ? -1.479  -5.076  -14.052 1.00 19.91 ? 101 GLN A O   1 
ATOM   853  C CB  . GLN A 1 102 ? -3.097  -2.491  -14.626 1.00 20.05 ? 101 GLN A CB  1 
ATOM   854  C CG  . GLN A 1 102 ? -1.765  -2.275  -15.272 1.00 21.31 ? 101 GLN A CG  1 
ATOM   855  C CD  . GLN A 1 102 ? -1.449  -0.807  -15.543 1.00 21.02 ? 101 GLN A CD  1 
ATOM   856  O OE1 . GLN A 1 102 ? -2.349  0.052   -15.644 1.00 19.29 ? 101 GLN A OE1 1 
ATOM   857  N NE2 . GLN A 1 102 ? -0.164  -0.517  -15.665 1.00 22.80 ? 101 GLN A NE2 1 
ATOM   858  N N   . ALA A 1 103 ? -3.136  -5.299  -12.567 1.00 20.02 ? 102 ALA A N   1 
ATOM   859  C CA  . ALA A 1 103 ? -2.317  -6.077  -11.630 1.00 20.42 ? 102 ALA A CA  1 
ATOM   860  C C   . ALA A 1 103 ? -1.793  -7.351  -12.263 1.00 20.32 ? 102 ALA A C   1 
ATOM   861  O O   . ALA A 1 103 ? -2.495  -7.992  -13.061 1.00 20.53 ? 102 ALA A O   1 
ATOM   862  C CB  . ALA A 1 103 ? -3.102  -6.413  -10.323 1.00 20.50 ? 102 ALA A CB  1 
ATOM   863  N N   . ASP A 1 104 ? -0.562  -7.713  -11.908 1.00 19.52 ? 103 ASP A N   1 
ATOM   864  C CA  . ASP A 1 104 ? 0.035   -8.963  -12.386 1.00 19.89 ? 103 ASP A CA  1 
ATOM   865  C C   . ASP A 1 104 ? -0.648  -10.160 -11.736 1.00 19.44 ? 103 ASP A C   1 
ATOM   866  O O   . ASP A 1 104 ? -0.818  -11.221 -12.348 1.00 19.49 ? 103 ASP A O   1 
ATOM   867  C CB  . ASP A 1 104 ? 1.534   -8.953  -12.122 1.00 19.07 ? 103 ASP A CB  1 
ATOM   868  C CG  . ASP A 1 104 ? 2.218   -7.867  -12.906 1.00 20.12 ? 103 ASP A CG  1 
ATOM   869  O OD1 . ASP A 1 104 ? 2.505   -8.120  -14.074 1.00 21.24 ? 103 ASP A OD1 1 
ATOM   870  O OD2 . ASP A 1 104 ? 2.387   -6.745  -12.387 1.00 19.62 ? 103 ASP A OD2 1 
ATOM   871  N N   . TYR A 1 105 ? -1.073  -9.965  -10.501 1.00 19.64 ? 104 TYR A N   1 
ATOM   872  C CA  . TYR A 1 105 ? -1.846  -10.984 -9.808  1.00 20.46 ? 104 TYR A CA  1 
ATOM   873  C C   . TYR A 1 105 ? -2.901  -10.297 -8.967  1.00 20.86 ? 104 TYR A C   1 
ATOM   874  O O   . TYR A 1 105 ? -2.690  -9.195  -8.441  1.00 20.19 ? 104 TYR A O   1 
ATOM   875  C CB  . TYR A 1 105 ? -0.945  -11.851 -8.907  1.00 20.71 ? 104 TYR A CB  1 
ATOM   876  C CG  . TYR A 1 105 ? -1.693  -12.911 -8.086  1.00 21.23 ? 104 TYR A CG  1 
ATOM   877  C CD1 . TYR A 1 105 ? -2.167  -14.071 -8.699  1.00 23.93 ? 104 TYR A CD1 1 
ATOM   878  C CD2 . TYR A 1 105 ? -1.912  -12.757 -6.699  1.00 21.68 ? 104 TYR A CD2 1 
ATOM   879  C CE1 . TYR A 1 105 ? -2.854  -15.065 -7.979  1.00 24.37 ? 104 TYR A CE1 1 
ATOM   880  C CE2 . TYR A 1 105 ? -2.615  -13.760 -5.953  1.00 22.98 ? 104 TYR A CE2 1 
ATOM   881  C CZ  . TYR A 1 105 ? -3.049  -14.916 -6.612  1.00 23.27 ? 104 TYR A CZ  1 
ATOM   882  O OH  . TYR A 1 105 ? -3.723  -15.924 -5.958  1.00 23.93 ? 104 TYR A OH  1 
ATOM   883  N N   . GLU A 1 106 ? -4.041  -10.970 -8.839  1.00 21.63 ? 105 GLU A N   1 
ATOM   884  C CA  . GLU A 1 106 ? -5.112  -10.510 -7.986  1.00 22.09 ? 105 GLU A CA  1 
ATOM   885  C C   . GLU A 1 106 ? -5.964  -11.692 -7.566  1.00 21.87 ? 105 GLU A C   1 
ATOM   886  O O   . GLU A 1 106 ? -6.181  -12.628 -8.351  1.00 21.62 ? 105 GLU A O   1 
ATOM   887  C CB  . GLU A 1 106 ? -5.944  -9.445  -8.678  1.00 22.90 ? 105 GLU A CB  1 
ATOM   888  C CG  . GLU A 1 106 ? -6.829  -9.949  -9.763  1.00 27.44 ? 105 GLU A CG  1 
ATOM   889  C CD  . GLU A 1 106 ? -7.341  -8.823  -10.572 1.00 34.03 ? 105 GLU A CD  1 
ATOM   890  O OE1 . GLU A 1 106 ? -6.562  -8.314  -11.407 1.00 39.58 ? 105 GLU A OE1 1 
ATOM   891  O OE2 . GLU A 1 106 ? -8.506  -8.422  -10.359 1.00 36.93 ? 105 GLU A OE2 1 
ATOM   892  N N   . ALA A 1 107 ? -6.424  -11.654 -6.319  1.00 21.12 ? 106 ALA A N   1 
ATOM   893  C CA  . ALA A 1 107 ? -7.226  -12.742 -5.774  1.00 21.23 ? 106 ALA A CA  1 
ATOM   894  C C   . ALA A 1 107 ? -7.908  -12.194 -4.541  1.00 21.02 ? 106 ALA A C   1 
ATOM   895  O O   . ALA A 1 107 ? -7.629  -11.080 -4.135  1.00 20.65 ? 106 ALA A O   1 
ATOM   896  C CB  . ALA A 1 107 ? -6.350  -13.935 -5.411  1.00 20.60 ? 106 ALA A CB  1 
ATOM   897  N N   . SER A 1 108 ? -8.817  -12.983 -3.979  1.00 20.68 ? 107 SER A N   1 
ATOM   898  C CA  . SER A 1 108 ? -9.482  -12.658 -2.735  1.00 20.47 ? 107 SER A CA  1 
ATOM   899  C C   . SER A 1 108 ? -9.249  -13.769 -1.759  1.00 21.00 ? 107 SER A C   1 
ATOM   900  O O   . SER A 1 108 ? -9.410  -14.937 -2.103  1.00 21.98 ? 107 SER A O   1 
ATOM   901  C CB  . SER A 1 108 ? -10.984 -12.485 -2.949  1.00 20.40 ? 107 SER A CB  1 
ATOM   902  O OG  . SER A 1 108 ? -11.580 -12.048 -1.738  1.00 19.97 ? 107 SER A OG  1 
ATOM   903  N N   . LEU A 1 109 ? -8.892  -13.419 -0.529  1.00 21.74 ? 108 LEU A N   1 
ATOM   904  C CA  . LEU A 1 109 ? -8.603  -14.423 0.482   1.00 21.23 ? 108 LEU A CA  1 
ATOM   905  C C   . LEU A 1 109 ? -9.842  -15.168 0.931   1.00 21.81 ? 108 LEU A C   1 
ATOM   906  O O   . LEU A 1 109 ? -9.739  -16.318 1.343   1.00 20.77 ? 108 LEU A O   1 
ATOM   907  C CB  . LEU A 1 109 ? -7.922  -13.794 1.701   1.00 21.49 ? 108 LEU A CB  1 
ATOM   908  C CG  . LEU A 1 109 ? -6.503  -13.280 1.493   1.00 20.48 ? 108 LEU A CG  1 
ATOM   909  C CD1 . LEU A 1 109 ? -6.045  -12.572 2.757   1.00 18.95 ? 108 LEU A CD1 1 
ATOM   910  C CD2 . LEU A 1 109 ? -5.570  -14.443 1.144   1.00 22.85 ? 108 LEU A CD2 1 
ATOM   911  N N   . THR A 1 110 ? -10.996 -14.498 0.880   1.00 21.62 ? 109 THR A N   1 
ATOM   912  C CA  . THR A 1 110 ? -12.264 -15.196 1.094   1.00 22.34 ? 109 THR A CA  1 
ATOM   913  C C   . THR A 1 110 ? -13.187 -14.982 -0.108  1.00 22.59 ? 109 THR A C   1 
ATOM   914  O O   . THR A 1 110 ? -13.249 -13.878 -0.691  1.00 22.08 ? 109 THR A O   1 
ATOM   915  C CB  . THR A 1 110 ? -12.958 -14.803 2.445   1.00 22.02 ? 109 THR A CB  1 
ATOM   916  O OG1 . THR A 1 110 ? -13.289 -13.414 2.423   1.00 22.18 ? 109 THR A OG1 1 
ATOM   917  C CG2 . THR A 1 110 ? -12.038 -15.058 3.651   1.00 22.95 ? 109 THR A CG2 1 
ATOM   918  N N   . HIS A 1 111 ? -13.916 -16.031 -0.474  1.00 22.84 ? 110 HIS A N   1 
ATOM   919  C CA  . HIS A 1 111 ? -14.764 -15.970 -1.663  1.00 23.98 ? 110 HIS A CA  1 
ATOM   920  C C   . HIS A 1 111 ? -16.190 -15.567 -1.318  1.00 24.30 ? 110 HIS A C   1 
ATOM   921  O O   . HIS A 1 111 ? -17.165 -16.198 -1.761  1.00 24.62 ? 110 HIS A O   1 
ATOM   922  C CB  . HIS A 1 111 ? -14.698 -17.294 -2.461  1.00 24.48 ? 110 HIS A CB  1 
ATOM   923  C CG  . HIS A 1 111 ? -13.398 -17.486 -3.192  1.00 27.28 ? 110 HIS A CG  1 
ATOM   924  N ND1 . HIS A 1 111 ? -13.107 -18.620 -3.923  1.00 30.17 ? 110 HIS A ND1 1 
ATOM   925  C CD2 . HIS A 1 111 ? -12.310 -16.675 -3.305  1.00 27.87 ? 110 HIS A CD2 1 
ATOM   926  C CE1 . HIS A 1 111 ? -11.904 -18.494 -4.467  1.00 32.38 ? 110 HIS A CE1 1 
ATOM   927  N NE2 . HIS A 1 111 ? -11.398 -17.327 -4.100  1.00 29.99 ? 110 HIS A NE2 1 
ATOM   928  N N   . ARG A 1 112 ? -16.292 -14.495 -0.536  1.00 23.95 ? 111 ARG A N   1 
ATOM   929  C CA  . ARG A 1 112 ? -17.557 -13.927 -0.127  1.00 23.10 ? 111 ARG A CA  1 
ATOM   930  C C   . ARG A 1 112 ? -17.376 -12.446 0.144   1.00 23.28 ? 111 ARG A C   1 
ATOM   931  O O   . ARG A 1 112 ? -16.248 -11.991 0.364   1.00 22.49 ? 111 ARG A O   1 
ATOM   932  C CB  . ARG A 1 112 ? -18.098 -14.650 1.114   1.00 23.38 ? 111 ARG A CB  1 
ATOM   933  C CG  . ARG A 1 112 ? -17.245 -14.513 2.391   1.00 21.97 ? 111 ARG A CG  1 
ATOM   934  C CD  . ARG A 1 112 ? -17.915 -15.304 3.520   1.00 22.87 ? 111 ARG A CD  1 
ATOM   935  N NE  . ARG A 1 112 ? -17.806 -16.740 3.269   1.00 22.05 ? 111 ARG A NE  1 
ATOM   936  C CZ  . ARG A 1 112 ? -18.453 -17.689 3.945   1.00 22.86 ? 111 ARG A CZ  1 
ATOM   937  N NH1 . ARG A 1 112 ? -19.309 -17.379 4.933   1.00 19.73 ? 111 ARG A NH1 1 
ATOM   938  N NH2 . ARG A 1 112 ? -18.249 -18.957 3.623   1.00 21.90 ? 111 ARG A NH2 1 
ATOM   939  N N   . PRO A 1 113 ? -18.481 -11.680 0.107   1.00 22.72 ? 112 PRO A N   1 
ATOM   940  C CA  . PRO A 1 113 ? -18.415 -10.278 0.470   1.00 22.71 ? 112 PRO A CA  1 
ATOM   941  C C   . PRO A 1 113 ? -18.086 -10.103 1.959   1.00 22.58 ? 112 PRO A C   1 
ATOM   942  O O   . PRO A 1 113 ? -17.970 -11.104 2.703   1.00 21.52 ? 112 PRO A O   1 
ATOM   943  C CB  . PRO A 1 113 ? -19.816 -9.757  0.135   1.00 23.13 ? 112 PRO A CB  1 
ATOM   944  C CG  . PRO A 1 113 ? -20.412 -10.794 -0.788  1.00 22.87 ? 112 PRO A CG  1 
ATOM   945  C CD  . PRO A 1 113 ? -19.834 -12.080 -0.333  1.00 22.93 ? 112 PRO A CD  1 
ATOM   946  N N   . TYR A 1 114 ? -17.909 -8.849  2.368   1.00 22.30 ? 113 TYR A N   1 
ATOM   947  C CA  . TYR A 1 114 ? -17.619 -8.520  3.768   1.00 21.89 ? 113 TYR A CA  1 
ATOM   948  C C   . TYR A 1 114 ? -18.604 -9.231  4.671   1.00 22.08 ? 113 TYR A C   1 
ATOM   949  O O   . TYR A 1 114 ? -19.817 -9.131  4.465   1.00 22.10 ? 113 TYR A O   1 
ATOM   950  C CB  . TYR A 1 114 ? -17.663 -7.010  4.073   1.00 21.44 ? 113 TYR A CB  1 
ATOM   951  C CG  . TYR A 1 114 ? -17.584 -6.771  5.571   1.00 22.03 ? 113 TYR A CG  1 
ATOM   952  C CD1 . TYR A 1 114 ? -16.373 -6.932  6.251   1.00 19.59 ? 113 TYR A CD1 1 
ATOM   953  C CD2 . TYR A 1 114 ? -18.743 -6.493  6.330   1.00 22.80 ? 113 TYR A CD2 1 
ATOM   954  C CE1 . TYR A 1 114 ? -16.296 -6.760  7.620   1.00 20.25 ? 113 TYR A CE1 1 
ATOM   955  C CE2 . TYR A 1 114 ? -18.676 -6.316  7.712   1.00 21.71 ? 113 TYR A CE2 1 
ATOM   956  C CZ  . TYR A 1 114 ? -17.451 -6.459  8.346   1.00 21.47 ? 113 TYR A CZ  1 
ATOM   957  O OH  . TYR A 1 114 ? -17.362 -6.322  9.707   1.00 21.80 ? 113 TYR A OH  1 
ATOM   958  N N   . GLU A 1 115 ? -18.051 -9.917  5.671   1.00 21.59 ? 114 GLU A N   1 
ATOM   959  C CA  . GLU A 1 115 ? -18.803 -10.672 6.667   1.00 22.04 ? 114 GLU A CA  1 
ATOM   960  C C   . GLU A 1 115 ? -18.493 -10.248 8.103   1.00 21.78 ? 114 GLU A C   1 
ATOM   961  O O   . GLU A 1 115 ? -19.414 -9.998  8.885   1.00 21.74 ? 114 GLU A O   1 
ATOM   962  C CB  . GLU A 1 115 ? -18.521 -12.169 6.507   1.00 22.70 ? 114 GLU A CB  1 
ATOM   963  C CG  . GLU A 1 115 ? -19.233 -13.024 7.528   1.00 24.11 ? 114 GLU A CG  1 
ATOM   964  C CD  . GLU A 1 115 ? -18.922 -14.485 7.355   1.00 28.25 ? 114 GLU A CD  1 
ATOM   965  O OE1 . GLU A 1 115 ? -17.875 -14.932 7.885   1.00 28.88 ? 114 GLU A OE1 1 
ATOM   966  O OE2 . GLU A 1 115 ? -19.728 -15.192 6.706   1.00 28.34 ? 114 GLU A OE2 1 
ATOM   967  N N   . SER A 1 116 ? -17.212 -10.191 8.475   1.00 21.37 ? 115 SER A N   1 
ATOM   968  C CA  . SER A 1 116 ? -16.859 -9.804  9.869   1.00 20.78 ? 115 SER A CA  1 
ATOM   969  C C   . SER A 1 116 ? -15.440 -9.227  9.957   1.00 20.12 ? 115 SER A C   1 
ATOM   970  O O   . SER A 1 116 ? -14.640 -9.445  9.032   1.00 18.94 ? 115 SER A O   1 
ATOM   971  C CB  . SER A 1 116 ? -16.987 -11.000 10.807  1.00 21.20 ? 115 SER A CB  1 
ATOM   972  O OG  . SER A 1 116 ? -15.806 -11.784 10.771  1.00 22.66 ? 115 SER A OG  1 
ATOM   973  N N   . PRO A 1 117 ? -15.117 -8.500  11.067  1.00 19.81 ? 116 PRO A N   1 
ATOM   974  C CA  . PRO A 1 117 ? -13.751 -7.990  11.251  1.00 19.49 ? 116 PRO A CA  1 
ATOM   975  C C   . PRO A 1 117 ? -12.676 -9.053  11.086  1.00 19.60 ? 116 PRO A C   1 
ATOM   976  O O   . PRO A 1 117 ? -11.540 -8.711  10.775  1.00 19.43 ? 116 PRO A O   1 
ATOM   977  C CB  . PRO A 1 117 ? -13.767 -7.436  12.682  1.00 19.79 ? 116 PRO A CB  1 
ATOM   978  C CG  . PRO A 1 117 ? -15.175 -6.941  12.842  1.00 18.67 ? 116 PRO A CG  1 
ATOM   979  C CD  . PRO A 1 117 ? -15.989 -8.074  12.185  1.00 18.98 ? 116 PRO A CD  1 
ATOM   980  N N   . LEU A 1 118 ? -13.044 -10.327 11.231  1.00 18.98 ? 117 LEU A N   1 
ATOM   981  C CA  . LEU A 1 118 ? -12.087 -11.419 11.135  1.00 19.00 ? 117 LEU A CA  1 
ATOM   982  C C   . LEU A 1 118 ? -11.381 -11.495 9.761   1.00 18.11 ? 117 LEU A C   1 
ATOM   983  O O   . LEU A 1 118 ? -10.209 -11.837 9.683   1.00 17.17 ? 117 LEU A O   1 
ATOM   984  C CB  . LEU A 1 118 ? -12.740 -12.771 11.501  1.00 19.45 ? 117 LEU A CB  1 
ATOM   985  C CG  . LEU A 1 118 ? -11.849 -14.021 11.396  1.00 18.63 ? 117 LEU A CG  1 
ATOM   986  C CD1 . LEU A 1 118 ? -10.674 -13.913 12.375  1.00 22.10 ? 117 LEU A CD1 1 
ATOM   987  C CD2 . LEU A 1 118 ? -12.680 -15.326 11.674  1.00 20.32 ? 117 LEU A CD2 1 
ATOM   988  N N   . GLN A 1 119 ? -12.098 -11.138 8.701   1.00 18.31 ? 118 GLN A N   1 
ATOM   989  C CA  . GLN A 1 119 ? -11.521 -11.099 7.363   1.00 18.79 ? 118 GLN A CA  1 
ATOM   990  C C   . GLN A 1 119 ? -10.385 -10.080 7.240   1.00 18.99 ? 118 GLN A C   1 
ATOM   991  O O   . GLN A 1 119 ? -9.403  -10.355 6.569   1.00 19.76 ? 118 GLN A O   1 
ATOM   992  C CB  . GLN A 1 119 ? -12.586 -10.821 6.304   1.00 18.04 ? 118 GLN A CB  1 
ATOM   993  C CG  . GLN A 1 119 ? -13.582 -11.984 6.045   1.00 19.68 ? 118 GLN A CG  1 
ATOM   994  C CD  . GLN A 1 119 ? -14.898 -11.450 5.491   1.00 20.46 ? 118 GLN A CD  1 
ATOM   995  O OE1 . GLN A 1 119 ? -15.451 -10.485 6.024   1.00 18.34 ? 118 GLN A OE1 1 
ATOM   996  N NE2 . GLN A 1 119 ? -15.386 -12.051 4.403   1.00 19.00 ? 118 GLN A NE2 1 
ATOM   997  N N   . PHE A 1 120 ? -10.543 -8.908  7.853   1.00 20.12 ? 119 PHE A N   1 
ATOM   998  C CA  . PHE A 1 120 ? -9.440  -7.911  7.916   1.00 20.88 ? 119 PHE A CA  1 
ATOM   999  C C   . PHE A 1 120 ? -8.253  -8.425  8.730   1.00 21.07 ? 119 PHE A C   1 
ATOM   1000 O O   . PHE A 1 120 ? -7.112  -8.334  8.283   1.00 21.57 ? 119 PHE A O   1 
ATOM   1001 C CB  . PHE A 1 120 ? -9.906  -6.561  8.475   1.00 19.54 ? 119 PHE A CB  1 
ATOM   1002 C CG  . PHE A 1 120 ? -10.812 -5.777  7.537   1.00 21.00 ? 119 PHE A CG  1 
ATOM   1003 C CD1 . PHE A 1 120 ? -10.336 -5.300  6.304   1.00 19.91 ? 119 PHE A CD1 1 
ATOM   1004 C CD2 . PHE A 1 120 ? -12.135 -5.506  7.892   1.00 17.64 ? 119 PHE A CD2 1 
ATOM   1005 C CE1 . PHE A 1 120 ? -11.173 -4.575  5.433   1.00 21.86 ? 119 PHE A CE1 1 
ATOM   1006 C CE2 . PHE A 1 120 ? -12.964 -4.764  7.048   1.00 17.22 ? 119 PHE A CE2 1 
ATOM   1007 C CZ  . PHE A 1 120 ? -12.494 -4.297  5.818   1.00 19.71 ? 119 PHE A CZ  1 
ATOM   1008 N N   . LYS A 1 121 ? -8.532  -8.956  9.916   1.00 21.34 ? 120 LYS A N   1 
ATOM   1009 C CA  . LYS A 1 121 ? -7.496  -9.541  10.776  1.00 21.31 ? 120 LYS A CA  1 
ATOM   1010 C C   . LYS A 1 121 ? -6.663  -10.567 10.032  1.00 20.08 ? 120 LYS A C   1 
ATOM   1011 O O   . LYS A 1 121 ? -5.433  -10.490 10.030  1.00 19.10 ? 120 LYS A O   1 
ATOM   1012 C CB  . LYS A 1 121 ? -8.106  -10.177 12.033  1.00 21.39 ? 120 LYS A CB  1 
ATOM   1013 C CG  . LYS A 1 121 ? -7.042  -10.671 13.053  1.00 22.53 ? 120 LYS A CG  1 
ATOM   1014 C CD  . LYS A 1 121 ? -7.692  -11.337 14.256  1.00 23.49 ? 120 LYS A CD  1 
ATOM   1015 C CE  . LYS A 1 121 ? -6.633  -11.930 15.204  1.00 26.13 ? 120 LYS A CE  1 
ATOM   1016 N NZ  . LYS A 1 121 ? -6.035  -10.809 16.007  1.00 31.78 ? 120 LYS A NZ  1 
ATOM   1017 N N   . GLN A 1 122 ? -7.349  -11.528 9.402   1.00 19.87 ? 121 GLN A N   1 
ATOM   1018 C CA  . GLN A 1 122 ? -6.716  -12.596 8.637   1.00 20.09 ? 121 GLN A CA  1 
ATOM   1019 C C   . GLN A 1 122 ? -5.938  -12.061 7.458   1.00 19.21 ? 121 GLN A C   1 
ATOM   1020 O O   . GLN A 1 122 ? -4.849  -12.546 7.183   1.00 19.17 ? 121 GLN A O   1 
ATOM   1021 C CB  . GLN A 1 122 ? -7.757  -13.613 8.144   1.00 20.00 ? 121 GLN A CB  1 
ATOM   1022 C CG  . GLN A 1 122 ? -8.202  -14.610 9.232   1.00 21.24 ? 121 GLN A CG  1 
ATOM   1023 C CD  . GLN A 1 122 ? -9.441  -15.422 8.860   1.00 21.93 ? 121 GLN A CD  1 
ATOM   1024 O OE1 . GLN A 1 122 ? -9.762  -16.393 9.530   1.00 26.61 ? 121 GLN A OE1 1 
ATOM   1025 N NE2 . GLN A 1 122 ? -10.136 -15.023 7.807   1.00 24.05 ? 121 GLN A NE2 1 
ATOM   1026 N N   . LYS A 1 123 ? -6.506  -11.090 6.744   1.00 18.30 ? 122 LYS A N   1 
ATOM   1027 C CA  . LYS A 1 123 ? -5.789  -10.497 5.619   1.00 18.04 ? 122 LYS A CA  1 
ATOM   1028 C C   . LYS A 1 123 ? -4.474  -9.818  6.067   1.00 17.42 ? 122 LYS A C   1 
ATOM   1029 O O   . LYS A 1 123 ? -3.418  -10.019 5.438   1.00 16.31 ? 122 LYS A O   1 
ATOM   1030 C CB  . LYS A 1 123 ? -6.669  -9.516  4.848   1.00 17.68 ? 122 LYS A CB  1 
ATOM   1031 C CG  . LYS A 1 123 ? -5.894  -8.819  3.731   1.00 20.72 ? 122 LYS A CG  1 
ATOM   1032 C CD  . LYS A 1 123 ? -6.257  -7.346  3.685   1.00 24.63 ? 122 LYS A CD  1 
ATOM   1033 C CE  . LYS A 1 123 ? -5.276  -6.543  4.426   1.00 25.26 ? 122 LYS A CE  1 
ATOM   1034 N NZ  . LYS A 1 123 ? -5.784  -5.166  4.755   1.00 23.01 ? 122 LYS A NZ  1 
ATOM   1035 N N   . ASN A 1 124 ? -4.530  -9.031  7.139   1.00 17.33 ? 123 ASN A N   1 
ATOM   1036 C CA  . ASN A 1 124 ? -3.306  -8.402  7.649   1.00 18.06 ? 123 ASN A CA  1 
ATOM   1037 C C   . ASN A 1 124 ? -2.219  -9.422  8.041   1.00 18.03 ? 123 ASN A C   1 
ATOM   1038 O O   . ASN A 1 124 ? -1.032  -9.240  7.720   1.00 17.90 ? 123 ASN A O   1 
ATOM   1039 C CB  . ASN A 1 124 ? -3.607  -7.474  8.821   1.00 18.62 ? 123 ASN A CB  1 
ATOM   1040 C CG  . ASN A 1 124 ? -4.285  -6.173  8.393   1.00 19.16 ? 123 ASN A CG  1 
ATOM   1041 O OD1 . ASN A 1 124 ? -4.456  -5.882  7.200   1.00 22.06 ? 123 ASN A OD1 1 
ATOM   1042 N ND2 . ASN A 1 124 ? -4.693  -5.399  9.367   1.00 20.73 ? 123 ASN A ND2 1 
ATOM   1043 N N   . GLN A 1 125 ? -2.623  -10.496 8.723   1.00 18.30 ? 124 GLN A N   1 
ATOM   1044 C CA  . GLN A 1 125 ? -1.673  -11.526 9.129   1.00 18.92 ? 124 GLN A CA  1 
ATOM   1045 C C   . GLN A 1 125 ? -1.031  -12.177 7.907   1.00 19.59 ? 124 GLN A C   1 
ATOM   1046 O O   . GLN A 1 125 ? 0.192   -12.418 7.891   1.00 19.25 ? 124 GLN A O   1 
ATOM   1047 C CB  . GLN A 1 125 ? -2.328  -12.589 10.013  1.00 19.06 ? 124 GLN A CB  1 
ATOM   1048 C CG  . GLN A 1 125 ? -1.282  -13.469 10.731  1.00 20.63 ? 124 GLN A CG  1 
ATOM   1049 C CD  . GLN A 1 125 ? -0.425  -12.626 11.672  1.00 23.13 ? 124 GLN A CD  1 
ATOM   1050 O OE1 . GLN A 1 125 ? -0.928  -12.100 12.668  1.00 23.19 ? 124 GLN A OE1 1 
ATOM   1051 N NE2 . GLN A 1 125 ? 0.849   -12.465 11.344  1.00 23.00 ? 124 GLN A NE2 1 
ATOM   1052 N N   . PHE A 1 126 ? -1.859  -12.484 6.898   1.00 19.24 ? 125 PHE A N   1 
ATOM   1053 C CA  . PHE A 1 126 ? -1.373  -13.036 5.613   1.00 19.68 ? 125 PHE A CA  1 
ATOM   1054 C C   . PHE A 1 126 ? -0.333  -12.119 4.972   1.00 18.84 ? 125 PHE A C   1 
ATOM   1055 O O   . PHE A 1 126 ? 0.723   -12.578 4.518   1.00 19.05 ? 125 PHE A O   1 
ATOM   1056 C CB  . PHE A 1 126 ? -2.554  -13.235 4.645   1.00 20.23 ? 125 PHE A CB  1 
ATOM   1057 C CG  . PHE A 1 126 ? -2.187  -13.901 3.324   1.00 22.75 ? 125 PHE A CG  1 
ATOM   1058 C CD1 . PHE A 1 126 ? -2.218  -15.285 3.192   1.00 24.41 ? 125 PHE A CD1 1 
ATOM   1059 C CD2 . PHE A 1 126 ? -1.862  -13.136 2.202   1.00 22.00 ? 125 PHE A CD2 1 
ATOM   1060 C CE1 . PHE A 1 126 ? -1.926  -15.896 1.956   1.00 25.30 ? 125 PHE A CE1 1 
ATOM   1061 C CE2 . PHE A 1 126 ? -1.561  -13.737 0.983   1.00 23.28 ? 125 PHE A CE2 1 
ATOM   1062 C CZ  . PHE A 1 126 ? -1.600  -15.124 0.865   1.00 22.94 ? 125 PHE A CZ  1 
ATOM   1063 N N   . PHE A 1 127 ? -0.639  -10.829 4.916   1.00 17.91 ? 126 PHE A N   1 
ATOM   1064 C CA  . PHE A 1 127 ? 0.250   -9.858  4.250   1.00 18.88 ? 126 PHE A CA  1 
ATOM   1065 C C   . PHE A 1 127 ? 1.619   -9.792  4.932   1.00 18.68 ? 126 PHE A C   1 
ATOM   1066 O O   . PHE A 1 127 ? 2.665   -9.796  4.265   1.00 18.61 ? 126 PHE A O   1 
ATOM   1067 C CB  . PHE A 1 127 ? -0.396  -8.455  4.206   1.00 17.75 ? 126 PHE A CB  1 
ATOM   1068 C CG  . PHE A 1 127 ? -1.299  -8.234  3.014   1.00 19.34 ? 126 PHE A CG  1 
ATOM   1069 C CD1 . PHE A 1 127 ? -2.264  -9.188  2.645   1.00 17.22 ? 126 PHE A CD1 1 
ATOM   1070 C CD2 . PHE A 1 127 ? -1.180  -7.070  2.252   1.00 17.99 ? 126 PHE A CD2 1 
ATOM   1071 C CE1 . PHE A 1 127 ? -3.099  -8.979  1.530   1.00 17.11 ? 126 PHE A CE1 1 
ATOM   1072 C CE2 . PHE A 1 127 ? -2.012  -6.852  1.152   1.00 19.71 ? 126 PHE A CE2 1 
ATOM   1073 C CZ  . PHE A 1 127 ? -2.974  -7.810  0.796   1.00 17.34 ? 126 PHE A CZ  1 
ATOM   1074 N N   . ILE A 1 128 ? 1.599   -9.755  6.258   1.00 19.53 ? 127 ILE A N   1 
ATOM   1075 C CA  . ILE A 1 128 ? 2.838   -9.714  7.038   1.00 20.70 ? 127 ILE A CA  1 
ATOM   1076 C C   . ILE A 1 128 ? 3.637   -11.025 6.878   1.00 21.53 ? 127 ILE A C   1 
ATOM   1077 O O   . ILE A 1 128 ? 4.859   -11.000 6.655   1.00 21.65 ? 127 ILE A O   1 
ATOM   1078 C CB  . ILE A 1 128 ? 2.548   -9.355  8.535   1.00 21.18 ? 127 ILE A CB  1 
ATOM   1079 C CG1 . ILE A 1 128 ? 1.959   -7.934  8.674   1.00 22.75 ? 127 ILE A CG1 1 
ATOM   1080 C CG2 . ILE A 1 128 ? 3.798   -9.512  9.427   1.00 19.85 ? 127 ILE A CG2 1 
ATOM   1081 C CD1 . ILE A 1 128 ? 2.565   -6.875  7.826   1.00 24.11 ? 127 ILE A CD1 1 
ATOM   1082 N N   . ASP A 1 129 ? 2.933   -12.157 6.946   1.00 22.03 ? 128 ASP A N   1 
ATOM   1083 C CA  . ASP A 1 129 ? 3.547   -13.483 6.827   1.00 22.84 ? 128 ASP A CA  1 
ATOM   1084 C C   . ASP A 1 129 ? 4.186   -13.737 5.443   1.00 22.68 ? 128 ASP A C   1 
ATOM   1085 O O   . ASP A 1 129 ? 5.253   -14.353 5.337   1.00 22.12 ? 128 ASP A O   1 
ATOM   1086 C CB  . ASP A 1 129 ? 2.509   -14.572 7.114   1.00 23.18 ? 128 ASP A CB  1 
ATOM   1087 C CG  . ASP A 1 129 ? 2.106   -14.649 8.588   1.00 24.67 ? 128 ASP A CG  1 
ATOM   1088 O OD1 . ASP A 1 129 ? 2.677   -13.957 9.475   1.00 27.49 ? 128 ASP A OD1 1 
ATOM   1089 O OD2 . ASP A 1 129 ? 1.183   -15.429 8.855   1.00 25.67 ? 128 ASP A OD2 1 
ATOM   1090 N N   . LYS A 1 130 ? 3.518   -13.265 4.389   1.00 22.64 ? 129 LYS A N   1 
ATOM   1091 C CA  . LYS A 1 130 ? 3.921   -13.571 3.026   1.00 23.09 ? 129 LYS A CA  1 
ATOM   1092 C C   . LYS A 1 130 ? 4.727   -12.444 2.343   1.00 22.19 ? 129 LYS A C   1 
ATOM   1093 O O   . LYS A 1 130 ? 4.994   -12.526 1.164   1.00 23.79 ? 129 LYS A O   1 
ATOM   1094 C CB  . LYS A 1 130 ? 2.709   -13.965 2.142   1.00 23.18 ? 129 LYS A CB  1 
ATOM   1095 C CG  . LYS A 1 130 ? 1.745   -15.011 2.725   1.00 25.96 ? 129 LYS A CG  1 
ATOM   1096 C CD  . LYS A 1 130 ? 2.441   -16.290 3.131   1.00 32.49 ? 129 LYS A CD  1 
ATOM   1097 C CE  . LYS A 1 130 ? 1.465   -17.467 3.203   1.00 33.52 ? 129 LYS A CE  1 
ATOM   1098 N NZ  . LYS A 1 130 ? 1.993   -18.486 4.176   1.00 35.20 ? 129 LYS A NZ  1 
ATOM   1099 N N   . SER A 1 131 ? 5.085   -11.384 3.059   1.00 21.45 ? 130 SER A N   1 
ATOM   1100 C CA  . SER A 1 131 ? 5.944   -10.340 2.469   1.00 20.21 ? 130 SER A CA  1 
ATOM   1101 C C   . SER A 1 131 ? 7.298   -10.330 3.170   1.00 20.01 ? 130 SER A C   1 
ATOM   1102 O O   . SER A 1 131 ? 7.501   -11.043 4.148   1.00 19.53 ? 130 SER A O   1 
ATOM   1103 C CB  . SER A 1 131 ? 5.282   -8.946  2.543   1.00 19.78 ? 130 SER A CB  1 
ATOM   1104 O OG  . SER A 1 131 ? 5.075   -8.576  3.895   1.00 17.39 ? 130 SER A OG  1 
ATOM   1105 N N   . ASP A 1 132 ? 8.221   -9.516  2.668   1.00 20.21 ? 131 ASP A N   1 
ATOM   1106 C CA  . ASP A 1 132 ? 9.556   -9.447  3.227   1.00 20.44 ? 131 ASP A CA  1 
ATOM   1107 C C   . ASP A 1 132 ? 9.737   -8.174  3.998   1.00 20.06 ? 131 ASP A C   1 
ATOM   1108 O O   . ASP A 1 132 ? 10.727  -8.005  4.714   1.00 20.61 ? 131 ASP A O   1 
ATOM   1109 C CB  . ASP A 1 132 ? 10.604  -9.552  2.100   1.00 20.51 ? 131 ASP A CB  1 
ATOM   1110 C CG  . ASP A 1 132 ? 10.544  -10.903 1.363   1.00 22.56 ? 131 ASP A CG  1 
ATOM   1111 O OD1 . ASP A 1 132 ? 10.443  -11.969 2.035   1.00 25.39 ? 131 ASP A OD1 1 
ATOM   1112 O OD2 . ASP A 1 132 ? 10.611  -10.903 0.118   1.00 21.58 ? 131 ASP A OD2 1 
ATOM   1113 N N   . GLY A 1 133 ? 8.799   -7.250  3.831   1.00 19.01 ? 132 GLY A N   1 
ATOM   1114 C CA  . GLY A 1 133 ? 8.823   -6.002  4.586   1.00 18.98 ? 132 GLY A CA  1 
ATOM   1115 C C   . GLY A 1 133 ? 7.569   -5.187  4.293   1.00 18.55 ? 132 GLY A C   1 
ATOM   1116 O O   . GLY A 1 133 ? 6.823   -5.499  3.345   1.00 17.99 ? 132 GLY A O   1 
ATOM   1117 N N   . LEU A 1 134 ? 7.340   -4.178  5.126   1.00 18.06 ? 133 LEU A N   1 
ATOM   1118 C CA  . LEU A 1 134 ? 6.184   -3.294  5.019   1.00 17.65 ? 133 LEU A CA  1 
ATOM   1119 C C   . LEU A 1 134 ? 6.620   -1.836  4.862   1.00 18.43 ? 133 LEU A C   1 
ATOM   1120 O O   . LEU A 1 134 ? 7.416   -1.320  5.683   1.00 17.88 ? 133 LEU A O   1 
ATOM   1121 C CB  . LEU A 1 134 ? 5.282   -3.430  6.267   1.00 18.20 ? 133 LEU A CB  1 
ATOM   1122 C CG  . LEU A 1 134 ? 4.033   -2.529  6.362   1.00 18.50 ? 133 LEU A CG  1 
ATOM   1123 C CD1 . LEU A 1 134 ? 3.084   -2.810  5.207   1.00 16.36 ? 133 LEU A CD1 1 
ATOM   1124 C CD2 . LEU A 1 134 ? 3.302   -2.664  7.708   1.00 17.04 ? 133 LEU A CD2 1 
ATOM   1125 N N   . LEU A 1 135 ? 6.081   -1.179  3.829   1.00 17.33 ? 134 LEU A N   1 
ATOM   1126 C CA  . LEU A 1 135 ? 6.199   0.268   3.696   1.00 18.63 ? 134 LEU A CA  1 
ATOM   1127 C C   . LEU A 1 135 ? 4.868   0.954   4.029   1.00 18.91 ? 134 LEU A C   1 
ATOM   1128 O O   . LEU A 1 135 ? 3.856   0.603   3.438   1.00 19.16 ? 134 LEU A O   1 
ATOM   1129 C CB  . LEU A 1 135 ? 6.641   0.635   2.269   1.00 17.87 ? 134 LEU A CB  1 
ATOM   1130 C CG  . LEU A 1 135 ? 6.597   2.143   1.947   1.00 18.25 ? 134 LEU A CG  1 
ATOM   1131 C CD1 . LEU A 1 135 ? 7.582   2.910   2.838   1.00 18.84 ? 134 LEU A CD1 1 
ATOM   1132 C CD2 . LEU A 1 135 ? 6.906   2.377   0.489   1.00 18.22 ? 134 LEU A CD2 1 
ATOM   1133 N N   . LEU A 1 136 ? 4.858   1.903   4.962   1.00 19.34 ? 135 LEU A N   1 
ATOM   1134 C CA  . LEU A 1 136 ? 3.632   2.654   5.273   1.00 20.36 ? 135 LEU A CA  1 
ATOM   1135 C C   . LEU A 1 136 ? 3.771   4.149   5.059   1.00 21.17 ? 135 LEU A C   1 
ATOM   1136 O O   . LEU A 1 136 ? 4.716   4.765   5.546   1.00 21.84 ? 135 LEU A O   1 
ATOM   1137 C CB  . LEU A 1 136 ? 3.143   2.442   6.731   1.00 20.19 ? 135 LEU A CB  1 
ATOM   1138 C CG  . LEU A 1 136 ? 3.096   1.056   7.353   1.00 21.97 ? 135 LEU A CG  1 
ATOM   1139 C CD1 . LEU A 1 136 ? 4.490   0.696   7.895   1.00 20.65 ? 135 LEU A CD1 1 
ATOM   1140 C CD2 . LEU A 1 136 ? 2.053   0.994   8.474   1.00 21.30 ? 135 LEU A CD2 1 
ATOM   1141 N N   . LEU A 1 137 ? 2.787   4.743   4.389   1.00 21.35 ? 136 LEU A N   1 
ATOM   1142 C CA  . LEU A 1 137 ? 2.569   6.166   4.508   1.00 22.57 ? 136 LEU A CA  1 
ATOM   1143 C C   . LEU A 1 137 ? 1.679   6.387   5.733   1.00 23.26 ? 136 LEU A C   1 
ATOM   1144 O O   . LEU A 1 137 ? 0.448   6.206   5.706   1.00 23.41 ? 136 LEU A O   1 
ATOM   1145 C CB  . LEU A 1 137 ? 1.987   6.780   3.228   1.00 22.57 ? 136 LEU A CB  1 
ATOM   1146 C CG  . LEU A 1 137 ? 2.127   8.309   3.118   1.00 22.41 ? 136 LEU A CG  1 
ATOM   1147 C CD1 . LEU A 1 137 ? 2.088   8.716   1.693   1.00 22.91 ? 136 LEU A CD1 1 
ATOM   1148 C CD2 . LEU A 1 137 ? 1.037   9.025   3.908   1.00 22.57 ? 136 LEU A CD2 1 
ATOM   1149 N N   . TYR A 1 138 ? 2.331   6.762   6.823   1.00 23.72 ? 137 TYR A N   1 
ATOM   1150 C CA  . TYR A 1 138 ? 1.703   6.805   8.126   1.00 24.40 ? 137 TYR A CA  1 
ATOM   1151 C C   . TYR A 1 138 ? 2.525   7.684   9.037   1.00 25.64 ? 137 TYR A C   1 
ATOM   1152 O O   . TYR A 1 138 ? 3.746   7.694   8.940   1.00 25.66 ? 137 TYR A O   1 
ATOM   1153 C CB  . TYR A 1 138 ? 1.645   5.380   8.695   1.00 24.44 ? 137 TYR A CB  1 
ATOM   1154 C CG  . TYR A 1 138 ? 1.234   5.270   10.139  1.00 24.21 ? 137 TYR A CG  1 
ATOM   1155 C CD1 . TYR A 1 138 ? -0.107  5.312   10.502  1.00 25.74 ? 137 TYR A CD1 1 
ATOM   1156 C CD2 . TYR A 1 138 ? 2.187   5.102   11.144  1.00 25.71 ? 137 TYR A CD2 1 
ATOM   1157 C CE1 . TYR A 1 138 ? -0.488  5.179   11.825  1.00 24.94 ? 137 TYR A CE1 1 
ATOM   1158 C CE2 . TYR A 1 138 ? 1.816   5.004   12.477  1.00 23.67 ? 137 TYR A CE2 1 
ATOM   1159 C CZ  . TYR A 1 138 ? 0.481   5.031   12.806  1.00 23.73 ? 137 TYR A CZ  1 
ATOM   1160 O OH  . TYR A 1 138 ? 0.108   4.902   14.121  1.00 23.66 ? 137 TYR A OH  1 
ATOM   1161 N N   . ASP A 1 139 ? 1.843   8.387   9.936   1.00 27.28 ? 138 ASP A N   1 
ATOM   1162 C CA  . ASP A 1 139 ? 2.466   9.304   10.885  1.00 29.44 ? 138 ASP A CA  1 
ATOM   1163 C C   . ASP A 1 139 ? 2.103   8.928   12.331  1.00 29.52 ? 138 ASP A C   1 
ATOM   1164 O O   . ASP A 1 139 ? 0.930   8.894   12.668  1.00 29.25 ? 138 ASP A O   1 
ATOM   1165 C CB  . ASP A 1 139 ? 2.001   10.728  10.588  1.00 29.99 ? 138 ASP A CB  1 
ATOM   1166 C CG  . ASP A 1 139 ? 2.811   11.759  11.325  1.00 33.63 ? 138 ASP A CG  1 
ATOM   1167 O OD1 . ASP A 1 139 ? 3.989   12.018  10.911  1.00 35.68 ? 138 ASP A OD1 1 
ATOM   1168 O OD2 . ASP A 1 139 ? 2.262   12.286  12.333  1.00 35.70 ? 138 ASP A OD2 1 
ATOM   1169 N N   . PRO A 1 140 ? 3.111   8.647   13.186  1.00 30.83 ? 139 PRO A N   1 
ATOM   1170 C CA  . PRO A 1 140 ? 2.917   8.136   14.562  1.00 31.99 ? 139 PRO A CA  1 
ATOM   1171 C C   . PRO A 1 140 ? 2.199   9.083   15.533  1.00 32.62 ? 139 PRO A C   1 
ATOM   1172 O O   . PRO A 1 140 ? 1.682   8.632   16.535  1.00 33.07 ? 139 PRO A O   1 
ATOM   1173 C CB  . PRO A 1 140 ? 4.348   7.836   15.063  1.00 31.99 ? 139 PRO A CB  1 
ATOM   1174 C CG  . PRO A 1 140 ? 5.223   7.891   13.849  1.00 32.68 ? 139 PRO A CG  1 
ATOM   1175 C CD  . PRO A 1 140 ? 4.539   8.810   12.861  1.00 31.53 ? 139 PRO A CD  1 
ATOM   1176 N N   . GLU A 1 141 ? 2.157   10.375  15.244  1.00 34.05 ? 140 GLU A N   1 
ATOM   1177 C CA  . GLU A 1 141 ? 1.369   11.296  16.077  1.00 35.10 ? 140 GLU A CA  1 
ATOM   1178 C C   . GLU A 1 141 ? -0.115  11.249  15.711  1.00 34.20 ? 140 GLU A C   1 
ATOM   1179 O O   . GLU A 1 141 ? -1.003  11.082  16.579  1.00 33.72 ? 140 GLU A O   1 
ATOM   1180 C CB  . GLU A 1 141 ? 1.896   12.726  15.942  1.00 36.02 ? 140 GLU A CB  1 
ATOM   1181 C CG  . GLU A 1 141 ? 2.841   13.142  17.076  1.00 40.52 ? 140 GLU A CG  1 
ATOM   1182 C CD  . GLU A 1 141 ? 2.116   13.460  18.387  1.00 45.74 ? 140 GLU A CD  1 
ATOM   1183 O OE1 . GLU A 1 141 ? 1.039   14.117  18.355  1.00 47.82 ? 140 GLU A OE1 1 
ATOM   1184 O OE2 . GLU A 1 141 ? 2.646   13.070  19.457  1.00 48.40 ? 140 GLU A OE2 1 
ATOM   1185 N N   . LYS A 1 142 ? -0.363  11.383  14.408  1.00 32.80 ? 141 LYS A N   1 
ATOM   1186 C CA  . LYS A 1 142 ? -1.711  11.340  13.849  1.00 31.07 ? 141 LYS A CA  1 
ATOM   1187 C C   . LYS A 1 142 ? -2.338  9.972   14.146  1.00 30.10 ? 141 LYS A C   1 
ATOM   1188 O O   . LYS A 1 142 ? -3.501  9.883   14.546  1.00 30.61 ? 141 LYS A O   1 
ATOM   1189 C CB  . LYS A 1 142 ? -1.622  11.626  12.339  1.00 30.44 ? 141 LYS A CB  1 
ATOM   1190 C CG  . LYS A 1 142 ? -2.940  11.730  11.591  1.00 30.26 ? 141 LYS A CG  1 
ATOM   1191 C CD  . LYS A 1 142 ? -2.673  12.018  10.132  1.00 28.00 ? 141 LYS A CD  1 
ATOM   1192 C CE  . LYS A 1 142 ? -3.908  11.849  9.259   1.00 27.36 ? 141 LYS A CE  1 
ATOM   1193 N NZ  . LYS A 1 142 ? -5.057  12.657  9.741   1.00 24.64 ? 141 LYS A NZ  1 
ATOM   1194 N N   . GLU A 1 143 ? -1.555  8.912   13.980  1.00 28.86 ? 142 GLU A N   1 
ATOM   1195 C CA  . GLU A 1 143 ? -2.062  7.534   14.037  1.00 28.14 ? 142 GLU A CA  1 
ATOM   1196 C C   . GLU A 1 143 ? -3.113  7.322   12.944  1.00 27.14 ? 142 GLU A C   1 
ATOM   1197 O O   . GLU A 1 143 ? -2.901  7.766   11.826  1.00 28.67 ? 142 GLU A O   1 
ATOM   1198 C CB  . GLU A 1 143 ? -2.586  7.183   15.434  1.00 27.69 ? 142 GLU A CB  1 
ATOM   1199 C CG  . GLU A 1 143 ? -1.474  7.067   16.463  1.00 28.56 ? 142 GLU A CG  1 
ATOM   1200 C CD  . GLU A 1 143 ? -1.916  6.364   17.717  1.00 28.50 ? 142 GLU A CD  1 
ATOM   1201 O OE1 . GLU A 1 143 ? -3.114  6.053   17.840  1.00 29.25 ? 142 GLU A OE1 1 
ATOM   1202 O OE2 . GLU A 1 143 ? -1.060  6.104   18.576  1.00 28.04 ? 142 GLU A OE2 1 
ATOM   1203 N N   . GLY A 1 144 ? -4.224  6.658   13.253  1.00 25.48 ? 143 GLY A N   1 
ATOM   1204 C CA  . GLY A 1 144 ? -5.276  6.423   12.263  1.00 23.69 ? 143 GLY A CA  1 
ATOM   1205 C C   . GLY A 1 144 ? -5.333  4.994   11.753  1.00 22.68 ? 143 GLY A C   1 
ATOM   1206 O O   . GLY A 1 144 ? -4.794  4.080   12.373  1.00 22.55 ? 143 GLY A O   1 
ATOM   1207 N N   . SER A 1 145 ? -5.980  4.799   10.613  1.00 20.95 ? 144 SER A N   1 
ATOM   1208 C CA  . SER A 1 145 ? -6.307  3.443   10.146  1.00 19.90 ? 144 SER A CA  1 
ATOM   1209 C C   . SER A 1 145 ? -5.139  2.439   9.967   1.00 18.99 ? 144 SER A C   1 
ATOM   1210 O O   . SER A 1 145 ? -5.343  1.243   10.184  1.00 19.53 ? 144 SER A O   1 
ATOM   1211 C CB  . SER A 1 145 ? -7.144  3.512   8.857   1.00 19.75 ? 144 SER A CB  1 
ATOM   1212 O OG  . SER A 1 145 ? -6.400  4.034   7.754   1.00 19.13 ? 144 SER A OG  1 
ATOM   1213 N N   . PRO A 1 146 ? -3.944  2.896   9.510   1.00 17.66 ? 145 PRO A N   1 
ATOM   1214 C CA  . PRO A 1 146 ? -2.849  1.921   9.346   1.00 17.76 ? 145 PRO A CA  1 
ATOM   1215 C C   . PRO A 1 146 ? -2.203  1.391   10.640  1.00 17.64 ? 145 PRO A C   1 
ATOM   1216 O O   . PRO A 1 146 ? -1.352  0.503   10.562  1.00 17.83 ? 145 PRO A O   1 
ATOM   1217 C CB  . PRO A 1 146 ? -1.791  2.699   8.512   1.00 16.17 ? 145 PRO A CB  1 
ATOM   1218 C CG  . PRO A 1 146 ? -2.531  3.901   7.950   1.00 17.38 ? 145 PRO A CG  1 
ATOM   1219 C CD  . PRO A 1 146 ? -3.522  4.238   9.049   1.00 17.85 ? 145 PRO A CD  1 
ATOM   1220 N N   . LYS A 1 147 ? -2.576  1.912   11.811  1.00 17.87 ? 146 LYS A N   1 
ATOM   1221 C CA  . LYS A 1 147 ? -1.892  1.480   13.054  1.00 18.16 ? 146 LYS A CA  1 
ATOM   1222 C C   . LYS A 1 147 ? -2.074  -0.016  13.348  1.00 18.50 ? 146 LYS A C   1 
ATOM   1223 O O   . LYS A 1 147 ? -1.178  -0.672  13.901  1.00 17.91 ? 146 LYS A O   1 
ATOM   1224 C CB  . LYS A 1 147 ? -2.320  2.314   14.260  1.00 18.89 ? 146 LYS A CB  1 
ATOM   1225 C CG  . LYS A 1 147 ? -1.406  2.119   15.496  1.00 18.08 ? 146 LYS A CG  1 
ATOM   1226 C CD  . LYS A 1 147 ? -1.681  3.150   16.587  1.00 19.19 ? 146 LYS A CD  1 
ATOM   1227 C CE  . LYS A 1 147 ? -0.930  2.782   17.883  1.00 20.88 ? 146 LYS A CE  1 
ATOM   1228 N NZ  . LYS A 1 147 ? 0.528   2.474   17.599  1.00 23.53 ? 146 LYS A NZ  1 
ATOM   1229 N N   . TYR A 1 148 ? -3.229  -0.547  12.935  1.00 17.81 ? 147 TYR A N   1 
ATOM   1230 C CA  . TYR A 1 148 ? -3.578  -1.937  13.122  1.00 18.00 ? 147 TYR A CA  1 
ATOM   1231 C C   . TYR A 1 148 ? -2.594  -2.855  12.382  1.00 17.85 ? 147 TYR A C   1 
ATOM   1232 O O   . TYR A 1 148 ? -1.987  -3.759  12.979  1.00 16.96 ? 147 TYR A O   1 
ATOM   1233 C CB  . TYR A 1 148 ? -5.025  -2.155  12.634  1.00 18.74 ? 147 TYR A CB  1 
ATOM   1234 C CG  . TYR A 1 148 ? -5.586  -3.523  12.890  1.00 20.23 ? 147 TYR A CG  1 
ATOM   1235 C CD1 . TYR A 1 148 ? -5.341  -4.185  14.088  1.00 19.54 ? 147 TYR A CD1 1 
ATOM   1236 C CD2 . TYR A 1 148 ? -6.418  -4.127  11.953  1.00 20.73 ? 147 TYR A CD2 1 
ATOM   1237 C CE1 . TYR A 1 148 ? -5.874  -5.448  14.333  1.00 21.69 ? 147 TYR A CE1 1 
ATOM   1238 C CE2 . TYR A 1 148 ? -6.965  -5.389  12.187  1.00 23.03 ? 147 TYR A CE2 1 
ATOM   1239 C CZ  . TYR A 1 148 ? -6.688  -6.034  13.368  1.00 22.33 ? 147 TYR A CZ  1 
ATOM   1240 O OH  . TYR A 1 148 ? -7.217  -7.284  13.598  1.00 25.48 ? 147 TYR A OH  1 
ATOM   1241 N N   . MET A 1 149 ? -2.440  -2.615  11.085  1.00 17.81 ? 148 MET A N   1 
ATOM   1242 C CA  A MET A 1 149 ? -1.506  -3.410  10.293  0.70 18.85 ? 148 MET A CA  1 
ATOM   1243 C CA  B MET A 1 149 ? -1.488  -3.352  10.243  0.30 17.93 ? 148 MET A CA  1 
ATOM   1244 C C   . MET A 1 149 ? -0.049  -3.229  10.760  1.00 17.91 ? 148 MET A C   1 
ATOM   1245 O O   . MET A 1 149 ? 0.716   -4.204  10.784  1.00 18.43 ? 148 MET A O   1 
ATOM   1246 C CB  A MET A 1 149 ? -1.660  -3.099  8.808   0.70 18.41 ? 148 MET A CB  1 
ATOM   1247 C CB  B MET A 1 149 ? -1.565  -2.840  8.797   0.30 17.78 ? 148 MET A CB  1 
ATOM   1248 C CG  A MET A 1 149 ? -0.965  -4.086  7.869   0.70 19.96 ? 148 MET A CG  1 
ATOM   1249 C CG  B MET A 1 149 ? -0.513  -3.435  7.866   0.30 17.93 ? 148 MET A CG  1 
ATOM   1250 S SD  A MET A 1 149 ? -1.376  -3.652  6.174   0.70 22.16 ? 148 MET A SD  1 
ATOM   1251 S SD  B MET A 1 149 ? -0.829  -5.185  7.617   0.30 18.17 ? 148 MET A SD  1 
ATOM   1252 C CE  A MET A 1 149 ? -0.542  -4.940  5.260   0.70 19.02 ? 148 MET A CE  1 
ATOM   1253 C CE  B MET A 1 149 ? -1.692  -5.156  6.052   0.30 17.74 ? 148 MET A CE  1 
ATOM   1254 N N   . LEU A 1 150 ? 0.323   -2.005  11.110  1.00 18.30 ? 149 LEU A N   1 
ATOM   1255 C CA  . LEU A 1 150 ? 1.640   -1.721  11.743  1.00 18.46 ? 149 LEU A CA  1 
ATOM   1256 C C   . LEU A 1 150 ? 1.908   -2.604  12.965  1.00 18.48 ? 149 LEU A C   1 
ATOM   1257 O O   . LEU A 1 150 ? 3.021   -3.120  13.148  1.00 18.17 ? 149 LEU A O   1 
ATOM   1258 C CB  . LEU A 1 150 ? 1.716   -0.253  12.180  1.00 18.42 ? 149 LEU A CB  1 
ATOM   1259 C CG  . LEU A 1 150 ? 3.008   0.200   12.882  1.00 18.31 ? 149 LEU A CG  1 
ATOM   1260 C CD1 . LEU A 1 150 ? 4.238   -0.143  11.966  1.00 15.78 ? 149 LEU A CD1 1 
ATOM   1261 C CD2 . LEU A 1 150 ? 2.895   1.697   13.135  1.00 19.23 ? 149 LEU A CD2 1 
ATOM   1262 N N   . GLY A 1 151 ? 0.892   -2.743  13.818  1.00 18.53 ? 150 GLY A N   1 
ATOM   1263 C CA  . GLY A 1 151 ? 0.991   -3.571  14.996  1.00 18.86 ? 150 GLY A CA  1 
ATOM   1264 C C   . GLY A 1 151 ? 1.336   -5.005  14.672  1.00 18.76 ? 150 GLY A C   1 
ATOM   1265 O O   . GLY A 1 151 ? 2.181   -5.602  15.337  1.00 18.27 ? 150 GLY A O   1 
ATOM   1266 N N   . THR A 1 152 ? 0.666   -5.568  13.662  1.00 18.50 ? 151 THR A N   1 
ATOM   1267 C CA  . THR A 1 152 ? 0.911   -6.936  13.209  1.00 19.22 ? 151 THR A CA  1 
ATOM   1268 C C   . THR A 1 152 ? 2.332   -7.059  12.620  1.00 18.88 ? 151 THR A C   1 
ATOM   1269 O O   . THR A 1 152 ? 3.041   -8.059  12.832  1.00 19.56 ? 151 THR A O   1 
ATOM   1270 C CB  . THR A 1 152 ? -0.170  -7.326  12.165  1.00 19.31 ? 151 THR A CB  1 
ATOM   1271 O OG1 . THR A 1 152 ? -1.464  -7.093  12.736  1.00 20.83 ? 151 THR A OG1 1 
ATOM   1272 C CG2 . THR A 1 152 ? -0.049  -8.778  11.740  1.00 18.93 ? 151 THR A CG2 1 
ATOM   1273 N N   . ALA A 1 153 ? 2.752   -6.030  11.888  1.00 18.38 ? 152 ALA A N   1 
ATOM   1274 C CA  . ALA A 1 153 ? 4.129   -5.962  11.392  1.00 18.88 ? 152 ALA A CA  1 
ATOM   1275 C C   . ALA A 1 153 ? 5.140   -5.939  12.552  1.00 19.01 ? 152 ALA A C   1 
ATOM   1276 O O   . ALA A 1 153 ? 6.100   -6.698  12.538  1.00 18.96 ? 152 ALA A O   1 
ATOM   1277 C CB  . ALA A 1 153 ? 4.326   -4.753  10.492  1.00 17.30 ? 152 ALA A CB  1 
ATOM   1278 N N   . GLU A 1 154 ? 4.906   -5.078  13.540  1.00 19.39 ? 153 GLU A N   1 
ATOM   1279 C CA  . GLU A 1 154 ? 5.780   -4.973  14.719  1.00 20.86 ? 153 GLU A CA  1 
ATOM   1280 C C   . GLU A 1 154 ? 5.880   -6.295  15.507  1.00 21.89 ? 153 GLU A C   1 
ATOM   1281 O O   . GLU A 1 154 ? 6.951   -6.631  16.015  1.00 22.48 ? 153 GLU A O   1 
ATOM   1282 C CB  . GLU A 1 154 ? 5.317   -3.843  15.648  1.00 21.10 ? 153 GLU A CB  1 
ATOM   1283 C CG  . GLU A 1 154 ? 5.499   -2.406  15.104  1.00 22.47 ? 153 GLU A CG  1 
ATOM   1284 C CD  . GLU A 1 154 ? 6.943   -1.985  14.949  1.00 24.87 ? 153 GLU A CD  1 
ATOM   1285 O OE1 . GLU A 1 154 ? 7.847   -2.796  15.240  1.00 23.09 ? 153 GLU A OE1 1 
ATOM   1286 O OE2 . GLU A 1 154 ? 7.190   -0.819  14.526  1.00 29.42 ? 153 GLU A OE2 1 
ATOM   1287 N N   . LYS A 1 155 ? 4.777   -7.038  15.596  1.00 21.47 ? 154 LYS A N   1 
ATOM   1288 C CA  . LYS A 1 155 ? 4.810   -8.396  16.169  1.00 22.87 ? 154 LYS A CA  1 
ATOM   1289 C C   . LYS A 1 155 ? 5.746   -9.355  15.419  1.00 22.11 ? 154 LYS A C   1 
ATOM   1290 O O   . LYS A 1 155 ? 6.454   -10.165 16.042  1.00 22.52 ? 154 LYS A O   1 
ATOM   1291 C CB  . LYS A 1 155 ? 3.397   -8.978  16.288  1.00 23.03 ? 154 LYS A CB  1 
ATOM   1292 C CG  . LYS A 1 155 ? 2.603   -8.317  17.416  1.00 26.63 ? 154 LYS A CG  1 
ATOM   1293 C CD  . LYS A 1 155 ? 1.147   -8.727  17.395  1.00 30.66 ? 154 LYS A CD  1 
ATOM   1294 C CE  . LYS A 1 155 ? 0.529   -8.628  18.779  1.00 34.14 ? 154 LYS A CE  1 
ATOM   1295 N NZ  . LYS A 1 155 ? -0.281  -7.389  18.996  1.00 36.84 ? 154 LYS A NZ  1 
ATOM   1296 N N   . ARG A 1 156 ? 5.751   -9.277  14.092  1.00 21.61 ? 155 ARG A N   1 
ATOM   1297 C CA  . ARG A 1 156 ? 6.734   -10.014 13.320  1.00 22.32 ? 155 ARG A CA  1 
ATOM   1298 C C   . ARG A 1 156 ? 8.165   -9.460  13.482  1.00 22.64 ? 155 ARG A C   1 
ATOM   1299 O O   . ARG A 1 156 ? 9.121   -10.234 13.568  1.00 23.19 ? 155 ARG A O   1 
ATOM   1300 C CB  . ARG A 1 156 ? 6.363   -10.143 11.847  1.00 21.87 ? 155 ARG A CB  1 
ATOM   1301 C CG  . ARG A 1 156 ? 7.278   -11.163 11.133  1.00 22.83 ? 155 ARG A CG  1 
ATOM   1302 C CD  . ARG A 1 156 ? 7.011   -11.350 9.646   1.00 22.63 ? 155 ARG A CD  1 
ATOM   1303 N NE  . ARG A 1 156 ? 8.158   -12.036 9.068   1.00 23.38 ? 155 ARG A NE  1 
ATOM   1304 C CZ  . ARG A 1 156 ? 8.325   -12.369 7.787   1.00 25.93 ? 155 ARG A CZ  1 
ATOM   1305 N NH1 . ARG A 1 156 ? 7.406   -12.113 6.860   1.00 24.26 ? 155 ARG A NH1 1 
ATOM   1306 N NH2 . ARG A 1 156 ? 9.447   -12.984 7.430   1.00 26.25 ? 155 ARG A NH2 1 
ATOM   1307 N N   A ARG A 1 157 ? 8.311   -8.136  13.498  0.50 22.55 ? 156 ARG A N   1 
ATOM   1308 N N   B ARG A 1 157 ? 8.298   -8.136  13.504  0.50 22.79 ? 156 ARG A N   1 
ATOM   1309 C CA  A ARG A 1 157 ? 9.635   -7.531  13.682  0.50 22.99 ? 156 ARG A CA  1 
ATOM   1310 C CA  B ARG A 1 157 ? 9.601   -7.494  13.690  0.50 23.48 ? 156 ARG A CA  1 
ATOM   1311 C C   A ARG A 1 157 ? 10.266  -8.036  14.979  0.50 23.57 ? 156 ARG A C   1 
ATOM   1312 C C   B ARG A 1 157 ? 10.262  -7.998  14.975  0.50 23.84 ? 156 ARG A C   1 
ATOM   1313 O O   A ARG A 1 157 ? 11.405  -8.501  14.965  0.50 23.45 ? 156 ARG A O   1 
ATOM   1314 O O   B ARG A 1 157 ? 11.416  -8.425  14.948  0.50 23.70 ? 156 ARG A O   1 
ATOM   1315 C CB  A ARG A 1 157 ? 9.587   -5.998  13.676  0.50 22.78 ? 156 ARG A CB  1 
ATOM   1316 C CB  B ARG A 1 157 ? 9.464   -5.967  13.723  0.50 23.48 ? 156 ARG A CB  1 
ATOM   1317 C CG  A ARG A 1 157 ? 10.977  -5.366  13.770  0.50 21.42 ? 156 ARG A CG  1 
ATOM   1318 C CG  B ARG A 1 157 ? 10.779  -5.232  13.523  0.50 23.48 ? 156 ARG A CG  1 
ATOM   1319 C CD  A ARG A 1 157 ? 10.980  -4.013  14.463  0.50 21.45 ? 156 ARG A CD  1 
ATOM   1320 C CD  B ARG A 1 157 ? 10.957  -4.130  14.541  0.50 25.37 ? 156 ARG A CD  1 
ATOM   1321 N NE  A ARG A 1 157 ? 10.381  -4.030  15.801  0.50 19.61 ? 156 ARG A NE  1 
ATOM   1322 N NE  B ARG A 1 157 ? 11.398  -4.670  15.822  0.50 26.03 ? 156 ARG A NE  1 
ATOM   1323 C CZ  A ARG A 1 157 ? 10.958  -4.515  16.901  0.50 20.23 ? 156 ARG A CZ  1 
ATOM   1324 C CZ  B ARG A 1 157 ? 10.764  -4.520  16.982  0.50 27.22 ? 156 ARG A CZ  1 
ATOM   1325 N NH1 A ARG A 1 157 ? 12.168  -5.067  16.855  0.50 19.25 ? 156 ARG A NH1 1 
ATOM   1326 N NH1 B ARG A 1 157 ? 11.270  -5.075  18.069  0.50 26.50 ? 156 ARG A NH1 1 
ATOM   1327 N NH2 A ARG A 1 157 ? 10.302  -4.463  18.061  0.50 19.02 ? 156 ARG A NH2 1 
ATOM   1328 N NH2 B ARG A 1 157 ? 9.635   -3.821  17.071  0.50 27.35 ? 156 ARG A NH2 1 
ATOM   1329 N N   . GLU A 1 158 ? 9.508   -7.955  16.080  1.00 24.38 ? 157 GLU A N   1 
ATOM   1330 C CA  . GLU A 1 158 ? 9.922   -8.510  17.395  1.00 25.93 ? 157 GLU A CA  1 
ATOM   1331 C C   . GLU A 1 158 ? 10.533  -9.906  17.323  1.00 26.34 ? 157 GLU A C   1 
ATOM   1332 O O   . GLU A 1 158 ? 11.419  -10.232 18.114  1.00 26.56 ? 157 GLU A O   1 
ATOM   1333 C CB  . GLU A 1 158 ? 8.715   -8.642  18.338  1.00 26.31 ? 157 GLU A CB  1 
ATOM   1334 C CG  . GLU A 1 158 ? 8.243   -7.357  18.973  1.00 26.84 ? 157 GLU A CG  1 
ATOM   1335 C CD  . GLU A 1 158 ? 6.971   -7.509  19.796  1.00 27.13 ? 157 GLU A CD  1 
ATOM   1336 O OE1 . GLU A 1 158 ? 6.318   -8.589  19.817  1.00 27.58 ? 157 GLU A OE1 1 
ATOM   1337 O OE2 . GLU A 1 158 ? 6.612   -6.511  20.441  1.00 29.52 ? 157 GLU A OE2 1 
ATOM   1338 N N   . GLN A 1 159 ? 10.026  -10.726 16.397  1.00 26.32 ? 158 GLN A N   1 
ATOM   1339 C CA  . GLN A 1 159 ? 10.402  -12.126 16.294  1.00 26.85 ? 158 GLN A CA  1 
ATOM   1340 C C   . GLN A 1 159 ? 11.571  -12.355 15.321  1.00 26.82 ? 158 GLN A C   1 
ATOM   1341 O O   . GLN A 1 159 ? 12.537  -13.030 15.680  1.00 27.16 ? 158 GLN A O   1 
ATOM   1342 C CB  . GLN A 1 159 ? 9.183   -12.995 15.934  1.00 27.05 ? 158 GLN A CB  1 
ATOM   1343 C CG  . GLN A 1 159 ? 8.025   -12.926 16.969  1.00 28.33 ? 158 GLN A CG  1 
ATOM   1344 C CD  . GLN A 1 159 ? 8.266   -13.770 18.267  1.00 32.46 ? 158 GLN A CD  1 
ATOM   1345 O OE1 . GLN A 1 159 ? 9.208   -14.576 18.347  1.00 31.56 ? 158 GLN A OE1 1 
ATOM   1346 N NE2 . GLN A 1 159 ? 7.402   -13.577 19.274  1.00 30.91 ? 158 GLN A NE2 1 
ATOM   1347 N N   . ASP A 1 160 ? 11.519  -11.787 14.120  1.00 25.74 ? 159 ASP A N   1 
ATOM   1348 C CA  . ASP A 1 160 ? 12.571  -12.070 13.141  1.00 25.61 ? 159 ASP A CA  1 
ATOM   1349 C C   . ASP A 1 160 ? 13.238  -10.862 12.466  1.00 25.00 ? 159 ASP A C   1 
ATOM   1350 O O   . ASP A 1 160 ? 14.028  -11.045 11.545  1.00 25.17 ? 159 ASP A O   1 
ATOM   1351 C CB  . ASP A 1 160 ? 12.088  -13.100 12.087  1.00 25.13 ? 159 ASP A CB  1 
ATOM   1352 C CG  . ASP A 1 160 ? 10.982  -12.556 11.192  1.00 25.95 ? 159 ASP A CG  1 
ATOM   1353 O OD1 . ASP A 1 160 ? 10.806  -11.318 11.168  1.00 27.71 ? 159 ASP A OD1 1 
ATOM   1354 O OD2 . ASP A 1 160 ? 10.291  -13.360 10.513  1.00 24.09 ? 159 ASP A OD2 1 
ATOM   1355 N N   . GLY A 1 161 ? 12.922  -9.646  12.908  1.00 24.62 ? 160 GLY A N   1 
ATOM   1356 C CA  . GLY A 1 161 ? 13.526  -8.429  12.345  1.00 24.02 ? 160 GLY A CA  1 
ATOM   1357 C C   . GLY A 1 161 ? 12.880  -7.930  11.055  1.00 23.84 ? 160 GLY A C   1 
ATOM   1358 O O   . GLY A 1 161 ? 13.416  -7.043  10.389  1.00 24.07 ? 160 GLY A O   1 
ATOM   1359 N N   . TYR A 1 162 ? 11.743  -8.518  10.681  1.00 22.93 ? 161 TYR A N   1 
ATOM   1360 C CA  . TYR A 1 162 ? 10.908  -7.987  9.585   1.00 21.81 ? 161 TYR A CA  1 
ATOM   1361 C C   . TYR A 1 162 ? 10.984  -6.437  9.480   1.00 21.03 ? 161 TYR A C   1 
ATOM   1362 O O   . TYR A 1 162 ? 10.565  -5.730  10.401  1.00 20.15 ? 161 TYR A O   1 
ATOM   1363 C CB  . TYR A 1 162 ? 9.478   -8.439  9.826   1.00 21.68 ? 161 TYR A CB  1 
ATOM   1364 C CG  . TYR A 1 162 ? 8.470   -8.061  8.764   1.00 20.50 ? 161 TYR A CG  1 
ATOM   1365 C CD1 . TYR A 1 162 ? 8.321   -8.835  7.621   1.00 19.67 ? 161 TYR A CD1 1 
ATOM   1366 C CD2 . TYR A 1 162 ? 7.613   -6.955  8.948   1.00 20.10 ? 161 TYR A CD2 1 
ATOM   1367 C CE1 . TYR A 1 162 ? 7.369   -8.499  6.649   1.00 19.84 ? 161 TYR A CE1 1 
ATOM   1368 C CE2 . TYR A 1 162 ? 6.664   -6.619  7.990   1.00 17.62 ? 161 TYR A CE2 1 
ATOM   1369 C CZ  . TYR A 1 162 ? 6.547   -7.394  6.856   1.00 18.26 ? 161 TYR A CZ  1 
ATOM   1370 O OH  . TYR A 1 162 ? 5.606   -7.086  5.908   1.00 20.88 ? 161 TYR A OH  1 
ATOM   1371 N N   . PRO A 1 163 ? 11.575  -5.908  8.382   1.00 20.70 ? 162 PRO A N   1 
ATOM   1372 C CA  . PRO A 1 163 ? 11.787  -4.452  8.309   1.00 20.78 ? 162 PRO A CA  1 
ATOM   1373 C C   . PRO A 1 163 ? 10.530  -3.648  7.984   1.00 20.74 ? 162 PRO A C   1 
ATOM   1374 O O   . PRO A 1 163 ? 9.737   -4.022  7.113   1.00 19.67 ? 162 PRO A O   1 
ATOM   1375 C CB  . PRO A 1 163 ? 12.818  -4.305  7.182   1.00 20.75 ? 162 PRO A CB  1 
ATOM   1376 C CG  . PRO A 1 163 ? 12.506  -5.466  6.278   1.00 21.16 ? 162 PRO A CG  1 
ATOM   1377 C CD  . PRO A 1 163 ? 12.146  -6.598  7.216   1.00 21.05 ? 162 PRO A CD  1 
ATOM   1378 N N   . ILE A 1 164 ? 10.371  -2.550  8.702   1.00 20.96 ? 163 ILE A N   1 
ATOM   1379 C CA  . ILE A 1 164 ? 9.255   -1.653  8.515   1.00 20.87 ? 163 ILE A CA  1 
ATOM   1380 C C   . ILE A 1 164 ? 9.803   -0.289  8.071   1.00 21.84 ? 163 ILE A C   1 
ATOM   1381 O O   . ILE A 1 164 ? 10.747  0.245   8.689   1.00 22.20 ? 163 ILE A O   1 
ATOM   1382 C CB  . ILE A 1 164 ? 8.466   -1.538  9.809   1.00 21.22 ? 163 ILE A CB  1 
ATOM   1383 C CG1 . ILE A 1 164 ? 7.856   -2.903  10.179  1.00 19.99 ? 163 ILE A CG1 1 
ATOM   1384 C CG2 . ILE A 1 164 ? 7.387   -0.450  9.685   1.00 19.51 ? 163 ILE A CG2 1 
ATOM   1385 C CD1 . ILE A 1 164 ? 7.362   -2.978  11.609  1.00 18.98 ? 163 ILE A CD1 1 
ATOM   1386 N N   . TYR A 1 165 ? 9.225   0.258   7.000   1.00 21.50 ? 164 TYR A N   1 
ATOM   1387 C CA  . TYR A 1 165 ? 9.622   1.550   6.451   1.00 21.98 ? 164 TYR A CA  1 
ATOM   1388 C C   . TYR A 1 165 ? 8.454   2.528   6.493   1.00 22.19 ? 164 TYR A C   1 
ATOM   1389 O O   . TYR A 1 165 ? 7.299   2.145   6.244   1.00 22.18 ? 164 TYR A O   1 
ATOM   1390 C CB  . TYR A 1 165 ? 10.157  1.381   5.020   1.00 22.64 ? 164 TYR A CB  1 
ATOM   1391 C CG  . TYR A 1 165 ? 11.259  0.325   4.909   1.00 24.04 ? 164 TYR A CG  1 
ATOM   1392 C CD1 . TYR A 1 165 ? 12.600  0.661   5.137   1.00 25.27 ? 164 TYR A CD1 1 
ATOM   1393 C CD2 . TYR A 1 165 ? 10.953  -1.007  4.616   1.00 25.22 ? 164 TYR A CD2 1 
ATOM   1394 C CE1 . TYR A 1 165 ? 13.632  -0.311  5.041   1.00 26.66 ? 164 TYR A CE1 1 
ATOM   1395 C CE2 . TYR A 1 165 ? 11.961  -1.981  4.526   1.00 27.11 ? 164 TYR A CE2 1 
ATOM   1396 C CZ  . TYR A 1 165 ? 13.298  -1.619  4.742   1.00 27.53 ? 164 TYR A CZ  1 
ATOM   1397 O OH  . TYR A 1 165 ? 14.282  -2.580  4.633   1.00 27.76 ? 164 TYR A OH  1 
ATOM   1398 N N   . PHE A 1 166 ? 8.749   3.793   6.790   1.00 20.92 ? 165 PHE A N   1 
ATOM   1399 C CA  . PHE A 1 166 ? 7.717   4.820   6.888   1.00 20.07 ? 165 PHE A CA  1 
ATOM   1400 C C   . PHE A 1 166 ? 7.942   5.971   5.940   1.00 20.33 ? 165 PHE A C   1 
ATOM   1401 O O   . PHE A 1 166 ? 9.089   6.348   5.671   1.00 19.07 ? 165 PHE A O   1 
ATOM   1402 C CB  . PHE A 1 166 ? 7.714   5.422   8.292   1.00 20.87 ? 165 PHE A CB  1 
ATOM   1403 C CG  . PHE A 1 166 ? 7.354   4.467   9.372   1.00 21.18 ? 165 PHE A CG  1 
ATOM   1404 C CD1 . PHE A 1 166 ? 6.022   4.297   9.745   1.00 21.95 ? 165 PHE A CD1 1 
ATOM   1405 C CD2 . PHE A 1 166 ? 8.343   3.757   10.041  1.00 21.91 ? 165 PHE A CD2 1 
ATOM   1406 C CE1 . PHE A 1 166 ? 5.687   3.427   10.779  1.00 22.96 ? 165 PHE A CE1 1 
ATOM   1407 C CE2 . PHE A 1 166 ? 8.022   2.874   11.068  1.00 23.10 ? 165 PHE A CE2 1 
ATOM   1408 C CZ  . PHE A 1 166 ? 6.690   2.707   11.445  1.00 23.80 ? 165 PHE A CZ  1 
ATOM   1409 N N   . ILE A 1 167 ? 6.835   6.533   5.453   1.00 20.48 ? 166 ILE A N   1 
ATOM   1410 C CA  . ILE A 1 167 ? 6.800   7.884   4.868   1.00 20.55 ? 166 ILE A CA  1 
ATOM   1411 C C   . ILE A 1 167 ? 5.936   8.731   5.797   1.00 20.86 ? 166 ILE A C   1 
ATOM   1412 O O   . ILE A 1 167 ? 4.702   8.659   5.760   1.00 21.56 ? 166 ILE A O   1 
ATOM   1413 C CB  . ILE A 1 167 ? 6.239   7.905   3.419   1.00 19.91 ? 166 ILE A CB  1 
ATOM   1414 C CG1 . ILE A 1 167 ? 7.082   6.996   2.534   1.00 20.72 ? 166 ILE A CG1 1 
ATOM   1415 C CG2 . ILE A 1 167 ? 6.203   9.380   2.862   1.00 20.23 ? 166 ILE A CG2 1 
ATOM   1416 C CD1 . ILE A 1 167 ? 6.506   6.708   1.127   1.00 20.11 ? 166 ILE A CD1 1 
ATOM   1417 N N   . THR A 1 168 ? 6.601   9.473   6.684   1.00 21.58 ? 167 THR A N   1 
ATOM   1418 C CA  . THR A 1 168 ? 5.932   10.308  7.684   1.00 22.18 ? 167 THR A CA  1 
ATOM   1419 C C   . THR A 1 168 ? 5.593   11.698  7.109   1.00 21.82 ? 167 THR A C   1 
ATOM   1420 O O   . THR A 1 168 ? 5.923   12.021  5.960   1.00 21.93 ? 167 THR A O   1 
ATOM   1421 C CB  . THR A 1 168 ? 6.830   10.517  8.954   1.00 22.73 ? 167 THR A CB  1 
ATOM   1422 O OG1 . THR A 1 168 ? 7.987   11.274  8.580   1.00 23.76 ? 167 THR A OG1 1 
ATOM   1423 C CG2 . THR A 1 168 ? 7.285   9.166   9.570   1.00 22.83 ? 167 THR A CG2 1 
ATOM   1424 N N   . MET A 1 169 ? 4.931   12.527  7.913   1.00 22.41 ? 168 MET A N   1 
ATOM   1425 C CA  . MET A 1 169 ? 4.620   13.886  7.490   1.00 23.42 ? 168 MET A CA  1 
ATOM   1426 C C   . MET A 1 169 ? 5.899   14.710  7.312   1.00 23.83 ? 168 MET A C   1 
ATOM   1427 O O   . MET A 1 169 ? 5.991   15.535  6.405   1.00 23.41 ? 168 MET A O   1 
ATOM   1428 C CB  . MET A 1 169 ? 3.633   14.552  8.444   1.00 22.98 ? 168 MET A CB  1 
ATOM   1429 C CG  . MET A 1 169 ? 2.308   13.827  8.506   1.00 23.56 ? 168 MET A CG  1 
ATOM   1430 S SD  . MET A 1 169 ? 1.626   13.487  6.864   1.00 26.01 ? 168 MET A SD  1 
ATOM   1431 C CE  . MET A 1 169 ? 0.084   12.687  7.327   1.00 25.12 ? 168 MET A CE  1 
ATOM   1432 N N   . ASP A 1 170 ? 6.901   14.431  8.145   1.00 24.64 ? 169 ASP A N   1 
ATOM   1433 C CA  . ASP A 1 170 ? 8.221   15.025  7.980   1.00 25.13 ? 169 ASP A CA  1 
ATOM   1434 C C   . ASP A 1 170 ? 8.852   14.620  6.634   1.00 25.26 ? 169 ASP A C   1 
ATOM   1435 O O   . ASP A 1 170 ? 9.408   15.471  5.931   1.00 24.83 ? 169 ASP A O   1 
ATOM   1436 C CB  . ASP A 1 170 ? 9.130   14.648  9.156   1.00 26.16 ? 169 ASP A CB  1 
ATOM   1437 C CG  . ASP A 1 170 ? 10.410  15.461  9.175   1.00 28.02 ? 169 ASP A CG  1 
ATOM   1438 O OD1 . ASP A 1 170 ? 10.325  16.695  8.981   1.00 28.97 ? 169 ASP A OD1 1 
ATOM   1439 O OD2 . ASP A 1 170 ? 11.496  14.874  9.356   1.00 30.38 ? 169 ASP A OD2 1 
ATOM   1440 N N   . ASP A 1 171 ? 8.733   13.337  6.251   1.00 24.80 ? 170 ASP A N   1 
ATOM   1441 C CA  . ASP A 1 171 ? 9.261   12.864  4.952   1.00 24.78 ? 170 ASP A CA  1 
ATOM   1442 C C   . ASP A 1 171 ? 8.651   13.599  3.757   1.00 24.17 ? 170 ASP A C   1 
ATOM   1443 O O   . ASP A 1 171 ? 9.351   13.910  2.789   1.00 23.70 ? 170 ASP A O   1 
ATOM   1444 C CB  . ASP A 1 171 ? 9.077   11.339  4.761   1.00 24.68 ? 170 ASP A CB  1 
ATOM   1445 C CG  . ASP A 1 171 ? 9.963   10.512  5.686   1.00 27.08 ? 170 ASP A CG  1 
ATOM   1446 O OD1 . ASP A 1 171 ? 11.133  10.901  5.934   1.00 28.25 ? 170 ASP A OD1 1 
ATOM   1447 O OD2 . ASP A 1 171 ? 9.481   9.467   6.175   1.00 27.48 ? 170 ASP A OD2 1 
ATOM   1448 N N   . LEU A 1 172 ? 7.343   13.843  3.832   1.00 23.58 ? 171 LEU A N   1 
ATOM   1449 C CA  . LEU A 1 172 ? 6.615   14.556  2.794   1.00 23.56 ? 171 LEU A CA  1 
ATOM   1450 C C   . LEU A 1 172 ? 7.089   16.006  2.685   1.00 24.80 ? 171 LEU A C   1 
ATOM   1451 O O   . LEU A 1 172 ? 7.144   16.561  1.585   1.00 24.41 ? 171 LEU A O   1 
ATOM   1452 C CB  . LEU A 1 172 ? 5.110   14.514  3.065   1.00 23.76 ? 171 LEU A CB  1 
ATOM   1453 C CG  . LEU A 1 172 ? 4.393   13.182  2.811   1.00 22.63 ? 171 LEU A CG  1 
ATOM   1454 C CD1 . LEU A 1 172 ? 2.902   13.417  2.939   1.00 25.79 ? 171 LEU A CD1 1 
ATOM   1455 C CD2 . LEU A 1 172 ? 4.722   12.632  1.429   1.00 21.08 ? 171 LEU A CD2 1 
ATOM   1456 N N   . ARG A 1 173 ? 7.432   16.614  3.821   1.00 25.15 ? 172 ARG A N   1 
ATOM   1457 C CA  . ARG A 1 173 ? 8.048   17.952  3.796   1.00 26.36 ? 172 ARG A CA  1 
ATOM   1458 C C   . ARG A 1 173 ? 9.362   17.961  2.991   1.00 26.50 ? 172 ARG A C   1 
ATOM   1459 O O   . ARG A 1 173 ? 9.567   18.831  2.143   1.00 26.60 ? 172 ARG A O   1 
ATOM   1460 C CB  . ARG A 1 173 ? 8.265   18.495  5.226   1.00 26.24 ? 172 ARG A CB  1 
ATOM   1461 C CG  . ARG A 1 173 ? 9.105   19.795  5.257   1.00 26.86 ? 172 ARG A CG  1 
ATOM   1462 C CD  . ARG A 1 173 ? 9.475   20.205  6.666   1.00 26.36 ? 172 ARG A CD  1 
ATOM   1463 N NE  . ARG A 1 173 ? 10.385  19.271  7.345   1.00 25.81 ? 172 ARG A NE  1 
ATOM   1464 C CZ  . ARG A 1 173 ? 11.709  19.223  7.200   1.00 24.50 ? 172 ARG A CZ  1 
ATOM   1465 N NH1 . ARG A 1 173 ? 12.337  20.040  6.372   1.00 26.11 ? 172 ARG A NH1 1 
ATOM   1466 N NH2 . ARG A 1 173 ? 12.407  18.346  7.902   1.00 23.45 ? 172 ARG A NH2 1 
ATOM   1467 N N   . VAL A 1 174 ? 10.242  16.999  3.284   1.00 27.68 ? 173 VAL A N   1 
ATOM   1468 C CA  . VAL A 1 174 ? 11.545  16.872  2.637   1.00 29.15 ? 173 VAL A CA  1 
ATOM   1469 C C   . VAL A 1 174 ? 11.371  16.616  1.143   1.00 30.07 ? 173 VAL A C   1 
ATOM   1470 O O   . VAL A 1 174 ? 12.152  17.110  0.319   1.00 30.26 ? 173 VAL A O   1 
ATOM   1471 C CB  . VAL A 1 174 ? 12.399  15.726  3.289   1.00 29.28 ? 173 VAL A CB  1 
ATOM   1472 C CG1 . VAL A 1 174 ? 13.686  15.453  2.495   1.00 29.37 ? 173 VAL A CG1 1 
ATOM   1473 C CG2 . VAL A 1 174 ? 12.713  16.032  4.765   1.00 30.09 ? 173 VAL A CG2 1 
ATOM   1474 N N   . THR A 1 175 ? 10.331  15.860  0.787   1.00 31.01 ? 174 THR A N   1 
ATOM   1475 C CA  . THR A 1 175 ? 10.006  15.603  -0.618  1.00 32.13 ? 174 THR A CA  1 
ATOM   1476 C C   . THR A 1 175 ? 9.661   16.912  -1.332  1.00 33.75 ? 174 THR A C   1 
ATOM   1477 O O   . THR A 1 175 ? 10.026  17.102  -2.492  1.00 33.04 ? 174 THR A O   1 
ATOM   1478 C CB  . THR A 1 175 ? 8.840   14.595  -0.752  1.00 31.77 ? 174 THR A CB  1 
ATOM   1479 O OG1 . THR A 1 175 ? 9.231   13.358  -0.160  1.00 30.82 ? 174 THR A OG1 1 
ATOM   1480 C CG2 . THR A 1 175 ? 8.460   14.358  -2.218  1.00 31.28 ? 174 THR A CG2 1 
ATOM   1481 N N   . VAL A 1 176 ? 8.966   17.802  -0.622  1.00 35.78 ? 175 VAL A N   1 
ATOM   1482 C CA  . VAL A 1 176 ? 8.514   19.075  -1.188  1.00 38.97 ? 175 VAL A CA  1 
ATOM   1483 C C   . VAL A 1 176 ? 9.686   20.017  -1.494  1.00 41.24 ? 175 VAL A C   1 
ATOM   1484 O O   . VAL A 1 176 ? 9.731   20.614  -2.577  1.00 41.38 ? 175 VAL A O   1 
ATOM   1485 C CB  . VAL A 1 176 ? 7.476   19.788  -0.284  1.00 38.49 ? 175 VAL A CB  1 
ATOM   1486 C CG1 . VAL A 1 176 ? 7.380   21.271  -0.627  1.00 38.69 ? 175 VAL A CG1 1 
ATOM   1487 C CG2 . VAL A 1 176 ? 6.122   19.131  -0.407  1.00 37.96 ? 175 VAL A CG2 1 
ATOM   1488 N N   . GLU A 1 177 ? 10.631  20.130  -0.556  1.00 43.87 ? 176 GLU A N   1 
ATOM   1489 C CA  . GLU A 1 177 ? 11.728  21.089  -0.701  1.00 46.30 ? 176 GLU A CA  1 
ATOM   1490 C C   . GLU A 1 177 ? 12.768  20.626  -1.710  1.00 47.87 ? 176 GLU A C   1 
ATOM   1491 O O   . GLU A 1 177 ? 13.424  21.445  -2.357  1.00 48.52 ? 176 GLU A O   1 
ATOM   1492 C CB  . GLU A 1 177 ? 12.355  21.471  0.655   1.00 46.49 ? 176 GLU A CB  1 
ATOM   1493 C CG  . GLU A 1 177 ? 13.036  20.356  1.440   1.00 46.60 ? 176 GLU A CG  1 
ATOM   1494 C CD  . GLU A 1 177 ? 13.381  20.777  2.871   1.00 46.65 ? 176 GLU A CD  1 
ATOM   1495 O OE1 . GLU A 1 177 ? 12.503  21.352  3.567   1.00 46.20 ? 176 GLU A OE1 1 
ATOM   1496 O OE2 . GLU A 1 177 ? 14.527  20.511  3.307   1.00 45.73 ? 176 GLU A OE2 1 
ATOM   1497 N N   . GLU A 1 178 ? 12.894  19.310  -1.852  1.00 49.38 ? 177 GLU A N   1 
ATOM   1498 C CA  . GLU A 1 178 ? 13.780  18.714  -2.837  1.00 50.85 ? 177 GLU A CA  1 
ATOM   1499 C C   . GLU A 1 178 ? 13.025  18.530  -4.149  1.00 51.11 ? 177 GLU A C   1 
ATOM   1500 O O   . GLU A 1 178 ? 13.612  18.210  -5.186  1.00 51.87 ? 177 GLU A O   1 
ATOM   1501 C CB  . GLU A 1 178 ? 14.320  17.376  -2.318  1.00 50.86 ? 177 GLU A CB  1 
ATOM   1502 C CG  . GLU A 1 178 ? 15.030  17.474  -0.958  1.00 51.98 ? 177 GLU A CG  1 
ATOM   1503 C CD  . GLU A 1 178 ? 15.591  16.146  -0.467  1.00 52.59 ? 177 GLU A CD  1 
ATOM   1504 O OE1 . GLU A 1 178 ? 15.183  15.072  -0.982  1.00 55.27 ? 177 GLU A OE1 1 
ATOM   1505 O OE2 . GLU A 1 178 ? 16.441  16.177  0.453   1.00 54.63 ? 177 GLU A OE2 1 
HETATM 1506 O O   . HOH B 2 .   ? 11.920  4.216   6.827   1.00 12.92 ? 181 HOH A O   1 
HETATM 1507 O O   . HOH B 2 .   ? -4.922  2.991   1.749   1.00 16.60 ? 182 HOH A O   1 
HETATM 1508 O O   . HOH B 2 .   ? -12.064 8.320   1.565   1.00 15.16 ? 183 HOH A O   1 
HETATM 1509 O O   . HOH B 2 .   ? -4.394  -1.104  9.407   1.00 20.30 ? 184 HOH A O   1 
HETATM 1510 O O   . HOH B 2 .   ? 5.669   2.939   -16.495 1.00 17.23 ? 185 HOH A O   1 
HETATM 1511 O O   . HOH B 2 .   ? -12.775 -6.697  -2.825  1.00 21.70 ? 186 HOH A O   1 
HETATM 1512 O O   . HOH B 2 .   ? -15.872 6.822   -1.877  1.00 23.82 ? 187 HOH A O   1 
HETATM 1513 O O   . HOH B 2 .   ? -0.721  5.371   21.138  1.00 26.99 ? 188 HOH A O   1 
HETATM 1514 O O   . HOH B 2 .   ? -18.100 -6.569  0.651   1.00 23.15 ? 189 HOH A O   1 
HETATM 1515 O O   . HOH B 2 .   ? -3.734  -6.367  11.841  1.00 23.79 ? 190 HOH A O   1 
HETATM 1516 O O   . HOH B 2 .   ? -11.067 -4.148  -12.975 1.00 22.81 ? 191 HOH A O   1 
HETATM 1517 O O   . HOH B 2 .   ? -1.119  -3.866  1.822   1.00 26.95 ? 192 HOH A O   1 
HETATM 1518 O O   . HOH B 2 .   ? -8.765  -4.029  1.939   1.00 17.42 ? 193 HOH A O   1 
HETATM 1519 O O   . HOH B 2 .   ? 1.231   -4.751  -13.453 1.00 26.49 ? 194 HOH A O   1 
HETATM 1520 O O   . HOH B 2 .   ? -6.284  3.948   -10.836 1.00 24.10 ? 195 HOH A O   1 
HETATM 1521 O O   . HOH B 2 .   ? -8.892  -14.795 5.134   1.00 23.21 ? 196 HOH A O   1 
HETATM 1522 O O   . HOH B 2 .   ? -7.793  0.115   7.190   1.00 25.73 ? 197 HOH A O   1 
HETATM 1523 O O   . HOH B 2 .   ? -3.357  -4.158  3.143   1.00 25.62 ? 198 HOH A O   1 
HETATM 1524 O O   . HOH B 2 .   ? -14.701 -8.826  -5.585  1.00 27.36 ? 199 HOH A O   1 
HETATM 1525 O O   . HOH B 2 .   ? 13.896  -4.382  11.344  1.00 28.57 ? 200 HOH A O   1 
HETATM 1526 O O   . HOH B 2 .   ? -10.063 -6.763  12.172  1.00 18.60 ? 201 HOH A O   1 
HETATM 1527 O O   . HOH B 2 .   ? 2.434   10.161  6.795   1.00 29.14 ? 202 HOH A O   1 
HETATM 1528 O O   . HOH B 2 .   ? 13.692  -0.418  8.609   1.00 26.17 ? 203 HOH A O   1 
HETATM 1529 O O   . HOH B 2 .   ? -3.689  -0.323  6.742   1.00 28.80 ? 204 HOH A O   1 
HETATM 1530 O O   . HOH B 2 .   ? 0.784   -0.334  16.069  1.00 26.61 ? 205 HOH A O   1 
HETATM 1531 O O   . HOH B 2 .   ? -5.529  1.667   6.570   1.00 24.15 ? 206 HOH A O   1 
HETATM 1532 O O   . HOH B 2 .   ? 10.802  9.070   -0.789  1.00 33.07 ? 207 HOH A O   1 
HETATM 1533 O O   . HOH B 2 .   ? -9.335  -12.221 4.521   1.00 23.24 ? 208 HOH A O   1 
HETATM 1534 O O   . HOH B 2 .   ? 14.206  -4.356  -2.011  1.00 25.63 ? 209 HOH A O   1 
HETATM 1535 O O   . HOH B 2 .   ? -10.613 1.621   1.521   1.00 30.50 ? 210 HOH A O   1 
HETATM 1536 O O   . HOH B 2 .   ? 2.581   -10.685 13.219  1.00 21.10 ? 211 HOH A O   1 
HETATM 1537 O O   . HOH B 2 .   ? -16.578 -17.010 7.119   1.00 28.29 ? 212 HOH A O   1 
HETATM 1538 O O   . HOH B 2 .   ? 13.105  -4.183  -13.485 1.00 37.96 ? 213 HOH A O   1 
HETATM 1539 O O   . HOH B 2 .   ? -4.141  -15.112 7.640   1.00 28.40 ? 214 HOH A O   1 
HETATM 1540 O O   . HOH B 2 .   ? -17.754 -0.561  -0.120  1.00 27.61 ? 215 HOH A O   1 
HETATM 1541 O O   . HOH B 2 .   ? -21.260 -7.689  2.819   1.00 25.80 ? 216 HOH A O   1 
HETATM 1542 O O   . HOH B 2 .   ? 15.354  -9.973  -6.549  1.00 32.00 ? 217 HOH A O   1 
HETATM 1543 O O   . HOH B 2 .   ? -3.995  1.167   -13.670 1.00 29.73 ? 218 HOH A O   1 
HETATM 1544 O O   . HOH B 2 .   ? -7.618  6.212   -3.727  1.00 29.74 ? 219 HOH A O   1 
HETATM 1545 O O   . HOH B 2 .   ? 12.031  -2.325  11.026  1.00 28.72 ? 220 HOH A O   1 
HETATM 1546 O O   . HOH B 2 .   ? -2.571  11.089  -9.255  1.00 29.39 ? 221 HOH A O   1 
HETATM 1547 O O   . HOH B 2 .   ? 9.918   9.987   1.715   1.00 36.77 ? 222 HOH A O   1 
HETATM 1548 O O   . HOH B 2 .   ? -2.310  -4.809  15.590  1.00 26.37 ? 223 HOH A O   1 
HETATM 1549 O O   . HOH B 2 .   ? -6.206  -2.973  8.545   1.00 24.90 ? 224 HOH A O   1 
HETATM 1550 O O   . HOH B 2 .   ? -3.909  -9.072  11.822  1.00 24.77 ? 225 HOH A O   1 
HETATM 1551 O O   . HOH B 2 .   ? 12.308  -11.162 8.201   1.00 34.08 ? 226 HOH A O   1 
HETATM 1552 O O   . HOH B 2 .   ? -0.381  -11.498 -15.022 1.00 37.04 ? 227 HOH A O   1 
HETATM 1553 O O   . HOH B 2 .   ? -13.824 -18.222 0.966   1.00 43.18 ? 228 HOH A O   1 
HETATM 1554 O O   . HOH B 2 .   ? -9.389  -15.606 -5.373  1.00 28.45 ? 229 HOH A O   1 
HETATM 1555 O O   . HOH B 2 .   ? -11.544 -10.329 14.350  1.00 28.95 ? 230 HOH A O   1 
HETATM 1556 O O   . HOH B 2 .   ? 15.261  17.866  7.198   1.00 31.44 ? 231 HOH A O   1 
HETATM 1557 O O   . HOH B 2 .   ? -15.698 -13.831 8.984   1.00 28.07 ? 232 HOH A O   1 
HETATM 1558 O O   . HOH B 2 .   ? 15.055  5.094   0.074   1.00 37.63 ? 233 HOH A O   1 
HETATM 1559 O O   . HOH B 2 .   ? -0.033  5.601   -12.718 1.00 32.41 ? 234 HOH A O   1 
HETATM 1560 O O   . HOH B 2 .   ? -13.268 -6.428  -5.613  1.00 27.87 ? 235 HOH A O   1 
HETATM 1561 O O   . HOH B 2 .   ? 13.491  2.962   -0.197  1.00 28.94 ? 236 HOH A O   1 
HETATM 1562 O O   . HOH B 2 .   ? -12.739 -5.909  15.677  1.00 33.41 ? 237 HOH A O   1 
HETATM 1563 O O   . HOH B 2 .   ? -5.105  -8.208  -13.486 1.00 27.26 ? 238 HOH A O   1 
HETATM 1564 O O   . HOH B 2 .   ? 1.938   4.463   15.999  1.00 29.59 ? 239 HOH A O   1 
HETATM 1565 O O   . HOH B 2 .   ? 1.397   -2.851  -15.652 1.00 33.39 ? 240 HOH A O   1 
HETATM 1566 O O   . HOH B 2 .   ? 13.550  -15.180 17.857  1.00 37.05 ? 241 HOH A O   1 
HETATM 1567 O O   . HOH B 2 .   ? -21.808 -14.706 5.477   1.00 33.35 ? 242 HOH A O   1 
HETATM 1568 O O   . HOH B 2 .   ? -5.632  -0.087  -16.096 1.00 28.03 ? 243 HOH A O   1 
HETATM 1569 O O   . HOH B 2 .   ? 7.747   -2.353  -19.189 1.00 36.05 ? 244 HOH A O   1 
HETATM 1570 O O   . HOH B 2 .   ? -3.964  -15.887 -2.625  1.00 42.18 ? 245 HOH A O   1 
HETATM 1571 O O   . HOH B 2 .   ? -14.479 -7.677  16.214  1.00 23.69 ? 246 HOH A O   1 
HETATM 1572 O O   . HOH B 2 .   ? -0.790  -5.678  -16.974 1.00 38.24 ? 247 HOH A O   1 
HETATM 1573 O O   . HOH B 2 .   ? 14.548  -5.275  -8.653  1.00 32.53 ? 248 HOH A O   1 
HETATM 1574 O O   . HOH B 2 .   ? 15.863  -3.582  0.236   1.00 34.73 ? 249 HOH A O   1 
HETATM 1575 O O   . HOH B 2 .   ? 2.560   -4.786  17.899  1.00 37.04 ? 250 HOH A O   1 
HETATM 1576 O O   . HOH B 2 .   ? -17.603 -4.358  1.730   1.00 31.56 ? 251 HOH A O   1 
HETATM 1577 O O   . HOH B 2 .   ? -3.392  -12.706 13.442  1.00 29.25 ? 252 HOH A O   1 
HETATM 1578 O O   . HOH B 2 .   ? -6.342  -2.127  -17.892 1.00 38.46 ? 253 HOH A O   1 
HETATM 1579 O O   . HOH B 2 .   ? -8.497  -16.952 11.855  1.00 40.20 ? 254 HOH A O   1 
HETATM 1580 O O   . HOH B 2 .   ? 8.222   -13.340 1.121   1.00 42.05 ? 255 HOH A O   1 
HETATM 1581 O O   . HOH B 2 .   ? -6.485  9.587   10.705  1.00 33.90 ? 256 HOH A O   1 
HETATM 1582 O O   . HOH B 2 .   ? 11.124  11.723  -1.697  1.00 29.60 ? 257 HOH A O   1 
HETATM 1583 O O   . HOH B 2 .   ? -14.417 -1.719  2.103   1.00 36.09 ? 258 HOH A O   1 
HETATM 1584 O O   . HOH B 2 .   ? -15.556 -20.666 4.718   1.00 39.27 ? 259 HOH A O   1 
HETATM 1585 O O   . HOH B 2 .   ? 6.226   13.750  11.356  1.00 37.77 ? 260 HOH A O   1 
HETATM 1586 O O   . HOH B 2 .   ? -5.266  -13.811 11.949  1.00 25.03 ? 261 HOH A O   1 
HETATM 1587 O O   . HOH B 2 .   ? -7.244  -15.180 13.510  1.00 32.45 ? 262 HOH A O   1 
HETATM 1588 O O   . HOH B 2 .   ? -7.967  -3.547  4.507   1.00 22.73 ? 263 HOH A O   1 
HETATM 1589 O O   . HOH B 2 .   ? -10.559 -7.730  14.914  1.00 34.02 ? 264 HOH A O   1 
HETATM 1590 O O   . HOH B 2 .   ? -11.481 -9.537  -5.215  1.00 35.62 ? 265 HOH A O   1 
HETATM 1591 O O   . HOH B 2 .   ? 15.478  -2.142  8.230   1.00 39.18 ? 266 HOH A O   1 
HETATM 1592 O O   . HOH B 2 .   ? 4.776   -6.816  -14.885 1.00 39.56 ? 267 HOH A O   1 
HETATM 1593 O O   . HOH B 2 .   ? -13.097 -14.940 7.774   1.00 31.87 ? 268 HOH A O   1 
HETATM 1594 O O   . HOH B 2 .   ? 15.564  1.523   0.846   1.00 36.84 ? 269 HOH A O   1 
HETATM 1595 O O   . HOH B 2 .   ? -11.768 14.289  5.708   1.00 37.98 ? 270 HOH A O   1 
HETATM 1596 O O   . HOH B 2 .   ? -11.379 -0.594  5.916   1.00 42.22 ? 271 HOH A O   1 
HETATM 1597 O O   . HOH B 2 .   ? 2.518   -10.839 -14.946 1.00 27.44 ? 272 HOH A O   1 
HETATM 1598 O O   . HOH B 2 .   ? -19.113 -1.884  -7.520  1.00 42.37 ? 273 HOH A O   1 
HETATM 1599 O O   . HOH B 2 .   ? -4.631  -15.732 10.174  1.00 30.30 ? 274 HOH A O   1 
HETATM 1600 O O   . HOH B 2 .   ? 0.243   7.887   -11.055 1.00 32.98 ? 275 HOH A O   1 
HETATM 1601 O O   . HOH B 2 .   ? -5.223  -2.381  6.025   1.00 42.22 ? 276 HOH A O   1 
HETATM 1602 O O   . HOH B 2 .   ? -10.423 -12.231 16.108  1.00 34.61 ? 277 HOH A O   1 
HETATM 1603 O O   . HOH B 2 .   ? -8.294  -14.142 -9.109  1.00 28.25 ? 278 HOH A O   1 
HETATM 1604 O O   . HOH B 2 .   ? -14.665 0.952   2.510   1.00 34.34 ? 279 HOH A O   1 
HETATM 1605 O O   . HOH B 2 .   ? -14.107 -10.638 14.581  1.00 38.63 ? 280 HOH A O   1 
HETATM 1606 O O   . HOH B 2 .   ? 6.645   -14.054 14.025  1.00 47.75 ? 281 HOH A O   1 
HETATM 1607 O O   . HOH B 2 .   ? 7.166   3.097   -23.973 1.00 27.19 ? 282 HOH A O   1 
HETATM 1608 O O   . HOH B 2 .   ? 1.672   6.672   17.882  1.00 32.32 ? 283 HOH A O   1 
HETATM 1609 O O   . HOH B 2 .   ? -4.834  15.426  9.945   1.00 34.30 ? 284 HOH A O   1 
HETATM 1610 O O   . HOH B 2 .   ? 10.023  -13.440 -1.097  1.00 47.62 ? 285 HOH A O   1 
HETATM 1611 O O   . HOH B 2 .   ? 19.030  1.391   -3.273  1.00 37.07 ? 286 HOH A O   1 
HETATM 1612 O O   . HOH B 2 .   ? -13.123 2.893   5.483   1.00 35.34 ? 287 HOH A O   1 
HETATM 1613 O O   . HOH B 2 .   ? 7.745   -14.390 3.548   1.00 40.60 ? 288 HOH A O   1 
HETATM 1614 O O   . HOH B 2 .   ? -9.437  16.867  -2.966  1.00 44.81 ? 289 HOH A O   1 
HETATM 1615 O O   . HOH B 2 .   ? 0.191   -11.054 14.861  1.00 36.99 ? 290 HOH A O   1 
HETATM 1616 O O   . HOH B 2 .   ? -1.685  -8.756  15.047  1.00 33.97 ? 291 HOH A O   1 
HETATM 1617 O O   . HOH B 2 .   ? -12.359 -18.056 9.209   1.00 47.21 ? 292 HOH A O   1 
HETATM 1618 O O   . HOH B 2 .   ? 4.329   -12.715 13.824  1.00 43.16 ? 293 HOH A O   1 
HETATM 1619 O O   . HOH B 2 .   ? 11.624  15.293  -3.866  1.00 46.37 ? 294 HOH A O   1 
HETATM 1620 O O   . HOH B 2 .   ? 15.095  7.035   -4.870  1.00 32.40 ? 295 HOH A O   1 
HETATM 1621 O O   . HOH B 2 .   ? -5.276  -16.806 15.377  1.00 44.05 ? 296 HOH A O   1 
HETATM 1622 O O   . HOH B 2 .   ? -0.014  -13.749 -11.867 1.00 38.62 ? 297 HOH A O   1 
HETATM 1623 O O   . HOH B 2 .   ? -6.071  -15.837 5.246   1.00 34.38 ? 298 HOH A O   1 
HETATM 1624 O O   . HOH B 2 .   ? -9.344  -2.219  7.199   1.00 43.66 ? 299 HOH A O   1 
HETATM 1625 O O   . HOH B 2 .   ? 11.443  12.321  1.884   1.00 31.25 ? 300 HOH A O   1 
HETATM 1626 O O   . HOH B 2 .   ? -16.226 -18.142 1.190   1.00 31.75 ? 301 HOH A O   1 
HETATM 1627 O O   . HOH B 2 .   ? 15.132  6.054   2.615   1.00 42.70 ? 302 HOH A O   1 
HETATM 1628 O O   . HOH B 2 .   ? 5.651   -10.962 18.674  1.00 31.34 ? 303 HOH A O   1 
HETATM 1629 O O   . HOH B 2 .   ? -8.689  -14.851 15.590  1.00 35.55 ? 304 HOH A O   1 
HETATM 1630 O O   . HOH B 2 .   ? 11.066  7.751   7.417   1.00 39.32 ? 305 HOH A O   1 
HETATM 1631 O O   . HOH B 2 .   ? 14.745  8.790   -6.833  1.00 51.56 ? 306 HOH A O   1 
HETATM 1632 O O   . HOH B 2 .   ? 18.043  4.696   -9.787  1.00 47.63 ? 307 HOH A O   1 
HETATM 1633 O O   . HOH B 2 .   ? -17.964 3.862   1.609   1.00 35.64 ? 308 HOH A O   1 
HETATM 1634 O O   . HOH B 2 .   ? -3.531  7.673   -11.446 1.00 42.50 ? 309 HOH A O   1 
HETATM 1635 O O   . HOH B 2 .   ? -17.771 1.346   2.116   1.00 38.90 ? 310 HOH A O   1 
HETATM 1636 O O   . HOH B 2 .   ? -18.039 -18.864 -0.625  1.00 41.98 ? 311 HOH A O   1 
HETATM 1637 O O   . HOH B 2 .   ? -1.447  -16.268 6.911   1.00 45.25 ? 312 HOH A O   1 
HETATM 1638 O O   . HOH B 2 .   ? 14.684  5.654   -12.064 1.00 37.58 ? 313 HOH A O   1 
HETATM 1639 O O   . HOH B 2 .   ? 11.124  13.117  11.398  1.00 37.31 ? 314 HOH A O   1 
HETATM 1640 O O   . HOH B 2 .   ? -11.718 8.132   -11.474 1.00 34.00 ? 315 HOH A O   1 
HETATM 1641 O O   . HOH B 2 .   ? -0.901  -16.317 -2.897  1.00 42.43 ? 316 HOH A O   1 
HETATM 1642 O O   . HOH B 2 .   ? -10.822 9.533   -8.338  1.00 46.73 ? 317 HOH A O   1 
HETATM 1643 O O   . HOH B 2 .   ? 15.285  -4.186  -15.554 1.00 34.76 ? 318 HOH A O   1 
HETATM 1644 O O   . HOH B 2 .   ? 1.431   -15.358 -6.696  1.00 43.79 ? 319 HOH A O   1 
HETATM 1645 O O   . HOH B 2 .   ? 3.281   -12.668 -4.985  1.00 42.93 ? 320 HOH A O   1 
HETATM 1646 O O   . HOH B 2 .   ? -14.641 -21.016 -2.426  1.00 41.17 ? 321 HOH A O   1 
HETATM 1647 O O   . HOH B 2 .   ? -11.644 -1.730  2.017   1.00 33.81 ? 322 HOH A O   1 
HETATM 1648 O O   . HOH B 2 .   ? -1.979  15.009  -8.068  1.00 44.97 ? 323 HOH A O   1 
# 
